data_2LFG
#
_entry.id   2LFG
#
_entity_poly.entity_id   1
_entity_poly.type   'polypeptide(L)'
_entity_poly.pdbx_seq_one_letter_code
;MYIVQPDPPLELAVEVKQPEDRKPYLWIKWSPPTLIDLKTGWFTLLYEIRLKPEKAAEWEIHFAGQQTEFKILSLHPGQK
YLVQVRCKPDHGYWSAWSPATFIQIPSDFTMND
;
_entity_poly.pdbx_strand_id   A
#
# COMPACT_ATOMS: atom_id res chain seq x y z
N MET A 1 15.35 -24.30 3.38
CA MET A 1 14.08 -23.55 3.53
C MET A 1 14.26 -22.36 4.45
N TYR A 2 15.42 -21.72 4.37
CA TYR A 2 15.66 -20.51 5.13
C TYR A 2 14.92 -19.34 4.50
N ILE A 3 14.27 -18.57 5.35
CA ILE A 3 13.48 -17.43 4.92
C ILE A 3 14.39 -16.27 4.52
N VAL A 4 14.62 -16.14 3.22
CA VAL A 4 15.41 -15.03 2.71
C VAL A 4 14.48 -13.96 2.17
N GLN A 5 14.98 -12.74 2.09
CA GLN A 5 14.20 -11.63 1.58
C GLN A 5 14.66 -11.27 0.18
N PRO A 6 13.96 -11.78 -0.85
CA PRO A 6 14.33 -11.53 -2.25
C PRO A 6 13.98 -10.11 -2.68
N ASP A 7 12.73 -9.89 -3.05
CA ASP A 7 12.29 -8.57 -3.50
C ASP A 7 10.89 -8.27 -2.97
N PRO A 8 10.78 -7.27 -2.10
CA PRO A 8 9.49 -6.73 -1.66
C PRO A 8 8.88 -5.86 -2.76
N PRO A 9 7.60 -5.47 -2.63
CA PRO A 9 6.96 -4.56 -3.59
C PRO A 9 7.54 -3.16 -3.51
N LEU A 10 8.54 -2.93 -4.32
CA LEU A 10 9.29 -1.68 -4.30
C LEU A 10 8.66 -0.65 -5.23
N GLU A 11 9.25 0.54 -5.26
CA GLU A 11 8.71 1.67 -6.03
C GLU A 11 7.29 1.96 -5.55
N LEU A 12 7.13 2.06 -4.23
CA LEU A 12 5.84 2.30 -3.62
C LEU A 12 5.36 3.71 -3.97
N ALA A 13 4.53 3.79 -5.00
CA ALA A 13 4.04 5.07 -5.47
C ALA A 13 2.68 5.38 -4.85
N VAL A 14 2.59 6.52 -4.21
CA VAL A 14 1.37 6.92 -3.54
C VAL A 14 0.86 8.22 -4.14
N GLU A 15 -0.35 8.19 -4.67
CA GLU A 15 -0.92 9.34 -5.34
C GLU A 15 -2.29 9.67 -4.77
N VAL A 16 -2.61 10.95 -4.66
CA VAL A 16 -3.92 11.37 -4.21
C VAL A 16 -4.78 11.71 -5.42
N LYS A 17 -5.86 10.97 -5.60
CA LYS A 17 -6.73 11.18 -6.75
C LYS A 17 -8.04 11.83 -6.34
N GLN A 18 -8.37 12.91 -7.03
CA GLN A 18 -9.58 13.68 -6.73
C GLN A 18 -10.51 13.72 -7.93
N PRO A 19 -11.41 12.74 -8.05
CA PRO A 19 -12.37 12.65 -9.14
C PRO A 19 -13.47 13.69 -9.02
N GLU A 20 -14.03 14.08 -10.16
CA GLU A 20 -15.08 15.09 -10.21
C GLU A 20 -16.40 14.53 -9.72
N ASP A 21 -16.63 13.25 -9.98
CA ASP A 21 -17.89 12.61 -9.63
C ASP A 21 -17.70 11.71 -8.41
N ARG A 22 -16.68 10.88 -8.46
CA ARG A 22 -16.38 9.96 -7.37
C ARG A 22 -15.73 10.68 -6.21
N LYS A 23 -15.66 10.01 -5.07
CA LYS A 23 -15.03 10.57 -3.88
C LYS A 23 -13.51 10.55 -4.01
N PRO A 24 -12.84 11.58 -3.50
CA PRO A 24 -11.38 11.65 -3.51
C PRO A 24 -10.77 10.54 -2.66
N TYR A 25 -9.71 9.93 -3.17
CA TYR A 25 -9.12 8.76 -2.52
C TYR A 25 -7.60 8.76 -2.68
N LEU A 26 -6.95 8.01 -1.82
CA LEU A 26 -5.52 7.81 -1.92
C LEU A 26 -5.24 6.54 -2.71
N TRP A 27 -4.51 6.69 -3.79
CA TRP A 27 -4.24 5.59 -4.70
C TRP A 27 -2.83 5.07 -4.47
N ILE A 28 -2.73 3.92 -3.82
CA ILE A 28 -1.45 3.32 -3.54
C ILE A 28 -1.15 2.23 -4.56
N LYS A 29 -0.05 2.37 -5.27
CA LYS A 29 0.37 1.36 -6.22
C LYS A 29 1.86 1.06 -6.06
N TRP A 30 2.20 -0.19 -6.26
CA TRP A 30 3.55 -0.67 -6.02
C TRP A 30 4.02 -1.51 -7.21
N SER A 31 5.31 -1.75 -7.29
CA SER A 31 5.85 -2.59 -8.34
C SER A 31 6.07 -4.00 -7.83
N PRO A 32 5.60 -5.01 -8.59
CA PRO A 32 5.78 -6.41 -8.22
C PRO A 32 7.26 -6.81 -8.27
N PRO A 33 7.67 -7.77 -7.42
CA PRO A 33 9.04 -8.24 -7.35
C PRO A 33 9.57 -8.73 -8.69
N THR A 34 10.80 -8.38 -8.99
CA THR A 34 11.43 -8.76 -10.25
C THR A 34 11.66 -10.27 -10.32
N LEU A 35 11.58 -10.81 -11.54
CA LEU A 35 11.72 -12.25 -11.78
C LEU A 35 10.59 -13.04 -11.12
N ILE A 36 10.74 -14.36 -11.11
CA ILE A 36 9.74 -15.29 -10.54
C ILE A 36 8.41 -15.25 -11.31
N ASP A 37 7.67 -14.15 -11.16
CA ASP A 37 6.34 -14.01 -11.73
C ASP A 37 5.43 -15.11 -11.18
N LEU A 38 4.81 -14.83 -10.04
CA LEU A 38 3.92 -15.79 -9.39
C LEU A 38 2.55 -15.81 -10.08
N LYS A 39 2.57 -15.88 -11.40
CA LYS A 39 1.35 -15.83 -12.19
C LYS A 39 0.91 -17.23 -12.61
N THR A 40 1.88 -18.11 -12.78
CA THR A 40 1.59 -19.48 -13.21
C THR A 40 1.15 -20.34 -12.03
N GLY A 41 0.05 -21.07 -12.22
CA GLY A 41 -0.50 -21.90 -11.16
C GLY A 41 -1.20 -21.08 -10.09
N TRP A 42 -2.03 -21.72 -9.28
CA TRP A 42 -2.72 -21.02 -8.22
C TRP A 42 -1.79 -20.81 -7.03
N PHE A 43 -0.83 -19.93 -7.22
CA PHE A 43 -0.01 -19.44 -6.15
C PHE A 43 0.32 -17.99 -6.45
N THR A 44 -0.67 -17.15 -6.22
CA THR A 44 -0.55 -15.74 -6.52
C THR A 44 0.07 -15.01 -5.33
N LEU A 45 0.69 -13.87 -5.63
CA LEU A 45 1.36 -13.09 -4.61
C LEU A 45 0.40 -12.03 -4.06
N LEU A 46 -0.01 -12.20 -2.82
CA LEU A 46 -0.97 -11.29 -2.20
C LEU A 46 -0.25 -10.17 -1.47
N TYR A 47 -0.82 -8.98 -1.50
CA TYR A 47 -0.21 -7.82 -0.87
C TYR A 47 -1.08 -7.31 0.28
N GLU A 48 -0.43 -6.79 1.31
CA GLU A 48 -1.12 -6.20 2.45
C GLU A 48 -0.61 -4.79 2.68
N ILE A 49 -1.52 -3.85 2.89
CA ILE A 49 -1.18 -2.45 3.06
C ILE A 49 -1.62 -1.97 4.44
N ARG A 50 -0.70 -1.42 5.20
CA ARG A 50 -1.05 -0.80 6.46
C ARG A 50 -0.81 0.70 6.37
N LEU A 51 -1.75 1.48 6.88
CA LEU A 51 -1.62 2.93 6.83
C LEU A 51 -2.29 3.55 8.04
N LYS A 52 -1.90 4.79 8.33
CA LYS A 52 -2.50 5.56 9.41
C LYS A 52 -2.01 7.00 9.33
N PRO A 53 -2.88 7.96 9.70
CA PRO A 53 -2.49 9.36 9.79
C PRO A 53 -1.55 9.63 10.97
N GLU A 54 -1.07 10.87 11.07
CA GLU A 54 -0.14 11.23 12.13
C GLU A 54 -0.76 11.08 13.52
N LYS A 55 -2.00 11.52 13.67
CA LYS A 55 -2.66 11.48 14.96
C LYS A 55 -3.32 10.13 15.21
N ALA A 56 -2.91 9.14 14.43
CA ALA A 56 -3.39 7.78 14.63
C ALA A 56 -2.42 7.01 15.51
N ALA A 57 -2.92 6.51 16.62
CA ALA A 57 -2.10 5.76 17.56
C ALA A 57 -1.96 4.31 17.13
N GLU A 58 -2.91 3.85 16.32
CA GLU A 58 -2.94 2.45 15.89
C GLU A 58 -2.87 2.36 14.37
N TRP A 59 -2.40 1.22 13.88
CA TRP A 59 -2.26 1.01 12.45
C TRP A 59 -3.51 0.38 11.86
N GLU A 60 -3.87 0.83 10.67
CA GLU A 60 -5.00 0.28 9.97
C GLU A 60 -4.53 -0.63 8.84
N ILE A 61 -4.69 -1.92 9.03
CA ILE A 61 -4.27 -2.90 8.03
C ILE A 61 -5.38 -3.18 7.03
N HIS A 62 -5.04 -3.09 5.76
CA HIS A 62 -5.95 -3.40 4.68
C HIS A 62 -5.32 -4.39 3.72
N PHE A 63 -5.87 -5.59 3.66
CA PHE A 63 -5.37 -6.62 2.76
C PHE A 63 -5.95 -6.42 1.36
N ALA A 64 -5.08 -6.14 0.40
CA ALA A 64 -5.55 -5.88 -0.96
C ALA A 64 -5.80 -7.18 -1.70
N GLY A 65 -4.89 -8.13 -1.56
CA GLY A 65 -5.03 -9.41 -2.21
C GLY A 65 -4.16 -9.54 -3.43
N GLN A 66 -4.75 -9.92 -4.55
CA GLN A 66 -4.02 -10.19 -5.78
C GLN A 66 -3.79 -8.91 -6.58
N GLN A 67 -4.58 -7.90 -6.29
CA GLN A 67 -4.50 -6.64 -7.01
C GLN A 67 -3.27 -5.85 -6.56
N THR A 68 -2.68 -5.12 -7.47
CA THR A 68 -1.44 -4.42 -7.18
C THR A 68 -1.66 -2.92 -7.00
N GLU A 69 -2.85 -2.58 -6.51
CA GLU A 69 -3.19 -1.20 -6.21
C GLU A 69 -4.32 -1.17 -5.19
N PHE A 70 -4.26 -0.22 -4.27
CA PHE A 70 -5.27 -0.12 -3.24
C PHE A 70 -5.68 1.34 -3.04
N LYS A 71 -6.92 1.56 -2.63
CA LYS A 71 -7.44 2.91 -2.46
C LYS A 71 -7.93 3.13 -1.03
N ILE A 72 -7.60 4.28 -0.47
CA ILE A 72 -8.08 4.66 0.86
C ILE A 72 -9.09 5.79 0.73
N LEU A 73 -10.25 5.61 1.35
CA LEU A 73 -11.33 6.60 1.27
C LEU A 73 -11.37 7.44 2.54
N SER A 74 -11.07 6.82 3.67
CA SER A 74 -11.11 7.50 4.96
C SER A 74 -9.86 8.33 5.18
N LEU A 75 -9.85 9.53 4.62
CA LEU A 75 -8.68 10.40 4.68
C LEU A 75 -9.01 11.77 5.26
N HIS A 76 -8.06 12.35 5.95
CA HIS A 76 -8.19 13.68 6.51
C HIS A 76 -7.37 14.68 5.70
N PRO A 77 -8.04 15.68 5.10
CA PRO A 77 -7.37 16.72 4.30
C PRO A 77 -6.33 17.50 5.11
N GLY A 78 -5.12 17.55 4.58
CA GLY A 78 -4.06 18.31 5.21
C GLY A 78 -3.42 17.58 6.37
N GLN A 79 -3.11 16.31 6.17
CA GLN A 79 -2.55 15.50 7.25
C GLN A 79 -1.57 14.46 6.71
N LYS A 80 -0.57 14.13 7.51
CA LYS A 80 0.45 13.16 7.13
C LYS A 80 -0.04 11.74 7.34
N TYR A 81 0.19 10.89 6.34
CA TYR A 81 -0.16 9.49 6.43
C TYR A 81 1.07 8.62 6.19
N LEU A 82 1.15 7.52 6.93
CA LEU A 82 2.22 6.56 6.75
C LEU A 82 1.66 5.32 6.07
N VAL A 83 2.33 4.84 5.04
CA VAL A 83 1.83 3.68 4.28
C VAL A 83 2.93 2.64 4.07
N GLN A 84 2.54 1.38 4.15
CA GLN A 84 3.44 0.27 3.87
C GLN A 84 2.69 -0.87 3.18
N VAL A 85 3.34 -1.47 2.20
CA VAL A 85 2.80 -2.64 1.53
C VAL A 85 3.89 -3.70 1.41
N ARG A 86 3.54 -4.96 1.64
CA ARG A 86 4.51 -6.04 1.50
C ARG A 86 3.84 -7.31 1.00
N CYS A 87 4.58 -8.08 0.23
CA CYS A 87 4.10 -9.33 -0.32
C CYS A 87 4.81 -10.51 0.35
N LYS A 88 4.32 -11.72 0.11
CA LYS A 88 4.89 -12.91 0.75
C LYS A 88 5.29 -13.96 -0.28
N PRO A 89 6.56 -13.90 -0.75
CA PRO A 89 7.11 -14.87 -1.70
C PRO A 89 7.13 -16.28 -1.12
N ASP A 90 7.17 -17.28 -2.00
CA ASP A 90 7.03 -18.69 -1.59
C ASP A 90 8.04 -19.07 -0.51
N HIS A 91 9.30 -18.73 -0.75
CA HIS A 91 10.38 -19.14 0.15
C HIS A 91 10.75 -18.04 1.14
N GLY A 92 9.92 -17.00 1.21
CA GLY A 92 10.25 -15.88 2.08
C GLY A 92 9.03 -15.18 2.63
N TYR A 93 8.39 -15.80 3.61
CA TYR A 93 7.23 -15.20 4.25
C TYR A 93 7.68 -14.11 5.22
N TRP A 94 6.80 -13.15 5.47
CA TRP A 94 7.15 -12.00 6.30
C TRP A 94 6.28 -11.95 7.55
N SER A 95 6.81 -11.28 8.58
CA SER A 95 6.09 -11.06 9.82
C SER A 95 6.48 -9.71 10.41
N ALA A 96 7.09 -8.89 9.57
CA ALA A 96 7.58 -7.59 9.99
C ALA A 96 7.54 -6.60 8.83
N TRP A 97 7.51 -5.32 9.14
CA TRP A 97 7.42 -4.26 8.14
C TRP A 97 8.77 -3.56 8.00
N SER A 98 8.83 -2.56 7.12
CA SER A 98 10.09 -1.86 6.85
C SER A 98 9.90 -0.61 5.96
N PRO A 99 9.28 -0.75 4.75
CA PRO A 99 9.16 0.38 3.81
C PRO A 99 8.11 1.41 4.21
N ALA A 100 8.38 2.16 5.27
CA ALA A 100 7.48 3.20 5.73
C ALA A 100 7.54 4.42 4.81
N THR A 101 6.51 4.59 4.00
CA THR A 101 6.46 5.72 3.08
C THR A 101 5.61 6.84 3.67
N PHE A 102 6.13 8.05 3.61
CA PHE A 102 5.44 9.23 4.12
C PHE A 102 4.71 9.94 3.00
N ILE A 103 3.40 10.06 3.14
CA ILE A 103 2.60 10.75 2.14
C ILE A 103 1.75 11.83 2.79
N GLN A 104 1.77 13.01 2.21
CA GLN A 104 0.97 14.13 2.72
C GLN A 104 -0.34 14.23 1.96
N ILE A 105 -1.43 14.12 2.68
CA ILE A 105 -2.74 14.34 2.09
C ILE A 105 -2.99 15.84 2.02
N PRO A 106 -3.15 16.39 0.82
CA PRO A 106 -3.32 17.84 0.63
C PRO A 106 -4.58 18.36 1.30
N SER A 107 -4.53 19.61 1.74
CA SER A 107 -5.69 20.27 2.32
C SER A 107 -6.73 20.54 1.24
N ASP A 108 -6.28 20.48 0.00
CA ASP A 108 -7.15 20.62 -1.16
C ASP A 108 -7.86 19.30 -1.48
N PHE A 109 -7.72 18.34 -0.57
CA PHE A 109 -8.35 17.03 -0.72
C PHE A 109 -9.86 17.19 -0.88
N THR A 110 -10.44 18.00 -0.02
CA THR A 110 -11.85 18.34 -0.13
C THR A 110 -12.02 19.55 -1.03
N MET A 111 -13.02 19.50 -1.89
CA MET A 111 -13.24 20.56 -2.87
C MET A 111 -13.88 21.78 -2.22
N ASN A 112 -13.15 22.39 -1.29
CA ASN A 112 -13.63 23.57 -0.59
C ASN A 112 -13.27 24.82 -1.41
N ASP A 113 -13.89 24.92 -2.58
CA ASP A 113 -13.59 25.99 -3.51
C ASP A 113 -14.86 26.69 -3.95
N MET A 1 20.78 -14.86 9.94
CA MET A 1 20.38 -15.00 8.52
C MET A 1 18.89 -14.72 8.35
N TYR A 2 18.43 -14.82 7.12
CA TYR A 2 17.03 -14.67 6.79
C TYR A 2 16.66 -15.75 5.78
N ILE A 3 15.47 -16.30 5.93
CA ILE A 3 14.99 -17.41 5.10
C ILE A 3 15.33 -17.22 3.62
N VAL A 4 14.92 -16.08 3.10
CA VAL A 4 15.05 -15.80 1.68
C VAL A 4 15.98 -14.62 1.42
N GLN A 5 16.54 -14.54 0.23
CA GLN A 5 17.23 -13.33 -0.19
C GLN A 5 16.54 -12.77 -1.43
N PRO A 6 15.36 -12.15 -1.24
CA PRO A 6 14.52 -11.68 -2.32
C PRO A 6 14.63 -10.17 -2.52
N ASP A 7 13.63 -9.61 -3.20
CA ASP A 7 13.53 -8.17 -3.40
C ASP A 7 12.06 -7.78 -3.37
N PRO A 8 11.58 -7.28 -2.22
CA PRO A 8 10.16 -6.93 -2.01
C PRO A 8 9.67 -5.85 -2.98
N PRO A 9 8.34 -5.60 -3.02
CA PRO A 9 7.75 -4.57 -3.88
C PRO A 9 8.47 -3.23 -3.74
N LEU A 10 8.78 -2.63 -4.86
CA LEU A 10 9.52 -1.39 -4.90
C LEU A 10 8.71 -0.32 -5.61
N GLU A 11 9.27 0.89 -5.69
CA GLU A 11 8.62 1.99 -6.38
C GLU A 11 7.23 2.26 -5.82
N LEU A 12 7.14 2.32 -4.49
CA LEU A 12 5.88 2.58 -3.82
C LEU A 12 5.52 4.06 -3.97
N ALA A 13 4.69 4.36 -4.96
CA ALA A 13 4.27 5.72 -5.21
C ALA A 13 2.86 5.94 -4.69
N VAL A 14 2.73 6.94 -3.85
CA VAL A 14 1.43 7.27 -3.26
C VAL A 14 0.93 8.58 -3.82
N GLU A 15 -0.22 8.53 -4.47
CA GLU A 15 -0.81 9.71 -5.09
C GLU A 15 -2.26 9.86 -4.65
N VAL A 16 -2.70 11.09 -4.52
CA VAL A 16 -4.07 11.37 -4.12
C VAL A 16 -4.90 11.77 -5.34
N LYS A 17 -5.91 10.98 -5.65
CA LYS A 17 -6.74 11.22 -6.81
C LYS A 17 -8.01 11.95 -6.41
N GLN A 18 -8.31 13.03 -7.10
CA GLN A 18 -9.49 13.83 -6.83
C GLN A 18 -10.39 13.87 -8.05
N PRO A 19 -11.27 12.87 -8.17
CA PRO A 19 -12.18 12.74 -9.31
C PRO A 19 -13.36 13.71 -9.25
N GLU A 20 -14.03 13.86 -10.38
CA GLU A 20 -15.14 14.81 -10.50
C GLU A 20 -16.48 14.14 -10.18
N ASP A 21 -16.61 12.88 -10.58
CA ASP A 21 -17.84 12.13 -10.37
C ASP A 21 -17.76 11.32 -9.09
N ARG A 22 -16.70 10.55 -8.95
CA ARG A 22 -16.51 9.75 -7.74
C ARG A 22 -15.70 10.55 -6.72
N LYS A 23 -15.73 10.11 -5.47
CA LYS A 23 -15.11 10.86 -4.38
C LYS A 23 -13.61 10.61 -4.33
N PRO A 24 -12.85 11.59 -3.82
CA PRO A 24 -11.38 11.53 -3.74
C PRO A 24 -10.87 10.35 -2.90
N TYR A 25 -9.68 9.88 -3.25
CA TYR A 25 -9.10 8.69 -2.61
C TYR A 25 -7.61 8.62 -2.86
N LEU A 26 -6.91 7.88 -2.01
CA LEU A 26 -5.49 7.63 -2.21
C LEU A 26 -5.31 6.47 -3.18
N TRP A 27 -4.33 6.62 -4.05
CA TRP A 27 -4.01 5.58 -5.02
C TRP A 27 -2.58 5.11 -4.78
N ILE A 28 -2.46 4.04 -4.00
CA ILE A 28 -1.17 3.50 -3.66
C ILE A 28 -0.73 2.48 -4.71
N LYS A 29 0.38 2.75 -5.37
CA LYS A 29 0.88 1.85 -6.40
C LYS A 29 2.30 1.39 -6.08
N TRP A 30 2.57 0.14 -6.36
CA TRP A 30 3.88 -0.43 -6.13
C TRP A 30 4.27 -1.33 -7.30
N SER A 31 5.57 -1.45 -7.52
CA SER A 31 6.09 -2.31 -8.56
C SER A 31 6.31 -3.70 -7.99
N PRO A 32 5.74 -4.72 -8.65
CA PRO A 32 5.84 -6.13 -8.21
C PRO A 32 7.28 -6.54 -7.88
N PRO A 33 7.46 -7.31 -6.80
CA PRO A 33 8.78 -7.76 -6.33
C PRO A 33 9.61 -8.39 -7.43
N THR A 34 10.91 -8.05 -7.44
CA THR A 34 11.82 -8.55 -8.45
C THR A 34 12.12 -10.03 -8.23
N LEU A 35 12.25 -10.42 -6.97
CA LEU A 35 12.52 -11.80 -6.63
C LEU A 35 11.39 -12.36 -5.78
N ILE A 36 10.55 -13.17 -6.38
CA ILE A 36 9.36 -13.69 -5.71
C ILE A 36 9.60 -15.12 -5.24
N ASP A 37 10.58 -15.80 -5.85
CA ASP A 37 10.94 -17.18 -5.49
C ASP A 37 9.85 -18.16 -5.92
N LEU A 38 8.95 -17.67 -6.75
CA LEU A 38 7.84 -18.48 -7.22
C LEU A 38 7.84 -18.57 -8.74
N LYS A 39 7.51 -19.75 -9.25
CA LYS A 39 7.41 -19.95 -10.69
C LYS A 39 6.00 -19.64 -11.15
N THR A 40 5.87 -19.18 -12.39
CA THR A 40 4.60 -18.73 -12.91
C THR A 40 3.75 -19.90 -13.41
N GLY A 41 2.44 -19.70 -13.48
CA GLY A 41 1.56 -20.75 -13.93
C GLY A 41 0.24 -20.73 -13.19
N TRP A 42 0.29 -20.98 -11.88
CA TRP A 42 -0.92 -21.03 -11.07
C TRP A 42 -0.71 -20.36 -9.72
N PHE A 43 0.47 -19.81 -9.48
CA PHE A 43 0.77 -19.19 -8.20
C PHE A 43 0.13 -17.82 -8.11
N THR A 44 -0.07 -17.36 -6.89
CA THR A 44 -0.55 -16.01 -6.64
C THR A 44 -0.14 -15.56 -5.24
N LEU A 45 0.39 -14.36 -5.15
CA LEU A 45 0.77 -13.79 -3.87
C LEU A 45 -0.07 -12.56 -3.59
N LEU A 46 -0.42 -12.35 -2.33
CA LEU A 46 -1.25 -11.22 -1.96
C LEU A 46 -0.39 -10.08 -1.44
N TYR A 47 -0.82 -8.85 -1.73
CA TYR A 47 -0.10 -7.67 -1.30
C TYR A 47 -0.75 -7.04 -0.09
N GLU A 48 0.06 -6.43 0.74
CA GLU A 48 -0.35 -5.98 2.06
C GLU A 48 0.11 -4.54 2.28
N ILE A 49 -0.78 -3.69 2.78
CA ILE A 49 -0.45 -2.28 2.98
C ILE A 49 -0.74 -1.85 4.42
N ARG A 50 0.29 -1.39 5.12
CA ARG A 50 0.13 -0.93 6.49
C ARG A 50 0.16 0.59 6.50
N LEU A 51 -0.90 1.20 6.98
CA LEU A 51 -1.01 2.64 6.95
C LEU A 51 -1.70 3.18 8.19
N LYS A 52 -1.47 4.46 8.47
CA LYS A 52 -2.14 5.17 9.56
C LYS A 52 -1.85 6.66 9.44
N PRO A 53 -2.79 7.51 9.87
CA PRO A 53 -2.56 8.95 9.96
C PRO A 53 -1.62 9.31 11.09
N GLU A 54 -1.13 10.53 11.10
CA GLU A 54 -0.19 11.00 12.11
C GLU A 54 -0.76 10.86 13.52
N LYS A 55 -2.03 11.19 13.69
CA LYS A 55 -2.66 11.17 15.01
C LYS A 55 -3.17 9.79 15.36
N ALA A 56 -2.69 8.78 14.64
CA ALA A 56 -3.05 7.41 14.93
C ALA A 56 -1.93 6.72 15.69
N ALA A 57 -2.29 6.09 16.81
CA ALA A 57 -1.34 5.33 17.60
C ALA A 57 -1.21 3.91 17.08
N GLU A 58 -2.31 3.38 16.57
CA GLU A 58 -2.34 2.03 16.08
C GLU A 58 -2.31 2.01 14.55
N TRP A 59 -1.70 0.98 14.00
CA TRP A 59 -1.56 0.86 12.56
C TRP A 59 -2.72 0.08 11.95
N GLU A 60 -3.06 0.42 10.73
CA GLU A 60 -4.07 -0.30 9.98
C GLU A 60 -3.43 -1.14 8.88
N ILE A 61 -3.54 -2.44 9.01
CA ILE A 61 -3.05 -3.34 7.98
C ILE A 61 -4.18 -3.64 6.99
N HIS A 62 -4.02 -3.16 5.77
CA HIS A 62 -5.05 -3.32 4.75
C HIS A 62 -4.60 -4.34 3.72
N PHE A 63 -5.56 -5.04 3.15
CA PHE A 63 -5.27 -6.12 2.24
C PHE A 63 -5.66 -5.75 0.81
N ALA A 64 -4.69 -5.81 -0.09
CA ALA A 64 -4.93 -5.49 -1.49
C ALA A 64 -5.60 -6.65 -2.21
N GLY A 65 -5.01 -7.84 -2.08
CA GLY A 65 -5.58 -9.01 -2.71
C GLY A 65 -5.19 -9.12 -4.17
N GLN A 66 -3.98 -9.62 -4.42
CA GLN A 66 -3.45 -9.90 -5.75
C GLN A 66 -3.11 -8.63 -6.53
N GLN A 67 -4.01 -7.65 -6.51
CA GLN A 67 -3.85 -6.42 -7.27
C GLN A 67 -2.69 -5.61 -6.72
N THR A 68 -2.02 -4.87 -7.60
CA THR A 68 -0.85 -4.12 -7.22
C THR A 68 -1.17 -2.63 -7.10
N GLU A 69 -2.35 -2.35 -6.60
CA GLU A 69 -2.79 -0.99 -6.34
C GLU A 69 -3.91 -1.01 -5.30
N PHE A 70 -3.90 -0.06 -4.39
CA PHE A 70 -4.90 0.00 -3.34
C PHE A 70 -5.49 1.41 -3.22
N LYS A 71 -6.74 1.50 -2.81
CA LYS A 71 -7.40 2.80 -2.66
C LYS A 71 -7.78 3.03 -1.20
N ILE A 72 -7.68 4.28 -0.76
CA ILE A 72 -8.11 4.65 0.59
C ILE A 72 -9.14 5.77 0.54
N LEU A 73 -10.32 5.51 1.10
CA LEU A 73 -11.38 6.51 1.14
C LEU A 73 -11.34 7.26 2.46
N SER A 74 -10.93 6.57 3.52
CA SER A 74 -10.86 7.15 4.85
C SER A 74 -9.63 8.03 4.99
N LEU A 75 -9.74 9.27 4.55
CA LEU A 75 -8.62 10.21 4.60
C LEU A 75 -9.09 11.55 5.15
N HIS A 76 -8.21 12.21 5.89
CA HIS A 76 -8.50 13.53 6.45
C HIS A 76 -7.79 14.61 5.62
N PRO A 77 -8.56 15.55 5.08
CA PRO A 77 -8.00 16.70 4.34
C PRO A 77 -7.06 17.52 5.22
N GLY A 78 -5.78 17.51 4.89
CA GLY A 78 -4.80 18.21 5.68
C GLY A 78 -4.25 17.34 6.79
N GLN A 79 -3.92 16.10 6.45
CA GLN A 79 -3.39 15.16 7.42
C GLN A 79 -2.29 14.32 6.79
N LYS A 80 -1.31 13.94 7.59
CA LYS A 80 -0.22 13.10 7.13
C LYS A 80 -0.54 11.63 7.36
N TYR A 81 -0.22 10.79 6.37
CA TYR A 81 -0.42 9.36 6.50
C TYR A 81 0.88 8.62 6.23
N LEU A 82 1.12 7.58 7.00
CA LEU A 82 2.29 6.73 6.83
C LEU A 82 1.86 5.42 6.18
N VAL A 83 2.56 4.99 5.15
CA VAL A 83 2.16 3.79 4.41
C VAL A 83 3.34 2.88 4.12
N GLN A 84 3.08 1.58 4.10
CA GLN A 84 4.09 0.58 3.74
C GLN A 84 3.46 -0.55 2.96
N VAL A 85 4.25 -1.21 2.12
CA VAL A 85 3.74 -2.31 1.32
C VAL A 85 4.57 -3.59 1.55
N ARG A 86 3.89 -4.72 1.60
CA ARG A 86 4.53 -6.02 1.71
C ARG A 86 3.94 -7.00 0.72
N CYS A 87 4.66 -8.08 0.52
CA CYS A 87 4.16 -9.23 -0.19
C CYS A 87 4.69 -10.47 0.53
N LYS A 88 3.81 -11.37 0.92
CA LYS A 88 4.24 -12.54 1.66
C LYS A 88 3.88 -13.82 0.91
N PRO A 89 4.80 -14.28 0.05
CA PRO A 89 4.59 -15.48 -0.77
C PRO A 89 4.47 -16.75 0.07
N ASP A 90 4.00 -17.81 -0.59
CA ASP A 90 3.66 -19.07 0.05
C ASP A 90 4.86 -19.70 0.76
N HIS A 91 6.07 -19.36 0.31
CA HIS A 91 7.27 -19.94 0.89
C HIS A 91 7.81 -19.05 2.01
N GLY A 92 7.10 -17.99 2.34
CA GLY A 92 7.62 -17.03 3.29
C GLY A 92 6.62 -16.65 4.35
N TYR A 93 7.10 -15.88 5.31
CA TYR A 93 6.27 -15.43 6.42
C TYR A 93 6.42 -13.91 6.57
N TRP A 94 5.71 -13.33 7.55
CA TRP A 94 5.83 -11.92 7.87
C TRP A 94 7.28 -11.47 8.03
N SER A 95 7.57 -10.26 7.57
CA SER A 95 8.90 -9.70 7.65
C SER A 95 8.91 -8.42 8.48
N ALA A 96 7.77 -8.15 9.13
CA ALA A 96 7.63 -7.01 10.05
C ALA A 96 7.83 -5.66 9.39
N TRP A 97 7.67 -5.65 8.08
CA TRP A 97 7.66 -4.42 7.27
C TRP A 97 9.06 -3.79 7.22
N SER A 98 9.22 -2.76 6.38
CA SER A 98 10.53 -2.13 6.16
C SER A 98 10.42 -0.71 5.58
N PRO A 99 9.77 -0.51 4.41
CA PRO A 99 9.81 0.76 3.70
C PRO A 99 8.68 1.72 4.09
N ALA A 100 8.94 2.58 5.08
CA ALA A 100 7.96 3.55 5.52
C ALA A 100 7.90 4.75 4.58
N THR A 101 6.76 4.93 3.94
CA THR A 101 6.54 6.06 3.05
C THR A 101 5.56 7.05 3.68
N PHE A 102 5.82 8.33 3.52
CA PHE A 102 5.00 9.36 4.14
C PHE A 102 4.29 10.20 3.08
N ILE A 103 2.97 10.33 3.21
CA ILE A 103 2.18 11.09 2.25
C ILE A 103 1.36 12.17 2.94
N GLN A 104 1.36 13.37 2.35
CA GLN A 104 0.56 14.47 2.87
C GLN A 104 -0.76 14.57 2.10
N ILE A 105 -1.87 14.42 2.80
CA ILE A 105 -3.18 14.59 2.20
C ILE A 105 -3.53 16.07 2.20
N PRO A 106 -3.75 16.67 1.03
CA PRO A 106 -4.06 18.10 0.90
C PRO A 106 -5.38 18.46 1.58
N SER A 107 -5.46 19.70 2.05
CA SER A 107 -6.67 20.21 2.70
C SER A 107 -7.79 20.36 1.67
N ASP A 108 -7.40 20.44 0.42
CA ASP A 108 -8.36 20.51 -0.69
C ASP A 108 -8.72 19.10 -1.14
N PHE A 109 -8.61 18.15 -0.22
CA PHE A 109 -9.01 16.78 -0.48
C PHE A 109 -10.52 16.71 -0.70
N THR A 110 -11.24 17.42 0.16
CA THR A 110 -12.69 17.47 0.05
C THR A 110 -13.12 18.88 -0.33
N MET A 111 -14.13 18.97 -1.17
CA MET A 111 -14.69 20.25 -1.58
C MET A 111 -15.48 20.87 -0.43
N ASN A 112 -15.08 22.07 -0.03
CA ASN A 112 -15.71 22.76 1.10
C ASN A 112 -16.69 23.82 0.60
N ASP A 113 -17.66 23.38 -0.19
CA ASP A 113 -18.71 24.26 -0.71
C ASP A 113 -18.11 25.43 -1.51
N MET A 1 20.74 -20.61 4.78
CA MET A 1 20.22 -21.16 6.06
C MET A 1 19.10 -20.31 6.61
N TYR A 2 18.95 -19.10 6.07
CA TYR A 2 17.90 -18.20 6.51
C TYR A 2 17.00 -17.81 5.35
N ILE A 3 15.71 -17.79 5.61
CA ILE A 3 14.70 -17.43 4.65
C ILE A 3 14.58 -15.91 4.54
N VAL A 4 14.99 -15.38 3.40
CA VAL A 4 14.99 -13.94 3.18
C VAL A 4 13.89 -13.54 2.21
N GLN A 5 13.50 -12.28 2.24
CA GLN A 5 12.56 -11.73 1.27
C GLN A 5 13.32 -11.00 0.17
N PRO A 6 13.67 -11.69 -0.92
CA PRO A 6 14.48 -11.12 -1.98
C PRO A 6 13.64 -10.32 -2.97
N ASP A 7 12.33 -10.41 -2.86
CA ASP A 7 11.43 -9.73 -3.78
C ASP A 7 10.40 -8.89 -3.02
N PRO A 8 10.81 -7.71 -2.55
CA PRO A 8 9.94 -6.78 -1.87
C PRO A 8 9.19 -5.89 -2.85
N PRO A 9 8.00 -5.40 -2.46
CA PRO A 9 7.23 -4.48 -3.29
C PRO A 9 7.91 -3.11 -3.38
N LEU A 10 8.69 -2.94 -4.42
CA LEU A 10 9.46 -1.71 -4.62
C LEU A 10 8.65 -0.69 -5.41
N GLU A 11 9.21 0.50 -5.57
CA GLU A 11 8.55 1.60 -6.29
C GLU A 11 7.16 1.85 -5.73
N LEU A 12 7.09 2.03 -4.42
CA LEU A 12 5.81 2.30 -3.75
C LEU A 12 5.43 3.76 -3.92
N ALA A 13 4.59 4.02 -4.91
CA ALA A 13 4.16 5.38 -5.21
C ALA A 13 2.78 5.62 -4.62
N VAL A 14 2.65 6.70 -3.87
CA VAL A 14 1.40 7.05 -3.23
C VAL A 14 0.90 8.36 -3.78
N GLU A 15 -0.24 8.32 -4.46
CA GLU A 15 -0.78 9.49 -5.09
C GLU A 15 -2.20 9.76 -4.61
N VAL A 16 -2.47 10.99 -4.21
CA VAL A 16 -3.80 11.38 -3.82
C VAL A 16 -4.67 11.61 -5.06
N LYS A 17 -5.71 10.81 -5.20
CA LYS A 17 -6.56 10.89 -6.37
C LYS A 17 -7.85 11.63 -6.08
N GLN A 18 -8.07 12.69 -6.84
CA GLN A 18 -9.29 13.47 -6.72
C GLN A 18 -9.97 13.56 -8.07
N PRO A 19 -10.64 12.47 -8.49
CA PRO A 19 -11.27 12.36 -9.80
C PRO A 19 -12.59 13.14 -9.87
N GLU A 20 -13.23 13.08 -11.03
CA GLU A 20 -14.50 13.76 -11.24
C GLU A 20 -15.68 12.87 -10.85
N ASP A 21 -15.84 11.78 -11.58
CA ASP A 21 -16.96 10.87 -11.36
C ASP A 21 -16.77 10.09 -10.06
N ARG A 22 -15.52 9.75 -9.78
CA ARG A 22 -15.18 8.98 -8.59
C ARG A 22 -14.94 9.91 -7.40
N LYS A 23 -15.11 9.36 -6.21
CA LYS A 23 -14.84 10.10 -4.98
C LYS A 23 -13.33 10.21 -4.76
N PRO A 24 -12.88 11.25 -4.05
CA PRO A 24 -11.45 11.42 -3.73
C PRO A 24 -10.95 10.30 -2.83
N TYR A 25 -9.79 9.75 -3.18
CA TYR A 25 -9.24 8.62 -2.46
C TYR A 25 -7.72 8.63 -2.54
N LEU A 26 -7.09 7.83 -1.71
CA LEU A 26 -5.64 7.69 -1.75
C LEU A 26 -5.27 6.47 -2.59
N TRP A 27 -4.47 6.69 -3.61
CA TRP A 27 -4.10 5.64 -4.54
C TRP A 27 -2.68 5.15 -4.25
N ILE A 28 -2.58 3.97 -3.66
CA ILE A 28 -1.28 3.39 -3.33
C ILE A 28 -0.95 2.26 -4.29
N LYS A 29 0.13 2.40 -5.04
CA LYS A 29 0.52 1.35 -5.95
C LYS A 29 2.00 1.02 -5.82
N TRP A 30 2.29 -0.26 -5.92
CA TRP A 30 3.64 -0.78 -5.73
C TRP A 30 4.00 -1.66 -6.92
N SER A 31 5.29 -1.81 -7.17
CA SER A 31 5.76 -2.66 -8.25
C SER A 31 5.82 -4.11 -7.77
N PRO A 32 5.23 -5.03 -8.55
CA PRO A 32 5.19 -6.45 -8.21
C PRO A 32 6.57 -7.03 -7.92
N PRO A 33 6.69 -7.89 -6.89
CA PRO A 33 7.94 -8.57 -6.56
C PRO A 33 8.57 -9.24 -7.77
N THR A 34 9.85 -8.98 -7.99
CA THR A 34 10.52 -9.32 -9.24
C THR A 34 10.41 -10.81 -9.62
N LEU A 35 11.06 -11.67 -8.85
CA LEU A 35 11.15 -13.08 -9.20
C LEU A 35 10.17 -13.92 -8.40
N ILE A 36 8.93 -13.92 -8.83
CA ILE A 36 7.94 -14.80 -8.26
C ILE A 36 7.81 -16.03 -9.14
N ASP A 37 7.47 -15.79 -10.40
CA ASP A 37 7.38 -16.84 -11.41
C ASP A 37 6.41 -17.92 -11.00
N LEU A 38 5.13 -17.64 -11.18
CA LEU A 38 4.06 -18.54 -10.75
C LEU A 38 3.80 -19.60 -11.80
N LYS A 39 4.86 -20.27 -12.23
CA LYS A 39 4.75 -21.29 -13.27
C LYS A 39 4.77 -22.68 -12.64
N THR A 40 5.58 -22.83 -11.60
CA THR A 40 5.62 -24.08 -10.86
C THR A 40 4.48 -24.12 -9.85
N GLY A 41 4.40 -23.09 -9.03
CA GLY A 41 3.31 -22.97 -8.09
C GLY A 41 2.26 -21.98 -8.56
N TRP A 42 1.13 -22.50 -9.00
CA TRP A 42 0.06 -21.64 -9.49
C TRP A 42 -0.80 -21.16 -8.34
N PHE A 43 -0.23 -20.30 -7.52
CA PHE A 43 -0.94 -19.71 -6.40
C PHE A 43 -1.33 -18.27 -6.74
N THR A 44 -2.01 -17.59 -5.84
CA THR A 44 -2.34 -16.20 -6.05
C THR A 44 -1.69 -15.34 -4.97
N LEU A 45 -1.00 -14.30 -5.40
CA LEU A 45 -0.29 -13.44 -4.46
C LEU A 45 -1.18 -12.28 -4.03
N LEU A 46 -1.49 -12.25 -2.74
CA LEU A 46 -2.34 -11.21 -2.18
C LEU A 46 -1.52 -10.23 -1.37
N TYR A 47 -1.91 -8.97 -1.43
CA TYR A 47 -1.19 -7.90 -0.77
C TYR A 47 -1.99 -7.30 0.38
N GLU A 48 -1.31 -6.54 1.22
CA GLU A 48 -1.94 -5.93 2.38
C GLU A 48 -1.17 -4.67 2.78
N ILE A 49 -1.88 -3.62 3.15
CA ILE A 49 -1.28 -2.31 3.39
C ILE A 49 -1.56 -1.83 4.82
N ARG A 50 -0.50 -1.41 5.50
CA ARG A 50 -0.60 -0.86 6.84
C ARG A 50 -0.35 0.64 6.77
N LEU A 51 -1.31 1.42 7.20
CA LEU A 51 -1.17 2.86 7.15
C LEU A 51 -1.90 3.53 8.30
N LYS A 52 -1.59 4.79 8.51
CA LYS A 52 -2.24 5.59 9.54
C LYS A 52 -1.83 7.04 9.41
N PRO A 53 -2.70 7.98 9.80
CA PRO A 53 -2.36 9.39 9.87
C PRO A 53 -1.42 9.67 11.05
N GLU A 54 -0.76 10.82 11.00
CA GLU A 54 0.21 11.20 12.00
C GLU A 54 -0.45 11.44 13.36
N LYS A 55 -1.76 11.58 13.37
CA LYS A 55 -2.51 11.79 14.59
C LYS A 55 -3.00 10.47 15.16
N ALA A 56 -2.61 9.39 14.49
CA ALA A 56 -2.98 8.05 14.90
C ALA A 56 -1.81 7.37 15.59
N ALA A 57 -2.05 6.79 16.75
CA ALA A 57 -1.02 6.10 17.50
C ALA A 57 -0.95 4.64 17.06
N GLU A 58 -2.10 4.08 16.76
CA GLU A 58 -2.21 2.70 16.35
C GLU A 58 -2.24 2.60 14.82
N TRP A 59 -1.74 1.50 14.30
CA TRP A 59 -1.69 1.28 12.87
C TRP A 59 -3.00 0.69 12.36
N GLU A 60 -3.34 1.03 11.13
CA GLU A 60 -4.56 0.53 10.52
C GLU A 60 -4.22 -0.33 9.31
N ILE A 61 -4.61 -1.59 9.36
CA ILE A 61 -4.29 -2.52 8.29
C ILE A 61 -5.47 -2.69 7.35
N HIS A 62 -5.20 -2.60 6.05
CA HIS A 62 -6.21 -2.84 5.03
C HIS A 62 -5.71 -3.89 4.05
N PHE A 63 -6.51 -4.93 3.86
CA PHE A 63 -6.15 -6.00 2.96
C PHE A 63 -6.51 -5.62 1.53
N ALA A 64 -5.53 -5.67 0.63
CA ALA A 64 -5.74 -5.26 -0.75
C ALA A 64 -6.38 -6.36 -1.56
N GLY A 65 -5.99 -7.58 -1.27
CA GLY A 65 -6.46 -8.71 -2.05
C GLY A 65 -5.57 -8.97 -3.23
N GLN A 66 -6.17 -9.23 -4.38
CA GLN A 66 -5.41 -9.52 -5.58
C GLN A 66 -5.34 -8.28 -6.47
N GLN A 67 -4.57 -7.29 -6.03
CA GLN A 67 -4.33 -6.08 -6.80
C GLN A 67 -3.08 -5.39 -6.31
N THR A 68 -2.35 -4.73 -7.21
CA THR A 68 -1.12 -4.06 -6.83
C THR A 68 -1.33 -2.55 -6.73
N GLU A 69 -2.60 -2.16 -6.69
CA GLU A 69 -2.98 -0.76 -6.51
C GLU A 69 -4.19 -0.69 -5.59
N PHE A 70 -4.00 -0.12 -4.42
CA PHE A 70 -5.04 -0.09 -3.41
C PHE A 70 -5.57 1.32 -3.24
N LYS A 71 -6.83 1.41 -2.82
CA LYS A 71 -7.51 2.70 -2.69
C LYS A 71 -8.01 2.88 -1.26
N ILE A 72 -7.69 4.01 -0.66
CA ILE A 72 -8.20 4.35 0.66
C ILE A 72 -9.24 5.46 0.56
N LEU A 73 -10.33 5.34 1.30
CA LEU A 73 -11.37 6.35 1.29
C LEU A 73 -11.34 7.17 2.57
N SER A 74 -10.77 6.59 3.62
CA SER A 74 -10.75 7.23 4.93
C SER A 74 -9.54 8.15 5.10
N LEU A 75 -9.51 9.25 4.35
CA LEU A 75 -8.43 10.22 4.47
C LEU A 75 -8.89 11.47 5.20
N HIS A 76 -8.02 11.99 6.04
CA HIS A 76 -8.25 13.25 6.71
C HIS A 76 -7.42 14.34 6.06
N PRO A 77 -8.08 15.33 5.45
CA PRO A 77 -7.39 16.42 4.72
C PRO A 77 -6.43 17.21 5.62
N GLY A 78 -5.19 17.32 5.18
CA GLY A 78 -4.20 18.09 5.92
C GLY A 78 -3.47 17.27 6.96
N GLN A 79 -3.34 15.98 6.70
CA GLN A 79 -2.64 15.09 7.62
C GLN A 79 -1.67 14.20 6.87
N LYS A 80 -0.55 13.90 7.52
CA LYS A 80 0.45 13.02 6.95
C LYS A 80 0.08 11.57 7.20
N TYR A 81 0.15 10.76 6.16
CA TYR A 81 -0.12 9.34 6.29
C TYR A 81 1.14 8.53 6.01
N LEU A 82 1.37 7.52 6.84
CA LEU A 82 2.46 6.59 6.62
C LEU A 82 1.89 5.31 6.02
N VAL A 83 2.48 4.86 4.93
CA VAL A 83 1.97 3.70 4.23
C VAL A 83 3.03 2.63 4.06
N GLN A 84 2.62 1.38 4.19
CA GLN A 84 3.50 0.22 4.02
C GLN A 84 2.72 -0.92 3.39
N VAL A 85 3.30 -1.56 2.39
CA VAL A 85 2.66 -2.71 1.75
C VAL A 85 3.53 -3.95 1.93
N ARG A 86 2.88 -5.06 2.27
CA ARG A 86 3.61 -6.31 2.44
C ARG A 86 3.15 -7.35 1.41
N CYS A 87 4.03 -8.29 1.12
CA CYS A 87 3.73 -9.34 0.16
C CYS A 87 4.20 -10.68 0.70
N LYS A 88 3.89 -11.74 -0.04
CA LYS A 88 4.40 -13.07 0.32
C LYS A 88 5.15 -13.68 -0.86
N PRO A 89 6.44 -13.34 -1.02
CA PRO A 89 7.29 -13.86 -2.10
C PRO A 89 7.35 -15.39 -2.10
N ASP A 90 7.47 -15.95 -3.29
CA ASP A 90 7.51 -17.40 -3.46
C ASP A 90 8.83 -17.96 -2.95
N HIS A 91 9.86 -17.14 -3.01
CA HIS A 91 11.18 -17.52 -2.51
C HIS A 91 11.34 -17.06 -1.07
N GLY A 92 10.22 -16.89 -0.38
CA GLY A 92 10.25 -16.49 1.00
C GLY A 92 8.87 -16.57 1.63
N TYR A 93 8.48 -15.53 2.34
CA TYR A 93 7.16 -15.46 2.95
C TYR A 93 6.87 -14.01 3.33
N TRP A 94 5.86 -13.80 4.17
CA TRP A 94 5.52 -12.48 4.72
C TRP A 94 6.72 -11.57 4.85
N SER A 95 6.61 -10.36 4.32
CA SER A 95 7.71 -9.42 4.32
C SER A 95 7.58 -8.43 5.47
N ALA A 96 6.48 -8.55 6.22
CA ALA A 96 6.21 -7.66 7.35
C ALA A 96 6.17 -6.20 6.90
N TRP A 97 6.38 -5.29 7.83
CA TRP A 97 6.30 -3.87 7.53
C TRP A 97 7.63 -3.20 7.77
N SER A 98 8.33 -2.84 6.69
CA SER A 98 9.61 -2.16 6.80
C SER A 98 9.57 -0.74 6.21
N PRO A 99 9.25 -0.56 4.90
CA PRO A 99 9.34 0.76 4.26
C PRO A 99 8.19 1.69 4.63
N ALA A 100 8.33 2.42 5.72
CA ALA A 100 7.32 3.39 6.12
C ALA A 100 7.40 4.63 5.24
N THR A 101 6.49 4.71 4.30
CA THR A 101 6.51 5.78 3.31
C THR A 101 5.67 6.97 3.79
N PHE A 102 6.25 8.15 3.70
CA PHE A 102 5.58 9.37 4.13
C PHE A 102 4.89 10.04 2.95
N ILE A 103 3.64 10.45 3.13
CA ILE A 103 2.94 11.19 2.10
C ILE A 103 1.95 12.18 2.72
N GLN A 104 1.74 13.28 2.02
CA GLN A 104 0.78 14.29 2.40
C GLN A 104 -0.60 14.07 1.81
N ILE A 105 -1.61 14.24 2.65
CA ILE A 105 -2.98 14.37 2.17
C ILE A 105 -3.36 15.83 2.18
N PRO A 106 -3.61 16.42 1.00
CA PRO A 106 -3.90 17.86 0.87
C PRO A 106 -5.13 18.29 1.68
N SER A 107 -5.11 19.54 2.15
CA SER A 107 -6.21 20.08 2.92
C SER A 107 -7.42 20.28 2.01
N ASP A 108 -7.15 20.42 0.72
CA ASP A 108 -8.20 20.56 -0.29
C ASP A 108 -8.57 19.20 -0.85
N PHE A 109 -8.49 18.18 0.00
CA PHE A 109 -8.78 16.80 -0.38
C PHE A 109 -10.26 16.63 -0.76
N THR A 110 -11.11 17.39 -0.10
CA THR A 110 -12.54 17.29 -0.34
C THR A 110 -13.00 18.43 -1.25
N MET A 111 -13.93 18.12 -2.14
CA MET A 111 -14.48 19.10 -3.06
C MET A 111 -15.95 19.31 -2.75
N ASN A 112 -16.76 18.30 -3.06
CA ASN A 112 -18.20 18.32 -2.80
C ASN A 112 -18.85 19.57 -3.40
N ASP A 113 -18.87 19.64 -4.72
CA ASP A 113 -19.49 20.76 -5.41
C ASP A 113 -20.87 20.35 -5.91
N MET A 1 20.58 -15.57 6.60
CA MET A 1 19.86 -15.25 7.86
C MET A 1 18.43 -15.75 7.82
N TYR A 2 17.77 -15.58 6.68
CA TYR A 2 16.39 -16.00 6.53
C TYR A 2 16.19 -16.72 5.19
N ILE A 3 15.11 -17.48 5.10
CA ILE A 3 14.78 -18.29 3.92
C ILE A 3 14.89 -17.48 2.63
N VAL A 4 14.29 -16.31 2.63
CA VAL A 4 14.22 -15.46 1.44
C VAL A 4 14.79 -14.07 1.73
N GLN A 5 15.58 -13.56 0.79
CA GLN A 5 16.10 -12.19 0.91
C GLN A 5 14.94 -11.20 0.90
N PRO A 6 14.97 -10.21 1.80
CA PRO A 6 13.89 -9.23 1.93
C PRO A 6 13.77 -8.34 0.70
N ASP A 7 12.84 -8.68 -0.16
CA ASP A 7 12.62 -7.91 -1.37
C ASP A 7 11.20 -7.36 -1.39
N PRO A 8 11.01 -6.14 -0.86
CA PRO A 8 9.72 -5.48 -0.80
C PRO A 8 9.29 -4.95 -2.18
N PRO A 9 7.99 -4.98 -2.48
CA PRO A 9 7.44 -4.46 -3.74
C PRO A 9 7.94 -3.06 -4.03
N LEU A 10 8.74 -2.95 -5.08
CA LEU A 10 9.42 -1.72 -5.41
C LEU A 10 8.45 -0.70 -5.99
N GLU A 11 8.88 0.55 -6.00
CA GLU A 11 8.12 1.66 -6.56
C GLU A 11 6.78 1.83 -5.85
N LEU A 12 6.84 1.98 -4.54
CA LEU A 12 5.64 2.26 -3.76
C LEU A 12 5.26 3.72 -3.97
N ALA A 13 4.38 3.95 -4.92
CA ALA A 13 3.97 5.29 -5.27
C ALA A 13 2.67 5.65 -4.58
N VAL A 14 2.63 6.82 -3.97
CA VAL A 14 1.44 7.27 -3.28
C VAL A 14 0.97 8.57 -3.89
N GLU A 15 -0.20 8.53 -4.49
CA GLU A 15 -0.75 9.69 -5.16
C GLU A 15 -2.19 9.92 -4.70
N VAL A 16 -2.55 11.17 -4.51
CA VAL A 16 -3.92 11.50 -4.16
C VAL A 16 -4.74 11.66 -5.43
N LYS A 17 -5.71 10.78 -5.60
CA LYS A 17 -6.50 10.75 -6.80
C LYS A 17 -7.87 11.40 -6.57
N GLN A 18 -8.09 12.53 -7.22
CA GLN A 18 -9.36 13.24 -7.10
C GLN A 18 -10.20 13.05 -8.36
N PRO A 19 -11.16 12.12 -8.32
CA PRO A 19 -12.07 11.86 -9.44
C PRO A 19 -13.21 12.87 -9.48
N GLU A 20 -13.65 13.19 -10.69
CA GLU A 20 -14.68 14.19 -10.89
C GLU A 20 -16.06 13.67 -10.52
N ASP A 21 -16.24 12.35 -10.56
CA ASP A 21 -17.53 11.76 -10.28
C ASP A 21 -17.48 10.84 -9.07
N ARG A 22 -16.31 10.78 -8.43
CA ARG A 22 -16.13 9.93 -7.26
C ARG A 22 -15.33 10.68 -6.20
N LYS A 23 -15.55 10.33 -4.94
CA LYS A 23 -14.83 10.95 -3.84
C LYS A 23 -13.34 10.65 -3.91
N PRO A 24 -12.51 11.67 -3.61
CA PRO A 24 -11.05 11.56 -3.66
C PRO A 24 -10.51 10.48 -2.72
N TYR A 25 -9.44 9.84 -3.16
CA TYR A 25 -8.85 8.73 -2.43
C TYR A 25 -7.36 8.66 -2.67
N LEU A 26 -6.63 8.09 -1.73
CA LEU A 26 -5.20 7.86 -1.92
C LEU A 26 -4.99 6.63 -2.76
N TRP A 27 -4.23 6.78 -3.81
CA TRP A 27 -3.93 5.70 -4.71
C TRP A 27 -2.53 5.15 -4.42
N ILE A 28 -2.49 4.03 -3.73
CA ILE A 28 -1.23 3.37 -3.42
C ILE A 28 -0.93 2.33 -4.49
N LYS A 29 0.12 2.56 -5.25
CA LYS A 29 0.44 1.69 -6.37
C LYS A 29 1.89 1.23 -6.27
N TRP A 30 2.08 -0.09 -6.33
CA TRP A 30 3.40 -0.67 -6.23
C TRP A 30 3.67 -1.59 -7.41
N SER A 31 4.94 -1.84 -7.67
CA SER A 31 5.33 -2.72 -8.76
C SER A 31 5.67 -4.10 -8.23
N PRO A 32 5.11 -5.15 -8.86
CA PRO A 32 5.42 -6.54 -8.50
C PRO A 32 6.89 -6.87 -8.70
N PRO A 33 7.47 -7.68 -7.79
CA PRO A 33 8.89 -8.04 -7.84
C PRO A 33 9.26 -8.88 -9.06
N THR A 34 9.57 -8.18 -10.15
CA THR A 34 10.01 -8.79 -11.40
C THR A 34 9.00 -9.80 -11.95
N LEU A 35 9.20 -11.08 -11.65
CA LEU A 35 8.33 -12.13 -12.18
C LEU A 35 7.58 -12.84 -11.06
N ILE A 36 7.97 -12.55 -9.83
CA ILE A 36 7.39 -13.20 -8.64
C ILE A 36 7.79 -14.68 -8.60
N ASP A 37 7.13 -15.47 -9.44
CA ASP A 37 7.38 -16.91 -9.58
C ASP A 37 7.49 -17.61 -8.23
N LEU A 38 6.40 -17.57 -7.46
CA LEU A 38 6.28 -18.39 -6.27
C LEU A 38 5.91 -19.80 -6.68
N LYS A 39 4.98 -19.86 -7.62
CA LYS A 39 4.57 -21.12 -8.23
C LYS A 39 4.08 -20.83 -9.63
N THR A 40 4.86 -21.31 -10.59
CA THR A 40 4.62 -21.04 -11.98
C THR A 40 3.27 -21.60 -12.42
N GLY A 41 2.33 -20.70 -12.67
CA GLY A 41 0.99 -21.10 -13.07
C GLY A 41 0.03 -19.95 -12.94
N TRP A 42 -0.81 -20.00 -11.91
CA TRP A 42 -1.76 -18.92 -11.65
C TRP A 42 -1.66 -18.45 -10.22
N PHE A 43 -0.65 -18.94 -9.51
CA PHE A 43 -0.44 -18.58 -8.12
C PHE A 43 0.12 -17.17 -8.03
N THR A 44 -0.76 -16.22 -7.76
CA THR A 44 -0.38 -14.82 -7.69
C THR A 44 0.12 -14.45 -6.29
N LEU A 45 1.06 -13.52 -6.23
CA LEU A 45 1.62 -13.06 -4.98
C LEU A 45 0.69 -12.05 -4.33
N LEU A 46 0.43 -12.23 -3.05
CA LEU A 46 -0.48 -11.35 -2.34
C LEU A 46 0.26 -10.21 -1.65
N TYR A 47 -0.43 -9.10 -1.47
CA TYR A 47 0.15 -7.91 -0.85
C TYR A 47 -0.77 -7.40 0.25
N GLU A 48 -0.17 -6.78 1.26
CA GLU A 48 -0.92 -6.20 2.36
C GLU A 48 -0.47 -4.76 2.55
N ILE A 49 -1.42 -3.87 2.81
CA ILE A 49 -1.12 -2.45 2.96
C ILE A 49 -1.36 -1.99 4.39
N ARG A 50 -0.34 -1.41 5.00
CA ARG A 50 -0.44 -0.89 6.35
C ARG A 50 -0.30 0.62 6.33
N LEU A 51 -1.31 1.33 6.79
CA LEU A 51 -1.30 2.79 6.76
C LEU A 51 -1.97 3.35 8.01
N LYS A 52 -1.68 4.61 8.32
CA LYS A 52 -2.30 5.28 9.45
C LYS A 52 -2.07 6.79 9.35
N PRO A 53 -3.03 7.58 9.85
CA PRO A 53 -2.86 9.03 9.98
C PRO A 53 -1.92 9.40 11.11
N GLU A 54 -1.55 10.67 11.15
CA GLU A 54 -0.64 11.19 12.18
C GLU A 54 -1.30 11.21 13.54
N LYS A 55 -2.60 10.99 13.58
CA LYS A 55 -3.34 10.99 14.84
C LYS A 55 -3.45 9.56 15.37
N ALA A 56 -2.92 8.63 14.60
CA ALA A 56 -3.06 7.22 14.90
C ALA A 56 -1.83 6.66 15.58
N ALA A 57 -2.03 6.09 16.76
CA ALA A 57 -0.97 5.40 17.48
C ALA A 57 -0.89 3.97 16.97
N GLU A 58 -2.03 3.47 16.52
CA GLU A 58 -2.14 2.11 16.02
C GLU A 58 -2.28 2.12 14.50
N TRP A 59 -1.73 1.10 13.86
CA TRP A 59 -1.72 1.02 12.41
C TRP A 59 -3.00 0.37 11.89
N GLU A 60 -3.34 0.70 10.65
CA GLU A 60 -4.49 0.12 9.98
C GLU A 60 -4.04 -0.79 8.84
N ILE A 61 -4.53 -2.03 8.84
CA ILE A 61 -4.11 -3.00 7.85
C ILE A 61 -5.24 -3.31 6.87
N HIS A 62 -4.94 -3.19 5.58
CA HIS A 62 -5.88 -3.55 4.53
C HIS A 62 -5.21 -4.55 3.58
N PHE A 63 -5.92 -5.57 3.17
CA PHE A 63 -5.36 -6.58 2.29
C PHE A 63 -5.70 -6.27 0.84
N ALA A 64 -4.73 -6.45 -0.05
CA ALA A 64 -4.90 -6.14 -1.47
C ALA A 64 -5.70 -7.21 -2.18
N GLY A 65 -5.71 -8.42 -1.62
CA GLY A 65 -6.49 -9.50 -2.19
C GLY A 65 -5.78 -10.22 -3.32
N GLN A 66 -5.20 -9.44 -4.23
CA GLN A 66 -4.47 -9.99 -5.38
C GLN A 66 -3.91 -8.86 -6.24
N GLN A 67 -4.67 -7.76 -6.28
CA GLN A 67 -4.30 -6.61 -7.09
C GLN A 67 -3.12 -5.86 -6.50
N THR A 68 -2.46 -5.07 -7.33
CA THR A 68 -1.25 -4.39 -6.94
C THR A 68 -1.47 -2.88 -6.80
N GLU A 69 -2.69 -2.52 -6.45
CA GLU A 69 -3.02 -1.13 -6.18
C GLU A 69 -4.18 -1.06 -5.20
N PHE A 70 -4.13 -0.11 -4.28
CA PHE A 70 -5.19 0.04 -3.30
C PHE A 70 -5.56 1.51 -3.13
N LYS A 71 -6.80 1.76 -2.74
CA LYS A 71 -7.28 3.12 -2.52
C LYS A 71 -7.69 3.30 -1.06
N ILE A 72 -7.39 4.46 -0.49
CA ILE A 72 -7.82 4.76 0.88
C ILE A 72 -8.81 5.92 0.88
N LEU A 73 -9.99 5.68 1.45
CA LEU A 73 -11.01 6.71 1.57
C LEU A 73 -10.94 7.38 2.95
N SER A 74 -10.25 6.72 3.87
CA SER A 74 -10.13 7.21 5.23
C SER A 74 -9.04 8.28 5.34
N LEU A 75 -9.31 9.46 4.78
CA LEU A 75 -8.32 10.52 4.75
C LEU A 75 -8.88 11.82 5.27
N HIS A 76 -8.08 12.52 6.07
CA HIS A 76 -8.46 13.83 6.60
C HIS A 76 -7.59 14.92 6.00
N PRO A 77 -8.21 15.94 5.39
CA PRO A 77 -7.48 17.05 4.77
C PRO A 77 -6.62 17.82 5.77
N GLY A 78 -5.32 17.89 5.49
CA GLY A 78 -4.42 18.64 6.35
C GLY A 78 -3.73 17.76 7.37
N GLN A 79 -3.65 16.46 7.09
CA GLN A 79 -3.01 15.53 8.00
C GLN A 79 -2.03 14.65 7.25
N LYS A 80 -0.96 14.25 7.95
CA LYS A 80 0.08 13.42 7.37
C LYS A 80 -0.25 11.94 7.59
N TYR A 81 -0.10 11.15 6.55
CA TYR A 81 -0.37 9.71 6.63
C TYR A 81 0.89 8.92 6.30
N LEU A 82 1.00 7.74 6.89
CA LEU A 82 2.10 6.83 6.61
C LEU A 82 1.54 5.60 5.91
N VAL A 83 2.22 5.15 4.86
CA VAL A 83 1.75 4.00 4.09
C VAL A 83 2.88 2.99 3.84
N GLN A 84 2.49 1.73 3.77
CA GLN A 84 3.44 0.64 3.56
C GLN A 84 2.76 -0.51 2.83
N VAL A 85 3.50 -1.17 1.96
CA VAL A 85 3.04 -2.39 1.33
C VAL A 85 4.16 -3.40 1.28
N ARG A 86 3.82 -4.67 1.42
CA ARG A 86 4.79 -5.73 1.21
C ARG A 86 4.09 -7.01 0.85
N CYS A 87 4.84 -7.92 0.26
CA CYS A 87 4.33 -9.21 -0.12
C CYS A 87 5.09 -10.29 0.66
N LYS A 88 4.84 -11.55 0.37
CA LYS A 88 5.50 -12.62 1.12
C LYS A 88 5.52 -13.93 0.35
N PRO A 89 6.68 -14.60 0.35
CA PRO A 89 6.86 -15.88 -0.31
C PRO A 89 6.09 -16.98 0.42
N ASP A 90 5.52 -17.88 -0.36
CA ASP A 90 4.68 -18.95 0.18
C ASP A 90 5.55 -19.99 0.89
N HIS A 91 6.80 -20.06 0.50
CA HIS A 91 7.75 -20.99 1.11
C HIS A 91 8.35 -20.39 2.37
N GLY A 92 7.78 -19.28 2.82
CA GLY A 92 8.25 -18.63 4.01
C GLY A 92 7.14 -17.87 4.70
N TYR A 93 7.51 -16.90 5.52
CA TYR A 93 6.52 -16.13 6.26
C TYR A 93 6.87 -14.65 6.29
N TRP A 94 6.14 -13.89 7.08
CA TRP A 94 6.40 -12.46 7.28
C TRP A 94 7.67 -12.21 8.08
N SER A 95 8.21 -11.02 7.90
CA SER A 95 9.37 -10.56 8.64
C SER A 95 9.20 -9.07 8.94
N ALA A 96 7.96 -8.71 9.31
CA ALA A 96 7.57 -7.34 9.62
C ALA A 96 7.61 -6.44 8.38
N TRP A 97 7.43 -5.14 8.60
CA TRP A 97 7.41 -4.17 7.51
C TRP A 97 8.76 -3.47 7.42
N SER A 98 8.91 -2.57 6.46
CA SER A 98 10.16 -1.85 6.25
C SER A 98 9.96 -0.51 5.53
N PRO A 99 9.31 -0.48 4.33
CA PRO A 99 9.23 0.74 3.52
C PRO A 99 8.10 1.68 3.97
N ALA A 100 8.37 2.46 5.01
CA ALA A 100 7.38 3.42 5.50
C ALA A 100 7.42 4.69 4.68
N THR A 101 6.44 4.86 3.81
CA THR A 101 6.36 6.03 2.96
C THR A 101 5.42 7.06 3.58
N PHE A 102 5.81 8.32 3.52
CA PHE A 102 5.03 9.39 4.11
C PHE A 102 4.27 10.16 3.02
N ILE A 103 2.98 10.35 3.24
CA ILE A 103 2.15 11.08 2.29
C ILE A 103 1.24 12.06 3.03
N GLN A 104 1.11 13.25 2.50
CA GLN A 104 0.25 14.26 3.12
C GLN A 104 -1.05 14.40 2.37
N ILE A 105 -2.10 14.71 3.13
CA ILE A 105 -3.40 14.95 2.54
C ILE A 105 -3.61 16.46 2.35
N PRO A 106 -3.78 16.89 1.10
CA PRO A 106 -3.93 18.31 0.76
C PRO A 106 -5.17 18.92 1.40
N SER A 107 -5.12 20.22 1.63
CA SER A 107 -6.23 20.95 2.20
C SER A 107 -7.36 21.06 1.18
N ASP A 108 -7.00 20.93 -0.09
CA ASP A 108 -7.96 20.94 -1.18
C ASP A 108 -8.35 19.51 -1.54
N PHE A 109 -8.39 18.65 -0.52
CA PHE A 109 -8.71 17.25 -0.72
C PHE A 109 -10.17 17.06 -1.11
N THR A 110 -11.06 17.66 -0.34
CA THR A 110 -12.49 17.51 -0.57
C THR A 110 -12.90 18.13 -1.90
N MET A 111 -13.85 17.50 -2.56
CA MET A 111 -14.37 18.00 -3.81
C MET A 111 -15.84 18.37 -3.64
N ASN A 112 -16.29 18.34 -2.40
CA ASN A 112 -17.66 18.70 -2.07
C ASN A 112 -17.67 19.60 -0.84
N ASP A 113 -17.50 20.89 -1.07
CA ASP A 113 -17.44 21.85 0.02
C ASP A 113 -18.10 23.16 -0.39
N MET A 1 18.00 -25.22 2.13
CA MET A 1 18.71 -24.77 3.35
C MET A 1 18.49 -23.28 3.56
N TYR A 2 18.00 -22.94 4.76
CA TYR A 2 17.69 -21.57 5.13
C TYR A 2 16.49 -21.03 4.36
N ILE A 3 15.53 -20.49 5.10
CA ILE A 3 14.38 -19.83 4.50
C ILE A 3 14.82 -18.49 3.92
N VAL A 4 15.17 -18.49 2.63
CA VAL A 4 15.68 -17.30 1.98
C VAL A 4 14.60 -16.23 1.86
N GLN A 5 15.03 -14.97 1.96
CA GLN A 5 14.12 -13.85 1.94
C GLN A 5 13.76 -13.46 0.51
N PRO A 6 12.48 -13.12 0.28
CA PRO A 6 12.00 -12.69 -1.04
C PRO A 6 12.35 -11.23 -1.31
N ASP A 7 11.86 -10.71 -2.43
CA ASP A 7 12.14 -9.33 -2.80
C ASP A 7 10.91 -8.46 -2.56
N PRO A 8 10.95 -7.63 -1.52
CA PRO A 8 9.82 -6.79 -1.11
C PRO A 8 9.44 -5.75 -2.18
N PRO A 9 8.13 -5.42 -2.27
CA PRO A 9 7.62 -4.44 -3.23
C PRO A 9 8.28 -3.08 -3.06
N LEU A 10 8.71 -2.49 -4.16
CA LEU A 10 9.49 -1.27 -4.13
C LEU A 10 8.80 -0.18 -4.94
N GLU A 11 9.43 0.99 -4.99
CA GLU A 11 8.90 2.13 -5.74
C GLU A 11 7.48 2.45 -5.28
N LEU A 12 7.27 2.39 -3.97
CA LEU A 12 5.95 2.61 -3.40
C LEU A 12 5.51 4.06 -3.65
N ALA A 13 4.61 4.24 -4.60
CA ALA A 13 4.15 5.57 -4.97
C ALA A 13 2.71 5.77 -4.53
N VAL A 14 2.45 6.90 -3.90
CA VAL A 14 1.12 7.22 -3.44
C VAL A 14 0.58 8.42 -4.20
N GLU A 15 -0.60 8.27 -4.79
CA GLU A 15 -1.18 9.31 -5.61
C GLU A 15 -2.59 9.64 -5.14
N VAL A 16 -2.87 10.93 -5.00
CA VAL A 16 -4.19 11.37 -4.56
C VAL A 16 -5.12 11.52 -5.77
N LYS A 17 -6.26 10.87 -5.71
CA LYS A 17 -7.21 10.92 -6.81
C LYS A 17 -8.40 11.77 -6.45
N GLN A 18 -8.71 12.72 -7.32
CA GLN A 18 -9.80 13.65 -7.08
C GLN A 18 -10.68 13.79 -8.31
N PRO A 19 -11.65 12.89 -8.47
CA PRO A 19 -12.63 12.95 -9.57
C PRO A 19 -13.62 14.09 -9.38
N GLU A 20 -14.40 14.38 -10.41
CA GLU A 20 -15.35 15.49 -10.36
C GLU A 20 -16.77 14.98 -10.13
N ASP A 21 -16.94 13.67 -10.15
CA ASP A 21 -18.25 13.07 -9.96
C ASP A 21 -18.19 11.93 -8.95
N ARG A 22 -17.01 11.72 -8.40
CA ARG A 22 -16.78 10.63 -7.47
C ARG A 22 -15.95 11.12 -6.30
N LYS A 23 -16.17 10.52 -5.14
CA LYS A 23 -15.45 10.88 -3.92
C LYS A 23 -13.95 10.75 -4.10
N PRO A 24 -13.18 11.79 -3.73
CA PRO A 24 -11.72 11.76 -3.79
C PRO A 24 -11.15 10.68 -2.88
N TYR A 25 -10.17 9.95 -3.38
CA TYR A 25 -9.60 8.84 -2.64
C TYR A 25 -8.09 8.79 -2.82
N LEU A 26 -7.42 8.04 -1.97
CA LEU A 26 -5.97 7.90 -2.05
C LEU A 26 -5.62 6.59 -2.73
N TRP A 27 -4.84 6.68 -3.78
CA TRP A 27 -4.47 5.51 -4.56
C TRP A 27 -3.01 5.15 -4.31
N ILE A 28 -2.81 3.97 -3.73
CA ILE A 28 -1.46 3.49 -3.45
C ILE A 28 -1.03 2.49 -4.51
N LYS A 29 0.08 2.78 -5.18
CA LYS A 29 0.59 1.90 -6.21
C LYS A 29 2.06 1.59 -5.99
N TRP A 30 2.36 0.32 -5.83
CA TRP A 30 3.72 -0.12 -5.61
C TRP A 30 4.18 -1.00 -6.77
N SER A 31 5.49 -1.15 -6.92
CA SER A 31 6.04 -2.00 -7.95
C SER A 31 6.34 -3.38 -7.37
N PRO A 32 5.86 -4.45 -8.04
CA PRO A 32 6.05 -5.82 -7.58
C PRO A 32 7.53 -6.22 -7.60
N PRO A 33 7.88 -7.32 -6.88
CA PRO A 33 9.25 -7.83 -6.78
C PRO A 33 10.03 -7.73 -8.10
N THR A 34 11.27 -7.28 -8.00
CA THR A 34 12.15 -7.16 -9.14
C THR A 34 12.52 -8.53 -9.69
N LEU A 35 12.55 -9.49 -8.79
CA LEU A 35 12.85 -10.86 -9.14
C LEU A 35 11.56 -11.66 -9.26
N ILE A 36 11.69 -12.96 -9.57
CA ILE A 36 10.55 -13.85 -9.73
C ILE A 36 9.76 -13.55 -11.01
N ASP A 37 9.36 -12.28 -11.17
CA ASP A 37 8.58 -11.85 -12.33
C ASP A 37 7.33 -12.71 -12.46
N LEU A 38 6.45 -12.59 -11.48
CA LEU A 38 5.24 -13.39 -11.41
C LEU A 38 4.14 -12.83 -12.32
N LYS A 39 4.48 -12.64 -13.58
CA LYS A 39 3.52 -12.15 -14.56
C LYS A 39 2.61 -13.28 -15.01
N THR A 40 3.07 -14.50 -14.81
CA THR A 40 2.30 -15.68 -15.14
C THR A 40 1.35 -16.04 -13.99
N GLY A 41 0.61 -17.12 -14.16
CA GLY A 41 -0.25 -17.60 -13.09
C GLY A 41 0.49 -18.56 -12.16
N TRP A 42 -0.26 -19.37 -11.43
CA TRP A 42 0.28 -20.37 -10.50
C TRP A 42 0.94 -19.70 -9.29
N PHE A 43 2.03 -18.98 -9.54
CA PHE A 43 2.74 -18.28 -8.48
C PHE A 43 1.92 -17.11 -7.98
N THR A 44 1.24 -17.29 -6.86
CA THR A 44 0.38 -16.26 -6.32
C THR A 44 1.13 -15.46 -5.26
N LEU A 45 1.05 -14.14 -5.35
CA LEU A 45 1.69 -13.27 -4.39
C LEU A 45 0.69 -12.26 -3.87
N LEU A 46 0.42 -12.32 -2.57
CA LEU A 46 -0.53 -11.42 -1.95
C LEU A 46 0.17 -10.28 -1.25
N TYR A 47 -0.43 -9.10 -1.34
CA TYR A 47 0.15 -7.89 -0.78
C TYR A 47 -0.71 -7.35 0.36
N GLU A 48 -0.06 -7.00 1.46
CA GLU A 48 -0.75 -6.41 2.60
C GLU A 48 -0.24 -4.99 2.83
N ILE A 49 -1.15 -4.07 3.15
CA ILE A 49 -0.80 -2.67 3.31
C ILE A 49 -1.12 -2.19 4.72
N ARG A 50 -0.10 -1.74 5.43
CA ARG A 50 -0.27 -1.19 6.77
C ARG A 50 -0.16 0.33 6.69
N LEU A 51 -1.19 1.03 7.12
CA LEU A 51 -1.19 2.48 7.03
C LEU A 51 -1.90 3.10 8.23
N LYS A 52 -1.67 4.39 8.44
CA LYS A 52 -2.33 5.15 9.47
C LYS A 52 -2.01 6.63 9.31
N PRO A 53 -2.92 7.52 9.71
CA PRO A 53 -2.63 8.95 9.79
C PRO A 53 -1.71 9.25 10.98
N GLU A 54 -1.00 10.36 10.89
CA GLU A 54 0.01 10.75 11.88
C GLU A 54 -0.60 10.95 13.26
N LYS A 55 -1.91 11.14 13.30
CA LYS A 55 -2.61 11.37 14.56
C LYS A 55 -3.10 10.04 15.14
N ALA A 56 -2.89 8.97 14.41
CA ALA A 56 -3.36 7.66 14.82
C ALA A 56 -2.32 6.96 15.69
N ALA A 57 -2.75 6.51 16.86
CA ALA A 57 -1.89 5.77 17.76
C ALA A 57 -1.85 4.29 17.38
N GLU A 58 -2.79 3.91 16.53
CA GLU A 58 -2.91 2.53 16.11
C GLU A 58 -2.75 2.40 14.61
N TRP A 59 -2.04 1.36 14.19
CA TRP A 59 -1.85 1.08 12.77
C TRP A 59 -3.07 0.35 12.21
N GLU A 60 -3.36 0.60 10.95
CA GLU A 60 -4.48 -0.07 10.29
C GLU A 60 -3.97 -0.94 9.16
N ILE A 61 -4.20 -2.24 9.28
CA ILE A 61 -3.79 -3.19 8.27
C ILE A 61 -4.90 -3.44 7.26
N HIS A 62 -4.61 -3.20 6.00
CA HIS A 62 -5.55 -3.45 4.92
C HIS A 62 -4.96 -4.48 3.97
N PHE A 63 -5.82 -5.18 3.25
CA PHE A 63 -5.36 -6.23 2.37
C PHE A 63 -5.82 -5.96 0.93
N ALA A 64 -4.88 -6.04 -0.01
CA ALA A 64 -5.20 -5.80 -1.41
C ALA A 64 -5.40 -7.11 -2.15
N GLY A 65 -4.64 -8.13 -1.76
CA GLY A 65 -4.75 -9.42 -2.41
C GLY A 65 -3.65 -9.61 -3.43
N GLN A 66 -4.00 -10.23 -4.55
CA GLN A 66 -3.02 -10.49 -5.61
C GLN A 66 -3.03 -9.32 -6.61
N GLN A 67 -2.85 -8.11 -6.10
CA GLN A 67 -2.84 -6.91 -6.92
C GLN A 67 -1.95 -5.84 -6.30
N THR A 68 -1.37 -5.00 -7.15
CA THR A 68 -0.41 -4.02 -6.69
C THR A 68 -1.03 -2.63 -6.58
N GLU A 69 -2.31 -2.58 -6.23
CA GLU A 69 -3.00 -1.31 -6.08
C GLU A 69 -4.05 -1.40 -4.97
N PHE A 70 -4.08 -0.39 -4.12
CA PHE A 70 -5.09 -0.32 -3.07
C PHE A 70 -5.63 1.11 -2.95
N LYS A 71 -6.89 1.25 -2.56
CA LYS A 71 -7.52 2.56 -2.48
C LYS A 71 -7.98 2.86 -1.05
N ILE A 72 -7.81 4.11 -0.63
CA ILE A 72 -8.26 4.56 0.68
C ILE A 72 -9.31 5.65 0.51
N LEU A 73 -10.38 5.57 1.29
CA LEU A 73 -11.43 6.58 1.24
C LEU A 73 -11.35 7.52 2.44
N SER A 74 -10.74 7.04 3.52
CA SER A 74 -10.64 7.80 4.75
C SER A 74 -9.37 8.67 4.78
N LEU A 75 -9.43 9.82 4.12
CA LEU A 75 -8.32 10.76 4.15
C LEU A 75 -8.75 12.07 4.80
N HIS A 76 -7.94 12.55 5.73
CA HIS A 76 -8.17 13.84 6.37
C HIS A 76 -7.29 14.90 5.73
N PRO A 77 -7.90 15.93 5.13
CA PRO A 77 -7.17 17.01 4.44
C PRO A 77 -6.17 17.72 5.34
N GLY A 78 -4.89 17.64 4.97
CA GLY A 78 -3.86 18.32 5.74
C GLY A 78 -3.16 17.40 6.72
N GLN A 79 -3.48 16.12 6.68
CA GLN A 79 -2.87 15.17 7.58
C GLN A 79 -1.91 14.25 6.83
N LYS A 80 -0.91 13.76 7.54
CA LYS A 80 0.10 12.89 6.98
C LYS A 80 -0.28 11.43 7.21
N TYR A 81 -0.11 10.60 6.20
CA TYR A 81 -0.37 9.18 6.32
C TYR A 81 0.89 8.38 6.01
N LEU A 82 1.11 7.33 6.79
CA LEU A 82 2.23 6.44 6.57
C LEU A 82 1.72 5.15 5.94
N VAL A 83 2.29 4.76 4.81
CA VAL A 83 1.84 3.57 4.12
C VAL A 83 2.99 2.57 3.91
N GLN A 84 2.69 1.30 4.09
CA GLN A 84 3.68 0.24 3.92
C GLN A 84 3.03 -0.97 3.27
N VAL A 85 3.69 -1.54 2.29
CA VAL A 85 3.19 -2.74 1.63
C VAL A 85 4.28 -3.80 1.58
N ARG A 86 3.91 -5.03 1.86
CA ARG A 86 4.86 -6.14 1.77
C ARG A 86 4.16 -7.38 1.25
N CYS A 87 4.90 -8.22 0.55
CA CYS A 87 4.33 -9.39 -0.11
C CYS A 87 4.92 -10.67 0.44
N LYS A 88 4.23 -11.78 0.27
CA LYS A 88 4.70 -13.06 0.78
C LYS A 88 4.31 -14.21 -0.15
N PRO A 89 5.31 -14.87 -0.75
CA PRO A 89 5.11 -16.02 -1.60
C PRO A 89 5.14 -17.32 -0.80
N ASP A 90 5.15 -18.44 -1.49
CA ASP A 90 5.24 -19.74 -0.83
C ASP A 90 6.70 -20.14 -0.63
N HIS A 91 7.59 -19.19 -0.87
CA HIS A 91 9.02 -19.41 -0.70
C HIS A 91 9.51 -18.86 0.64
N GLY A 92 8.75 -17.93 1.21
CA GLY A 92 9.17 -17.29 2.43
C GLY A 92 8.07 -16.49 3.09
N TYR A 93 8.44 -15.60 3.99
CA TYR A 93 7.48 -14.82 4.76
C TYR A 93 8.11 -13.55 5.27
N TRP A 94 7.32 -12.73 5.97
CA TRP A 94 7.83 -11.52 6.59
C TRP A 94 7.21 -11.34 7.96
N SER A 95 8.02 -10.96 8.93
CA SER A 95 7.56 -10.79 10.29
C SER A 95 7.61 -9.34 10.72
N ALA A 96 7.93 -8.45 9.78
CA ALA A 96 8.07 -7.03 10.09
C ALA A 96 7.85 -6.16 8.87
N TRP A 97 7.70 -4.86 9.11
CA TRP A 97 7.55 -3.89 8.03
C TRP A 97 8.82 -3.08 7.90
N SER A 98 9.13 -2.65 6.68
CA SER A 98 10.36 -1.92 6.43
C SER A 98 10.13 -0.71 5.51
N PRO A 99 9.61 -0.90 4.27
CA PRO A 99 9.42 0.23 3.34
C PRO A 99 8.26 1.15 3.76
N ALA A 100 8.55 2.08 4.67
CA ALA A 100 7.56 3.05 5.10
C ALA A 100 7.57 4.27 4.19
N THR A 101 6.48 4.46 3.49
CA THR A 101 6.34 5.59 2.60
C THR A 101 5.37 6.61 3.21
N PHE A 102 5.71 7.88 3.09
CA PHE A 102 4.92 8.93 3.69
C PHE A 102 4.15 9.70 2.62
N ILE A 103 2.91 10.04 2.92
CA ILE A 103 2.09 10.81 1.98
C ILE A 103 1.33 11.91 2.74
N GLN A 104 1.35 13.10 2.18
CA GLN A 104 0.64 14.23 2.75
C GLN A 104 -0.64 14.48 1.98
N ILE A 105 -1.77 14.46 2.68
CA ILE A 105 -3.05 14.72 2.06
C ILE A 105 -3.25 16.23 1.89
N PRO A 106 -3.48 16.68 0.66
CA PRO A 106 -3.63 18.11 0.35
C PRO A 106 -4.80 18.75 1.09
N SER A 107 -4.66 20.03 1.39
CA SER A 107 -5.70 20.79 2.04
C SER A 107 -6.91 20.92 1.13
N ASP A 108 -6.64 20.85 -0.17
CA ASP A 108 -7.69 20.94 -1.19
C ASP A 108 -8.19 19.54 -1.55
N PHE A 109 -8.10 18.62 -0.61
CA PHE A 109 -8.57 17.25 -0.82
C PHE A 109 -10.07 17.23 -1.08
N THR A 110 -10.81 17.95 -0.24
CA THR A 110 -12.24 18.05 -0.41
C THR A 110 -12.58 19.34 -1.14
N MET A 111 -13.14 19.19 -2.32
CA MET A 111 -13.48 20.33 -3.18
C MET A 111 -14.82 20.10 -3.85
N ASN A 112 -14.89 19.04 -4.64
CA ASN A 112 -16.11 18.70 -5.35
C ASN A 112 -16.21 17.19 -5.50
N ASP A 113 -17.42 16.69 -5.63
CA ASP A 113 -17.65 15.25 -5.79
C ASP A 113 -19.00 15.05 -6.44
N MET A 1 22.76 -21.57 0.20
CA MET A 1 22.43 -20.12 0.33
C MET A 1 21.12 -19.95 1.09
N TYR A 2 20.97 -18.83 1.76
CA TYR A 2 19.73 -18.50 2.42
C TYR A 2 18.88 -17.57 1.57
N ILE A 3 17.60 -17.85 1.53
CA ILE A 3 16.65 -17.03 0.81
C ILE A 3 16.31 -15.78 1.62
N VAL A 4 16.74 -14.64 1.13
CA VAL A 4 16.59 -13.39 1.86
C VAL A 4 15.46 -12.54 1.30
N GLN A 5 14.71 -11.92 2.20
CA GLN A 5 13.59 -11.07 1.82
C GLN A 5 13.90 -9.61 2.17
N PRO A 6 14.52 -8.86 1.26
CA PRO A 6 14.83 -7.45 1.50
C PRO A 6 13.57 -6.58 1.46
N ASP A 7 13.13 -6.21 0.27
CA ASP A 7 11.88 -5.48 0.10
C ASP A 7 11.11 -6.10 -1.06
N PRO A 8 10.29 -7.12 -0.78
CA PRO A 8 9.51 -7.81 -1.80
C PRO A 8 8.65 -6.86 -2.66
N PRO A 9 7.91 -5.90 -2.06
CA PRO A 9 7.23 -4.87 -2.82
C PRO A 9 8.05 -3.58 -2.87
N LEU A 10 8.66 -3.33 -4.01
CA LEU A 10 9.53 -2.17 -4.15
C LEU A 10 8.75 -0.98 -4.66
N GLU A 11 9.48 0.12 -4.78
CA GLU A 11 9.02 1.28 -5.53
C GLU A 11 7.61 1.68 -5.13
N LEU A 12 7.38 1.77 -3.83
CA LEU A 12 6.07 2.15 -3.31
C LEU A 12 5.74 3.58 -3.71
N ALA A 13 4.75 3.72 -4.57
CA ALA A 13 4.35 5.02 -5.07
C ALA A 13 2.96 5.37 -4.57
N VAL A 14 2.83 6.55 -3.98
CA VAL A 14 1.56 7.00 -3.45
C VAL A 14 1.10 8.24 -4.20
N GLU A 15 -0.12 8.19 -4.73
CA GLU A 15 -0.65 9.29 -5.48
C GLU A 15 -2.13 9.49 -5.16
N VAL A 16 -2.49 10.71 -4.79
CA VAL A 16 -3.89 11.02 -4.49
C VAL A 16 -4.65 11.30 -5.77
N LYS A 17 -5.83 10.71 -5.89
CA LYS A 17 -6.66 10.89 -7.08
C LYS A 17 -8.04 11.42 -6.72
N GLN A 18 -8.33 12.60 -7.23
CA GLN A 18 -9.61 13.25 -7.01
C GLN A 18 -10.42 13.23 -8.30
N PRO A 19 -11.37 12.28 -8.44
CA PRO A 19 -12.18 12.13 -9.65
C PRO A 19 -13.14 13.30 -9.87
N GLU A 20 -14.31 13.25 -9.22
CA GLU A 20 -15.31 14.31 -9.35
C GLU A 20 -16.49 14.06 -8.42
N ASP A 21 -17.35 13.13 -8.81
CA ASP A 21 -18.48 12.75 -7.97
C ASP A 21 -18.05 11.64 -7.02
N ARG A 22 -17.18 10.79 -7.52
CA ARG A 22 -16.56 9.76 -6.70
C ARG A 22 -15.67 10.42 -5.66
N LYS A 23 -15.76 9.96 -4.42
CA LYS A 23 -14.96 10.51 -3.33
C LYS A 23 -13.47 10.39 -3.63
N PRO A 24 -12.71 11.46 -3.38
CA PRO A 24 -11.26 11.47 -3.58
C PRO A 24 -10.57 10.45 -2.69
N TYR A 25 -9.57 9.77 -3.24
CA TYR A 25 -8.94 8.67 -2.53
C TYR A 25 -7.43 8.62 -2.81
N LEU A 26 -6.70 8.02 -1.89
CA LEU A 26 -5.29 7.76 -2.09
C LEU A 26 -5.11 6.48 -2.88
N TRP A 27 -4.30 6.58 -3.92
CA TRP A 27 -4.01 5.43 -4.75
C TRP A 27 -2.58 4.96 -4.50
N ILE A 28 -2.47 3.84 -3.81
CA ILE A 28 -1.16 3.28 -3.47
C ILE A 28 -0.82 2.15 -4.42
N LYS A 29 0.38 2.18 -4.98
CA LYS A 29 0.83 1.11 -5.84
C LYS A 29 2.29 0.77 -5.56
N TRP A 30 2.68 -0.44 -5.90
CA TRP A 30 4.00 -0.94 -5.59
C TRP A 30 4.50 -1.82 -6.74
N SER A 31 5.81 -1.95 -6.86
CA SER A 31 6.40 -2.73 -7.93
C SER A 31 7.11 -3.97 -7.39
N PRO A 32 6.52 -5.16 -7.57
CA PRO A 32 7.16 -6.42 -7.21
C PRO A 32 8.32 -6.73 -8.16
N PRO A 33 9.16 -7.72 -7.82
CA PRO A 33 10.27 -8.14 -8.70
C PRO A 33 9.80 -8.43 -10.14
N THR A 34 10.73 -8.29 -11.09
CA THR A 34 10.43 -8.43 -12.51
C THR A 34 9.57 -9.65 -12.80
N LEU A 35 10.11 -10.83 -12.51
CA LEU A 35 9.36 -12.06 -12.69
C LEU A 35 9.78 -13.09 -11.64
N ILE A 36 8.79 -13.59 -10.91
CA ILE A 36 9.05 -14.56 -9.85
C ILE A 36 8.49 -15.92 -10.23
N ASP A 37 7.24 -15.93 -10.66
CA ASP A 37 6.53 -17.16 -11.02
C ASP A 37 6.50 -18.12 -9.83
N LEU A 38 5.58 -17.84 -8.92
CA LEU A 38 5.38 -18.69 -7.75
C LEU A 38 4.76 -20.01 -8.22
N LYS A 39 3.54 -19.90 -8.71
CA LYS A 39 2.86 -21.00 -9.39
C LYS A 39 2.07 -20.45 -10.53
N THR A 40 2.42 -20.89 -11.72
CA THR A 40 1.97 -20.27 -12.94
C THR A 40 0.45 -20.30 -13.09
N GLY A 41 -0.18 -19.14 -12.94
CA GLY A 41 -1.60 -19.01 -13.20
C GLY A 41 -2.47 -19.35 -12.00
N TRP A 42 -2.30 -20.55 -11.47
CA TRP A 42 -3.18 -21.04 -10.40
C TRP A 42 -2.76 -20.50 -9.03
N PHE A 43 -1.85 -19.54 -9.02
CA PHE A 43 -1.46 -18.85 -7.79
C PHE A 43 -0.98 -17.45 -8.11
N THR A 44 -1.37 -16.50 -7.29
CA THR A 44 -0.92 -15.13 -7.43
C THR A 44 -0.56 -14.58 -6.05
N LEU A 45 0.40 -13.66 -6.00
CA LEU A 45 0.88 -13.14 -4.73
C LEU A 45 -0.08 -12.11 -4.18
N LEU A 46 -0.52 -12.33 -2.96
CA LEU A 46 -1.44 -11.43 -2.29
C LEU A 46 -0.69 -10.36 -1.53
N TYR A 47 -1.20 -9.14 -1.60
CA TYR A 47 -0.56 -8.00 -0.99
C TYR A 47 -1.40 -7.43 0.15
N GLU A 48 -0.72 -6.86 1.13
CA GLU A 48 -1.37 -6.31 2.31
C GLU A 48 -0.81 -4.92 2.59
N ILE A 49 -1.70 -3.97 2.85
CA ILE A 49 -1.29 -2.57 3.02
C ILE A 49 -1.53 -2.12 4.46
N ARG A 50 -0.52 -1.50 5.05
CA ARG A 50 -0.64 -0.96 6.40
C ARG A 50 -0.44 0.54 6.36
N LEU A 51 -1.44 1.28 6.79
CA LEU A 51 -1.36 2.74 6.76
C LEU A 51 -2.08 3.35 7.95
N LYS A 52 -1.75 4.59 8.26
CA LYS A 52 -2.41 5.33 9.32
C LYS A 52 -2.00 6.80 9.26
N PRO A 53 -2.90 7.71 9.63
CA PRO A 53 -2.56 9.12 9.75
C PRO A 53 -1.63 9.39 10.93
N GLU A 54 -1.07 10.58 10.97
CA GLU A 54 -0.18 10.99 12.03
C GLU A 54 -0.89 10.99 13.38
N LYS A 55 -2.21 11.24 13.36
CA LYS A 55 -3.00 11.33 14.58
C LYS A 55 -3.48 9.94 15.00
N ALA A 56 -3.01 8.91 14.31
CA ALA A 56 -3.42 7.55 14.61
C ALA A 56 -2.45 6.87 15.56
N ALA A 57 -2.99 6.26 16.60
CA ALA A 57 -2.18 5.56 17.59
C ALA A 57 -1.93 4.12 17.17
N GLU A 58 -2.83 3.57 16.37
CA GLU A 58 -2.70 2.20 15.91
C GLU A 58 -2.74 2.16 14.38
N TRP A 59 -2.06 1.19 13.81
CA TRP A 59 -1.98 1.06 12.36
C TRP A 59 -3.20 0.36 11.79
N GLU A 60 -3.59 0.77 10.59
CA GLU A 60 -4.69 0.13 9.89
C GLU A 60 -4.15 -0.86 8.86
N ILE A 61 -4.51 -2.11 9.02
CA ILE A 61 -4.12 -3.14 8.08
C ILE A 61 -5.27 -3.41 7.10
N HIS A 62 -5.03 -3.12 5.84
CA HIS A 62 -6.03 -3.29 4.80
C HIS A 62 -5.53 -4.28 3.75
N PHE A 63 -6.19 -5.42 3.66
CA PHE A 63 -5.83 -6.44 2.69
C PHE A 63 -6.41 -6.10 1.32
N ALA A 64 -5.59 -6.20 0.28
CA ALA A 64 -6.02 -5.84 -1.06
C ALA A 64 -6.38 -7.06 -1.88
N GLY A 65 -5.46 -8.02 -1.93
CA GLY A 65 -5.65 -9.19 -2.74
C GLY A 65 -4.46 -9.42 -3.64
N GLN A 66 -4.69 -9.87 -4.87
CA GLN A 66 -3.60 -10.11 -5.81
C GLN A 66 -3.42 -8.92 -6.75
N GLN A 67 -3.92 -7.77 -6.33
CA GLN A 67 -3.81 -6.56 -7.12
C GLN A 67 -2.74 -5.65 -6.53
N THR A 68 -2.01 -4.97 -7.39
CA THR A 68 -0.88 -4.16 -6.95
C THR A 68 -1.27 -2.70 -6.78
N GLU A 69 -2.49 -2.49 -6.30
CA GLU A 69 -2.97 -1.14 -6.01
C GLU A 69 -4.09 -1.20 -4.98
N PHE A 70 -4.14 -0.19 -4.12
CA PHE A 70 -5.20 -0.10 -3.12
C PHE A 70 -5.63 1.36 -2.98
N LYS A 71 -6.89 1.57 -2.60
CA LYS A 71 -7.43 2.91 -2.48
C LYS A 71 -7.82 3.19 -1.02
N ILE A 72 -7.50 4.38 -0.53
CA ILE A 72 -7.91 4.79 0.81
C ILE A 72 -8.92 5.93 0.72
N LEU A 73 -10.10 5.70 1.27
CA LEU A 73 -11.18 6.69 1.21
C LEU A 73 -11.13 7.63 2.40
N SER A 74 -10.81 7.09 3.56
CA SER A 74 -10.76 7.88 4.79
C SER A 74 -9.50 8.74 4.85
N LEU A 75 -9.57 9.90 4.23
CA LEU A 75 -8.43 10.82 4.23
C LEU A 75 -8.87 12.20 4.71
N HIS A 76 -8.07 12.76 5.61
CA HIS A 76 -8.32 14.09 6.13
C HIS A 76 -7.40 15.10 5.47
N PRO A 77 -7.95 16.16 4.86
CA PRO A 77 -7.17 17.19 4.19
C PRO A 77 -6.21 17.90 5.14
N GLY A 78 -4.93 17.91 4.81
CA GLY A 78 -3.94 18.59 5.62
C GLY A 78 -3.38 17.68 6.71
N GLN A 79 -3.38 16.39 6.47
CA GLN A 79 -2.87 15.43 7.44
C GLN A 79 -1.82 14.53 6.81
N LYS A 80 -0.84 14.13 7.63
CA LYS A 80 0.20 13.22 7.20
C LYS A 80 -0.25 11.77 7.36
N TYR A 81 -0.05 10.98 6.31
CA TYR A 81 -0.36 9.56 6.36
C TYR A 81 0.88 8.73 6.08
N LEU A 82 1.07 7.69 6.86
CA LEU A 82 2.18 6.77 6.65
C LEU A 82 1.65 5.49 6.02
N VAL A 83 2.24 5.09 4.90
CA VAL A 83 1.77 3.91 4.18
C VAL A 83 2.88 2.88 4.00
N GLN A 84 2.49 1.62 4.10
CA GLN A 84 3.40 0.50 3.90
C GLN A 84 2.67 -0.64 3.19
N VAL A 85 3.42 -1.51 2.55
CA VAL A 85 2.83 -2.66 1.88
C VAL A 85 3.74 -3.88 2.04
N ARG A 86 3.13 -5.05 2.17
CA ARG A 86 3.89 -6.28 2.28
C ARG A 86 3.23 -7.39 1.46
N CYS A 87 3.90 -8.52 1.43
CA CYS A 87 3.41 -9.71 0.76
C CYS A 87 4.15 -10.92 1.31
N LYS A 88 3.95 -12.09 0.72
CA LYS A 88 4.66 -13.28 1.16
C LYS A 88 5.04 -14.17 -0.02
N PRO A 89 6.24 -13.94 -0.58
CA PRO A 89 6.72 -14.71 -1.73
C PRO A 89 7.02 -16.15 -1.37
N ASP A 90 6.86 -17.03 -2.36
CA ASP A 90 7.03 -18.48 -2.18
C ASP A 90 8.46 -18.83 -1.76
N HIS A 91 9.41 -17.97 -2.10
CA HIS A 91 10.80 -18.21 -1.74
C HIS A 91 11.01 -17.93 -0.26
N GLY A 92 10.37 -16.88 0.24
CA GLY A 92 10.59 -16.47 1.61
C GLY A 92 9.33 -16.53 2.44
N TYR A 93 9.09 -15.49 3.22
CA TYR A 93 7.95 -15.44 4.13
C TYR A 93 7.70 -13.99 4.57
N TRP A 94 6.85 -13.79 5.57
CA TRP A 94 6.64 -12.47 6.16
C TRP A 94 7.96 -11.82 6.55
N SER A 95 8.08 -10.53 6.29
CA SER A 95 9.26 -9.78 6.71
C SER A 95 8.83 -8.45 7.33
N ALA A 96 7.61 -8.44 7.86
CA ALA A 96 7.03 -7.24 8.46
C ALA A 96 6.96 -6.10 7.44
N TRP A 97 7.00 -4.88 7.94
CA TRP A 97 6.83 -3.70 7.11
C TRP A 97 8.09 -2.83 7.12
N SER A 98 8.73 -2.71 5.97
CA SER A 98 9.94 -1.89 5.88
C SER A 98 9.70 -0.54 5.19
N PRO A 99 9.06 -0.47 4.00
CA PRO A 99 8.93 0.80 3.25
C PRO A 99 7.82 1.70 3.80
N ALA A 100 8.12 2.43 4.87
CA ALA A 100 7.16 3.37 5.43
C ALA A 100 7.24 4.70 4.69
N THR A 101 6.29 4.90 3.80
CA THR A 101 6.27 6.07 2.95
C THR A 101 5.36 7.15 3.55
N PHE A 102 5.88 8.37 3.62
CA PHE A 102 5.14 9.48 4.19
C PHE A 102 4.44 10.27 3.09
N ILE A 103 3.12 10.26 3.11
CA ILE A 103 2.33 10.97 2.11
C ILE A 103 1.49 12.05 2.77
N GLN A 104 1.48 13.23 2.17
CA GLN A 104 0.71 14.34 2.68
C GLN A 104 -0.57 14.53 1.89
N ILE A 105 -1.67 14.73 2.59
CA ILE A 105 -2.94 14.98 1.95
C ILE A 105 -3.15 16.49 1.78
N PRO A 106 -3.23 16.97 0.54
CA PRO A 106 -3.40 18.41 0.26
C PRO A 106 -4.70 18.95 0.84
N SER A 107 -4.68 20.23 1.20
CA SER A 107 -5.85 20.89 1.74
C SER A 107 -6.94 21.02 0.70
N ASP A 108 -6.56 20.88 -0.58
CA ASP A 108 -7.51 20.96 -1.68
C ASP A 108 -8.14 19.59 -1.93
N PHE A 109 -7.90 18.66 -1.01
CA PHE A 109 -8.55 17.36 -1.05
C PHE A 109 -10.04 17.54 -0.85
N THR A 110 -10.38 18.48 0.02
CA THR A 110 -11.74 18.87 0.30
C THR A 110 -11.74 20.29 0.84
N MET A 111 -12.73 21.08 0.43
CA MET A 111 -12.79 22.51 0.79
C MET A 111 -12.87 22.71 2.30
N ASN A 112 -13.27 21.67 3.02
CA ASN A 112 -13.23 21.67 4.47
C ASN A 112 -12.51 20.42 4.95
N ASP A 113 -11.83 20.52 6.08
CA ASP A 113 -11.12 19.38 6.64
C ASP A 113 -11.87 18.82 7.84
N MET A 1 20.12 -18.45 10.52
CA MET A 1 19.93 -16.98 10.65
C MET A 1 18.50 -16.61 10.29
N TYR A 2 18.18 -15.33 10.36
CA TYR A 2 16.85 -14.85 10.01
C TYR A 2 16.61 -15.02 8.51
N ILE A 3 15.45 -15.55 8.19
CA ILE A 3 15.01 -15.68 6.81
C ILE A 3 14.72 -14.31 6.21
N VAL A 4 15.63 -13.87 5.37
CA VAL A 4 15.54 -12.54 4.79
C VAL A 4 14.82 -12.58 3.45
N GLN A 5 13.91 -11.65 3.26
CA GLN A 5 13.13 -11.58 2.03
C GLN A 5 13.69 -10.49 1.12
N PRO A 6 14.39 -10.88 0.04
CA PRO A 6 14.88 -9.94 -0.95
C PRO A 6 13.85 -9.75 -2.05
N ASP A 7 14.26 -9.05 -3.11
CA ASP A 7 13.37 -8.72 -4.24
C ASP A 7 11.92 -8.47 -3.81
N PRO A 8 11.71 -7.50 -2.89
CA PRO A 8 10.41 -7.24 -2.29
C PRO A 8 9.62 -6.20 -3.06
N PRO A 9 8.36 -5.94 -2.64
CA PRO A 9 7.54 -4.87 -3.23
C PRO A 9 8.27 -3.54 -3.20
N LEU A 10 8.64 -3.06 -4.36
CA LEU A 10 9.43 -1.84 -4.48
C LEU A 10 8.71 -0.82 -5.35
N GLU A 11 9.32 0.34 -5.51
CA GLU A 11 8.73 1.45 -6.27
C GLU A 11 7.33 1.77 -5.76
N LEU A 12 7.21 1.85 -4.44
CA LEU A 12 5.94 2.16 -3.81
C LEU A 12 5.56 3.62 -4.08
N ALA A 13 4.70 3.82 -5.05
CA ALA A 13 4.28 5.15 -5.45
C ALA A 13 2.93 5.48 -4.84
N VAL A 14 2.84 6.63 -4.22
CA VAL A 14 1.60 7.06 -3.58
C VAL A 14 1.18 8.40 -4.14
N GLU A 15 -0.05 8.48 -4.60
CA GLU A 15 -0.58 9.73 -5.15
C GLU A 15 -2.05 9.90 -4.79
N VAL A 16 -2.50 11.14 -4.85
CA VAL A 16 -3.87 11.44 -4.49
C VAL A 16 -4.69 11.76 -5.74
N LYS A 17 -5.84 11.11 -5.88
CA LYS A 17 -6.68 11.31 -7.03
C LYS A 17 -7.96 12.02 -6.62
N GLN A 18 -8.34 13.05 -7.37
CA GLN A 18 -9.52 13.83 -7.04
C GLN A 18 -10.53 13.84 -8.19
N PRO A 19 -11.37 12.80 -8.26
CA PRO A 19 -12.45 12.72 -9.24
C PRO A 19 -13.69 13.46 -8.77
N GLU A 20 -14.60 13.74 -9.69
CA GLU A 20 -15.83 14.46 -9.37
C GLU A 20 -16.98 13.49 -9.16
N ASP A 21 -16.94 12.38 -9.86
CA ASP A 21 -17.99 11.38 -9.77
C ASP A 21 -17.72 10.43 -8.61
N ARG A 22 -16.45 10.37 -8.23
CA ARG A 22 -16.01 9.56 -7.11
C ARG A 22 -15.30 10.45 -6.10
N LYS A 23 -15.60 10.28 -4.82
CA LYS A 23 -14.92 11.04 -3.77
C LYS A 23 -13.42 10.83 -3.85
N PRO A 24 -12.65 11.93 -3.74
CA PRO A 24 -11.18 11.90 -3.81
C PRO A 24 -10.58 10.85 -2.88
N TYR A 25 -9.55 10.18 -3.36
CA TYR A 25 -8.96 9.06 -2.64
C TYR A 25 -7.46 9.02 -2.81
N LEU A 26 -6.79 8.30 -1.93
CA LEU A 26 -5.34 8.10 -2.03
C LEU A 26 -5.05 6.80 -2.75
N TRP A 27 -4.21 6.88 -3.76
CA TRP A 27 -3.88 5.73 -4.58
C TRP A 27 -2.48 5.22 -4.25
N ILE A 28 -2.41 4.02 -3.70
CA ILE A 28 -1.15 3.40 -3.38
C ILE A 28 -0.84 2.31 -4.41
N LYS A 29 0.29 2.45 -5.10
CA LYS A 29 0.68 1.48 -6.11
C LYS A 29 2.12 1.01 -5.89
N TRP A 30 2.30 -0.29 -5.85
CA TRP A 30 3.60 -0.90 -5.63
C TRP A 30 3.96 -1.79 -6.80
N SER A 31 5.24 -2.09 -6.95
CA SER A 31 5.69 -2.97 -8.00
C SER A 31 6.47 -4.14 -7.41
N PRO A 32 6.03 -5.38 -7.71
CA PRO A 32 6.74 -6.58 -7.29
C PRO A 32 7.97 -6.83 -8.17
N PRO A 33 8.82 -7.81 -7.80
CA PRO A 33 9.96 -8.21 -8.62
C PRO A 33 9.57 -8.41 -10.08
N THR A 34 10.44 -7.93 -10.98
CA THR A 34 10.19 -7.98 -12.42
C THR A 34 9.92 -9.40 -12.89
N LEU A 35 10.58 -10.36 -12.25
CA LEU A 35 10.37 -11.77 -12.54
C LEU A 35 10.02 -12.51 -11.26
N ILE A 36 8.78 -12.92 -11.13
CA ILE A 36 8.32 -13.61 -9.94
C ILE A 36 8.32 -15.11 -10.18
N ASP A 37 7.47 -15.56 -11.11
CA ASP A 37 7.33 -16.97 -11.46
C ASP A 37 6.81 -17.80 -10.30
N LEU A 38 5.51 -17.87 -10.17
CA LEU A 38 4.88 -18.70 -9.16
C LEU A 38 4.14 -19.84 -9.83
N LYS A 39 4.44 -20.04 -11.11
CA LYS A 39 3.78 -21.07 -11.90
C LYS A 39 4.30 -22.44 -11.49
N THR A 40 3.43 -23.22 -10.89
CA THR A 40 3.74 -24.55 -10.40
C THR A 40 2.53 -25.16 -9.71
N GLY A 41 1.64 -24.29 -9.23
CA GLY A 41 0.45 -24.73 -8.55
C GLY A 41 -0.40 -23.57 -8.09
N TRP A 42 -1.26 -23.80 -7.12
CA TRP A 42 -2.14 -22.76 -6.61
C TRP A 42 -1.40 -21.88 -5.61
N PHE A 43 -0.54 -21.01 -6.11
CA PHE A 43 0.16 -20.06 -5.26
C PHE A 43 0.21 -18.69 -5.92
N THR A 44 -0.42 -17.72 -5.28
CA THR A 44 -0.39 -16.35 -5.75
C THR A 44 -0.08 -15.44 -4.58
N LEU A 45 0.80 -14.47 -4.80
CA LEU A 45 1.20 -13.57 -3.73
C LEU A 45 0.19 -12.44 -3.58
N LEU A 46 -0.53 -12.47 -2.47
CA LEU A 46 -1.52 -11.45 -2.18
C LEU A 46 -0.89 -10.32 -1.39
N TYR A 47 -1.41 -9.11 -1.56
CA TYR A 47 -0.81 -7.94 -0.96
C TYR A 47 -1.67 -7.40 0.18
N GLU A 48 -1.00 -6.78 1.14
CA GLU A 48 -1.65 -6.25 2.33
C GLU A 48 -1.01 -4.91 2.68
N ILE A 49 -1.83 -3.89 2.89
CA ILE A 49 -1.35 -2.53 3.10
C ILE A 49 -1.58 -2.09 4.54
N ARG A 50 -0.53 -1.59 5.17
CA ARG A 50 -0.61 -1.07 6.52
C ARG A 50 -0.41 0.44 6.49
N LEU A 51 -1.42 1.18 6.96
CA LEU A 51 -1.34 2.63 6.92
C LEU A 51 -2.06 3.23 8.12
N LYS A 52 -1.75 4.49 8.41
CA LYS A 52 -2.41 5.22 9.47
C LYS A 52 -2.06 6.70 9.37
N PRO A 53 -3.00 7.59 9.75
CA PRO A 53 -2.73 9.03 9.85
C PRO A 53 -1.82 9.37 11.03
N GLU A 54 -1.50 10.65 11.16
CA GLU A 54 -0.58 11.09 12.20
C GLU A 54 -1.22 11.01 13.59
N LYS A 55 -2.53 11.18 13.67
CA LYS A 55 -3.23 11.15 14.95
C LYS A 55 -3.71 9.74 15.27
N ALA A 56 -3.21 8.78 14.52
CA ALA A 56 -3.55 7.38 14.73
C ALA A 56 -2.47 6.67 15.53
N ALA A 57 -2.84 6.16 16.68
CA ALA A 57 -1.91 5.42 17.54
C ALA A 57 -1.77 3.99 17.04
N GLU A 58 -2.85 3.47 16.49
CA GLU A 58 -2.87 2.10 15.99
C GLU A 58 -2.72 2.08 14.47
N TRP A 59 -2.26 0.96 13.95
CA TRP A 59 -2.09 0.80 12.52
C TRP A 59 -3.29 0.11 11.89
N GLU A 60 -3.68 0.58 10.72
CA GLU A 60 -4.75 -0.05 9.96
C GLU A 60 -4.17 -1.02 8.94
N ILE A 61 -4.48 -2.28 9.12
CA ILE A 61 -4.10 -3.30 8.15
C ILE A 61 -5.24 -3.52 7.17
N HIS A 62 -4.97 -3.26 5.90
CA HIS A 62 -5.97 -3.42 4.86
C HIS A 62 -5.49 -4.43 3.83
N PHE A 63 -6.10 -5.60 3.82
CA PHE A 63 -5.75 -6.64 2.87
C PHE A 63 -6.32 -6.29 1.49
N ALA A 64 -5.47 -6.26 0.47
CA ALA A 64 -5.89 -5.92 -0.88
C ALA A 64 -6.25 -7.15 -1.67
N GLY A 65 -5.42 -8.17 -1.55
CA GLY A 65 -5.65 -9.41 -2.28
C GLY A 65 -4.76 -9.54 -3.48
N GLN A 66 -5.34 -9.95 -4.61
CA GLN A 66 -4.58 -10.20 -5.82
C GLN A 66 -4.59 -8.95 -6.71
N GLN A 67 -4.06 -7.86 -6.20
CA GLN A 67 -4.02 -6.60 -6.93
C GLN A 67 -2.90 -5.72 -6.38
N THR A 68 -2.27 -4.95 -7.25
CA THR A 68 -1.16 -4.10 -6.85
C THR A 68 -1.59 -2.64 -6.73
N GLU A 69 -2.80 -2.45 -6.24
CA GLU A 69 -3.35 -1.12 -6.06
C GLU A 69 -4.30 -1.11 -4.87
N PHE A 70 -4.26 -0.03 -4.09
CA PHE A 70 -5.21 0.13 -3.00
C PHE A 70 -5.62 1.59 -2.90
N LYS A 71 -6.88 1.81 -2.54
CA LYS A 71 -7.41 3.17 -2.39
C LYS A 71 -7.87 3.42 -0.97
N ILE A 72 -7.43 4.53 -0.39
CA ILE A 72 -7.88 4.95 0.93
C ILE A 72 -8.91 6.05 0.78
N LEU A 73 -10.08 5.85 1.40
CA LEU A 73 -11.16 6.83 1.31
C LEU A 73 -11.20 7.69 2.56
N SER A 74 -10.81 7.11 3.69
CA SER A 74 -10.81 7.83 4.96
C SER A 74 -9.58 8.73 5.06
N LEU A 75 -9.66 9.89 4.44
CA LEU A 75 -8.53 10.82 4.41
C LEU A 75 -8.92 12.20 4.92
N HIS A 76 -8.02 12.81 5.66
CA HIS A 76 -8.20 14.17 6.13
C HIS A 76 -7.20 15.11 5.45
N PRO A 77 -7.68 16.24 4.92
CA PRO A 77 -6.81 17.23 4.26
C PRO A 77 -5.77 17.80 5.22
N GLY A 78 -4.52 17.81 4.80
CA GLY A 78 -3.45 18.33 5.63
C GLY A 78 -3.04 17.36 6.72
N GLN A 79 -3.25 16.08 6.46
CA GLN A 79 -2.88 15.05 7.41
C GLN A 79 -1.79 14.17 6.83
N LYS A 80 -0.81 13.83 7.66
CA LYS A 80 0.26 12.94 7.27
C LYS A 80 -0.18 11.48 7.40
N TYR A 81 0.03 10.71 6.35
CA TYR A 81 -0.28 9.29 6.37
C TYR A 81 0.96 8.47 6.09
N LEU A 82 1.10 7.37 6.82
CA LEU A 82 2.20 6.45 6.61
C LEU A 82 1.68 5.19 5.94
N VAL A 83 2.32 4.79 4.86
CA VAL A 83 1.84 3.64 4.10
C VAL A 83 2.94 2.60 3.87
N GLN A 84 2.57 1.33 4.03
CA GLN A 84 3.47 0.21 3.81
C GLN A 84 2.70 -0.96 3.19
N VAL A 85 3.39 -1.81 2.44
CA VAL A 85 2.75 -2.95 1.80
C VAL A 85 3.61 -4.20 1.94
N ARG A 86 2.96 -5.33 2.23
CA ARG A 86 3.65 -6.60 2.34
C ARG A 86 3.00 -7.64 1.43
N CYS A 87 3.71 -8.72 1.17
CA CYS A 87 3.17 -9.82 0.39
C CYS A 87 3.74 -11.14 0.89
N LYS A 88 3.26 -12.24 0.32
CA LYS A 88 3.81 -13.56 0.62
C LYS A 88 4.50 -14.12 -0.61
N PRO A 89 5.79 -13.82 -0.79
CA PRO A 89 6.58 -14.35 -1.89
C PRO A 89 7.08 -15.76 -1.62
N ASP A 90 7.54 -16.43 -2.67
CA ASP A 90 8.06 -17.79 -2.56
C ASP A 90 9.51 -17.75 -2.09
N HIS A 91 10.12 -16.57 -2.22
CA HIS A 91 11.49 -16.37 -1.76
C HIS A 91 11.51 -16.10 -0.26
N GLY A 92 10.35 -16.30 0.38
CA GLY A 92 10.23 -16.07 1.80
C GLY A 92 8.88 -15.50 2.15
N TYR A 93 8.05 -16.31 2.80
CA TYR A 93 6.70 -15.88 3.17
C TYR A 93 6.74 -14.74 4.17
N TRP A 94 5.91 -13.73 3.91
CA TRP A 94 5.79 -12.55 4.76
C TRP A 94 7.02 -11.65 4.65
N SER A 95 6.85 -10.55 3.94
CA SER A 95 7.92 -9.60 3.74
C SER A 95 7.97 -8.58 4.86
N ALA A 96 7.01 -8.72 5.79
CA ALA A 96 6.93 -7.89 6.98
C ALA A 96 6.71 -6.41 6.62
N TRP A 97 6.85 -5.56 7.62
CA TRP A 97 6.62 -4.14 7.44
C TRP A 97 7.93 -3.37 7.56
N SER A 98 8.38 -2.80 6.44
CA SER A 98 9.66 -2.10 6.42
C SER A 98 9.59 -0.77 5.65
N PRO A 99 9.12 -0.75 4.37
CA PRO A 99 9.12 0.48 3.56
C PRO A 99 8.02 1.48 3.99
N ALA A 100 8.32 2.26 5.01
CA ALA A 100 7.39 3.27 5.50
C ALA A 100 7.46 4.53 4.66
N THR A 101 6.48 4.72 3.81
CA THR A 101 6.43 5.88 2.95
C THR A 101 5.57 6.98 3.57
N PHE A 102 6.07 8.21 3.51
CA PHE A 102 5.36 9.36 4.07
C PHE A 102 4.63 10.10 2.97
N ILE A 103 3.31 10.18 3.08
CA ILE A 103 2.51 10.86 2.08
C ILE A 103 1.64 11.94 2.73
N GLN A 104 1.55 13.08 2.07
CA GLN A 104 0.76 14.20 2.55
C GLN A 104 -0.51 14.37 1.74
N ILE A 105 -1.60 14.68 2.44
CA ILE A 105 -2.87 14.93 1.79
C ILE A 105 -3.07 16.43 1.58
N PRO A 106 -3.31 16.87 0.33
CA PRO A 106 -3.48 18.29 0.01
C PRO A 106 -4.63 18.92 0.78
N SER A 107 -4.50 20.20 1.07
CA SER A 107 -5.51 20.93 1.81
C SER A 107 -6.72 21.22 0.93
N ASP A 108 -6.56 21.07 -0.37
CA ASP A 108 -7.64 21.23 -1.33
C ASP A 108 -8.24 19.88 -1.68
N PHE A 109 -7.97 18.89 -0.82
CA PHE A 109 -8.45 17.53 -1.01
C PHE A 109 -9.97 17.49 -1.16
N THR A 110 -10.66 17.94 -0.13
CA THR A 110 -12.11 17.97 -0.16
C THR A 110 -12.61 19.06 -1.09
N MET A 111 -13.54 18.71 -1.96
CA MET A 111 -14.12 19.68 -2.89
C MET A 111 -15.34 20.33 -2.26
N ASN A 112 -15.14 20.90 -1.08
CA ASN A 112 -16.20 21.55 -0.33
C ASN A 112 -15.64 22.81 0.31
N ASP A 113 -16.51 23.80 0.53
CA ASP A 113 -16.10 25.06 1.11
C ASP A 113 -15.98 24.93 2.63
N MET A 1 18.33 -21.93 8.66
CA MET A 1 16.87 -22.14 8.55
C MET A 1 16.11 -20.94 9.11
N TYR A 2 15.91 -19.94 8.28
CA TYR A 2 15.17 -18.75 8.69
C TYR A 2 14.38 -18.18 7.52
N ILE A 3 13.12 -17.88 7.80
CA ILE A 3 12.23 -17.23 6.84
C ILE A 3 12.62 -15.77 6.65
N VAL A 4 13.41 -15.52 5.64
CA VAL A 4 13.89 -14.18 5.36
C VAL A 4 13.33 -13.67 4.03
N GLN A 5 12.83 -12.44 4.04
CA GLN A 5 12.24 -11.84 2.86
C GLN A 5 13.32 -11.51 1.85
N PRO A 6 13.14 -11.97 0.59
CA PRO A 6 14.09 -11.70 -0.49
C PRO A 6 14.22 -10.22 -0.79
N ASP A 7 13.10 -9.59 -1.11
CA ASP A 7 13.08 -8.16 -1.41
C ASP A 7 11.65 -7.65 -1.37
N PRO A 8 11.39 -6.56 -0.61
CA PRO A 8 10.05 -5.97 -0.51
C PRO A 8 9.62 -5.27 -1.80
N PRO A 9 8.31 -5.23 -2.08
CA PRO A 9 7.77 -4.52 -3.26
C PRO A 9 8.26 -3.08 -3.33
N LEU A 10 9.01 -2.78 -4.37
CA LEU A 10 9.68 -1.49 -4.47
C LEU A 10 8.84 -0.49 -5.27
N GLU A 11 9.33 0.74 -5.34
CA GLU A 11 8.66 1.82 -6.05
C GLU A 11 7.24 2.01 -5.55
N LEU A 12 7.11 2.05 -4.23
CA LEU A 12 5.81 2.28 -3.61
C LEU A 12 5.36 3.71 -3.87
N ALA A 13 4.51 3.86 -4.86
CA ALA A 13 4.05 5.17 -5.29
C ALA A 13 2.73 5.52 -4.61
N VAL A 14 2.66 6.70 -4.04
CA VAL A 14 1.46 7.13 -3.34
C VAL A 14 0.98 8.45 -3.92
N GLU A 15 -0.23 8.46 -4.43
CA GLU A 15 -0.81 9.64 -5.04
C GLU A 15 -2.26 9.78 -4.62
N VAL A 16 -2.79 10.99 -4.70
CA VAL A 16 -4.17 11.22 -4.35
C VAL A 16 -5.00 11.48 -5.62
N LYS A 17 -6.11 10.79 -5.75
CA LYS A 17 -7.01 10.99 -6.87
C LYS A 17 -8.20 11.81 -6.42
N GLN A 18 -8.44 12.91 -7.10
CA GLN A 18 -9.49 13.83 -6.72
C GLN A 18 -10.48 14.05 -7.88
N PRO A 19 -11.40 13.11 -8.07
CA PRO A 19 -12.43 13.20 -9.11
C PRO A 19 -13.67 13.97 -8.62
N GLU A 20 -14.50 14.39 -9.55
CA GLU A 20 -15.72 15.13 -9.21
C GLU A 20 -16.93 14.20 -9.16
N ASP A 21 -16.88 13.16 -9.98
CA ASP A 21 -17.98 12.21 -10.07
C ASP A 21 -17.72 11.03 -9.14
N ARG A 22 -16.46 10.79 -8.86
CA ARG A 22 -16.06 9.77 -7.91
C ARG A 22 -15.47 10.45 -6.68
N LYS A 23 -15.58 9.80 -5.54
CA LYS A 23 -15.11 10.38 -4.29
C LYS A 23 -13.59 10.35 -4.22
N PRO A 24 -12.96 11.44 -3.75
CA PRO A 24 -11.51 11.55 -3.63
C PRO A 24 -10.92 10.40 -2.81
N TYR A 25 -9.86 9.79 -3.32
CA TYR A 25 -9.29 8.61 -2.70
C TYR A 25 -7.78 8.57 -2.87
N LEU A 26 -7.11 7.85 -2.00
CA LEU A 26 -5.66 7.71 -2.06
C LEU A 26 -5.31 6.49 -2.90
N TRP A 27 -4.39 6.69 -3.83
CA TRP A 27 -4.00 5.66 -4.78
C TRP A 27 -2.58 5.17 -4.49
N ILE A 28 -2.48 3.95 -3.99
CA ILE A 28 -1.19 3.38 -3.65
C ILE A 28 -0.83 2.28 -4.66
N LYS A 29 0.33 2.42 -5.30
CA LYS A 29 0.81 1.42 -6.24
C LYS A 29 2.19 0.94 -5.82
N TRP A 30 2.48 -0.31 -6.11
CA TRP A 30 3.78 -0.89 -5.81
C TRP A 30 4.23 -1.78 -6.97
N SER A 31 5.53 -1.90 -7.14
CA SER A 31 6.10 -2.64 -8.26
C SER A 31 6.80 -3.90 -7.77
N PRO A 32 6.62 -5.02 -8.48
CA PRO A 32 7.31 -6.28 -8.19
C PRO A 32 8.83 -6.10 -8.20
N PRO A 33 9.52 -6.58 -7.14
CA PRO A 33 10.97 -6.43 -7.02
C PRO A 33 11.74 -7.23 -8.06
N THR A 34 13.06 -7.05 -8.07
CA THR A 34 13.93 -7.78 -8.98
C THR A 34 14.01 -9.25 -8.57
N LEU A 35 13.94 -9.50 -7.27
CA LEU A 35 13.95 -10.86 -6.76
C LEU A 35 12.57 -11.46 -6.86
N ILE A 36 12.44 -12.72 -6.41
CA ILE A 36 11.20 -13.49 -6.54
C ILE A 36 10.95 -13.86 -7.99
N ASP A 37 10.85 -12.84 -8.86
CA ASP A 37 10.60 -13.01 -10.29
C ASP A 37 9.37 -13.88 -10.51
N LEU A 38 8.22 -13.23 -10.44
CA LEU A 38 6.93 -13.92 -10.56
C LEU A 38 6.66 -14.34 -12.00
N LYS A 39 7.45 -15.30 -12.48
CA LYS A 39 7.26 -15.85 -13.81
C LYS A 39 6.37 -17.08 -13.74
N THR A 40 6.20 -17.58 -12.53
CA THR A 40 5.40 -18.77 -12.29
C THR A 40 3.91 -18.49 -12.50
N GLY A 41 3.32 -19.21 -13.43
CA GLY A 41 1.90 -19.06 -13.71
C GLY A 41 1.05 -19.62 -12.59
N TRP A 42 -0.21 -19.16 -12.53
CA TRP A 42 -1.19 -19.58 -11.52
C TRP A 42 -0.86 -18.98 -10.15
N PHE A 43 0.41 -19.01 -9.77
CA PHE A 43 0.86 -18.39 -8.53
C PHE A 43 0.53 -16.92 -8.51
N THR A 44 -0.26 -16.50 -7.54
CA THR A 44 -0.63 -15.12 -7.41
C THR A 44 -0.14 -14.59 -6.06
N LEU A 45 0.56 -13.48 -6.10
CA LEU A 45 1.10 -12.89 -4.88
C LEU A 45 0.15 -11.85 -4.32
N LEU A 46 -0.25 -12.03 -3.08
CA LEU A 46 -1.20 -11.13 -2.45
C LEU A 46 -0.47 -10.10 -1.59
N TYR A 47 -1.10 -8.95 -1.42
CA TYR A 47 -0.48 -7.83 -0.74
C TYR A 47 -1.39 -7.28 0.36
N GLU A 48 -0.77 -6.77 1.42
CA GLU A 48 -1.49 -6.13 2.50
C GLU A 48 -0.87 -4.77 2.77
N ILE A 49 -1.70 -3.76 3.03
CA ILE A 49 -1.23 -2.40 3.21
C ILE A 49 -1.54 -1.90 4.63
N ARG A 50 -0.51 -1.37 5.28
CA ARG A 50 -0.66 -0.81 6.61
C ARG A 50 -0.45 0.70 6.54
N LEU A 51 -1.46 1.46 6.93
CA LEU A 51 -1.38 2.92 6.85
C LEU A 51 -2.08 3.56 8.03
N LYS A 52 -1.75 4.82 8.30
CA LYS A 52 -2.39 5.58 9.36
C LYS A 52 -2.09 7.07 9.23
N PRO A 53 -3.00 7.92 9.72
CA PRO A 53 -2.74 9.36 9.85
C PRO A 53 -1.74 9.63 10.95
N GLU A 54 -1.08 10.77 10.86
CA GLU A 54 0.06 11.10 11.71
C GLU A 54 -0.31 11.17 13.19
N LYS A 55 -1.56 11.50 13.49
CA LYS A 55 -1.98 11.64 14.87
C LYS A 55 -2.60 10.34 15.38
N ALA A 56 -2.46 9.29 14.58
CA ALA A 56 -2.95 7.97 14.96
C ALA A 56 -1.86 7.20 15.70
N ALA A 57 -2.23 6.62 16.83
CA ALA A 57 -1.32 5.82 17.62
C ALA A 57 -1.27 4.40 17.07
N GLU A 58 -2.42 3.94 16.61
CA GLU A 58 -2.54 2.60 16.06
C GLU A 58 -2.61 2.66 14.53
N TRP A 59 -2.31 1.55 13.90
CA TRP A 59 -2.25 1.49 12.45
C TRP A 59 -3.51 0.86 11.86
N GLU A 60 -3.78 1.19 10.61
CA GLU A 60 -4.87 0.58 9.88
C GLU A 60 -4.33 -0.46 8.91
N ILE A 61 -4.78 -1.69 9.07
CA ILE A 61 -4.38 -2.76 8.18
C ILE A 61 -5.50 -3.04 7.18
N HIS A 62 -5.19 -2.84 5.90
CA HIS A 62 -6.16 -3.08 4.84
C HIS A 62 -5.57 -4.05 3.83
N PHE A 63 -6.28 -5.14 3.58
CA PHE A 63 -5.82 -6.17 2.67
C PHE A 63 -6.28 -5.86 1.26
N ALA A 64 -5.35 -5.81 0.32
CA ALA A 64 -5.67 -5.51 -1.07
C ALA A 64 -6.12 -6.76 -1.80
N GLY A 65 -5.36 -7.83 -1.65
CA GLY A 65 -5.68 -9.06 -2.32
C GLY A 65 -4.72 -9.34 -3.45
N GLN A 66 -5.26 -9.61 -4.63
CA GLN A 66 -4.44 -10.01 -5.77
C GLN A 66 -4.11 -8.80 -6.64
N GLN A 67 -4.49 -7.63 -6.16
CA GLN A 67 -4.29 -6.38 -6.87
C GLN A 67 -3.01 -5.69 -6.40
N THR A 68 -2.30 -5.07 -7.32
CA THR A 68 -1.05 -4.40 -6.99
C THR A 68 -1.24 -2.89 -6.89
N GLU A 69 -2.48 -2.50 -6.62
CA GLU A 69 -2.83 -1.12 -6.36
C GLU A 69 -3.99 -1.09 -5.39
N PHE A 70 -3.94 -0.19 -4.42
CA PHE A 70 -4.99 -0.13 -3.41
C PHE A 70 -5.51 1.29 -3.25
N LYS A 71 -6.78 1.41 -2.90
CA LYS A 71 -7.40 2.72 -2.70
C LYS A 71 -7.79 2.90 -1.25
N ILE A 72 -7.51 4.08 -0.70
CA ILE A 72 -7.98 4.44 0.62
C ILE A 72 -9.04 5.52 0.48
N LEU A 73 -10.14 5.40 1.22
CA LEU A 73 -11.22 6.37 1.17
C LEU A 73 -11.18 7.31 2.36
N SER A 74 -10.70 6.81 3.49
CA SER A 74 -10.65 7.58 4.72
C SER A 74 -9.35 8.35 4.85
N LEU A 75 -9.27 9.49 4.18
CA LEU A 75 -8.12 10.38 4.32
C LEU A 75 -8.54 11.67 4.99
N HIS A 76 -7.78 12.06 6.00
CA HIS A 76 -8.01 13.33 6.68
C HIS A 76 -7.25 14.44 5.98
N PRO A 77 -7.96 15.42 5.42
CA PRO A 77 -7.34 16.54 4.69
C PRO A 77 -6.41 17.35 5.57
N GLY A 78 -5.12 17.34 5.23
CA GLY A 78 -4.17 18.12 5.98
C GLY A 78 -3.24 17.26 6.83
N GLN A 79 -3.45 15.95 6.82
CA GLN A 79 -2.69 15.07 7.67
C GLN A 79 -1.72 14.20 6.88
N LYS A 80 -0.57 13.96 7.47
CA LYS A 80 0.47 13.13 6.86
C LYS A 80 0.21 11.67 7.17
N TYR A 81 0.21 10.85 6.14
CA TYR A 81 -0.04 9.43 6.28
C TYR A 81 1.22 8.63 6.03
N LEU A 82 1.34 7.52 6.75
CA LEU A 82 2.42 6.59 6.53
C LEU A 82 1.85 5.30 5.93
N VAL A 83 2.41 4.85 4.83
CA VAL A 83 1.89 3.67 4.16
C VAL A 83 2.97 2.61 3.95
N GLN A 84 2.59 1.35 4.10
CA GLN A 84 3.49 0.22 3.87
C GLN A 84 2.75 -0.93 3.22
N VAL A 85 3.39 -1.59 2.26
CA VAL A 85 2.82 -2.76 1.63
C VAL A 85 3.79 -3.94 1.72
N ARG A 86 3.26 -5.13 1.95
CA ARG A 86 4.09 -6.33 2.05
C ARG A 86 3.44 -7.48 1.30
N CYS A 87 4.28 -8.38 0.80
CA CYS A 87 3.82 -9.52 0.03
C CYS A 87 4.43 -10.81 0.59
N LYS A 88 3.78 -11.93 0.36
CA LYS A 88 4.20 -13.18 0.99
C LYS A 88 4.42 -14.31 -0.02
N PRO A 89 5.63 -14.37 -0.59
CA PRO A 89 6.03 -15.48 -1.45
C PRO A 89 6.33 -16.72 -0.62
N ASP A 90 6.39 -17.86 -1.28
CA ASP A 90 6.63 -19.13 -0.59
C ASP A 90 8.06 -19.23 -0.11
N HIS A 91 8.90 -18.35 -0.64
CA HIS A 91 10.29 -18.27 -0.22
C HIS A 91 10.46 -17.39 1.00
N GLY A 92 9.38 -16.72 1.41
CA GLY A 92 9.47 -15.83 2.55
C GLY A 92 8.12 -15.30 2.98
N TYR A 93 7.56 -15.90 4.03
CA TYR A 93 6.31 -15.42 4.60
C TYR A 93 6.60 -14.36 5.66
N TRP A 94 6.09 -13.16 5.43
CA TRP A 94 6.40 -12.04 6.31
C TRP A 94 5.53 -12.07 7.55
N SER A 95 6.09 -11.63 8.66
CA SER A 95 5.36 -11.47 9.90
C SER A 95 5.55 -10.06 10.44
N ALA A 96 6.26 -9.26 9.66
CA ALA A 96 6.55 -7.89 10.05
C ALA A 96 6.62 -7.00 8.81
N TRP A 97 6.77 -5.70 9.03
CA TRP A 97 6.80 -4.71 7.96
C TRP A 97 8.17 -4.06 7.89
N SER A 98 8.35 -3.09 7.00
CA SER A 98 9.66 -2.44 6.82
C SER A 98 9.61 -1.14 5.97
N PRO A 99 8.99 -1.15 4.76
CA PRO A 99 9.10 0.00 3.84
C PRO A 99 8.06 1.10 4.11
N ALA A 100 8.39 2.01 5.03
CA ALA A 100 7.49 3.10 5.38
C ALA A 100 7.60 4.26 4.41
N THR A 101 6.51 4.50 3.68
CA THR A 101 6.44 5.63 2.78
C THR A 101 5.52 6.70 3.36
N PHE A 102 5.91 7.95 3.21
CA PHE A 102 5.15 9.05 3.76
C PHE A 102 4.38 9.77 2.64
N ILE A 103 3.23 10.32 2.98
CA ILE A 103 2.42 11.07 2.03
C ILE A 103 1.54 12.07 2.76
N GLN A 104 1.50 13.30 2.26
CA GLN A 104 0.66 14.33 2.85
C GLN A 104 -0.65 14.44 2.08
N ILE A 105 -1.76 14.32 2.80
CA ILE A 105 -3.07 14.46 2.20
C ILE A 105 -3.40 15.94 2.05
N PRO A 106 -3.58 16.41 0.80
CA PRO A 106 -3.83 17.84 0.53
C PRO A 106 -5.07 18.35 1.24
N SER A 107 -5.03 19.61 1.66
CA SER A 107 -6.16 20.21 2.34
C SER A 107 -7.32 20.43 1.38
N ASP A 108 -7.05 20.20 0.10
CA ASP A 108 -8.07 20.29 -0.95
C ASP A 108 -8.97 19.05 -0.89
N PHE A 109 -8.51 18.03 -0.18
CA PHE A 109 -9.24 16.78 -0.05
C PHE A 109 -10.59 17.02 0.63
N THR A 110 -11.65 16.49 0.06
CA THR A 110 -13.01 16.63 0.59
C THR A 110 -13.51 18.08 0.42
N MET A 111 -14.84 18.23 0.35
CA MET A 111 -15.49 19.53 0.21
C MET A 111 -15.36 20.08 -1.22
N ASN A 112 -14.15 20.45 -1.58
CA ASN A 112 -13.89 21.04 -2.90
C ASN A 112 -12.41 20.92 -3.24
N ASP A 113 -12.12 20.48 -4.45
CA ASP A 113 -10.73 20.32 -4.89
C ASP A 113 -10.25 21.60 -5.56
N MET A 1 10.06 -24.81 3.78
CA MET A 1 11.27 -25.01 4.61
C MET A 1 11.88 -23.68 4.99
N TYR A 2 12.29 -22.90 3.98
CA TYR A 2 12.92 -21.61 4.21
C TYR A 2 12.13 -20.49 3.57
N ILE A 3 12.07 -19.37 4.27
CA ILE A 3 11.42 -18.18 3.78
C ILE A 3 12.33 -17.43 2.82
N VAL A 4 12.09 -17.62 1.54
CA VAL A 4 12.91 -17.02 0.52
C VAL A 4 12.48 -15.57 0.24
N GLN A 5 13.37 -14.63 0.53
CA GLN A 5 13.10 -13.23 0.29
C GLN A 5 14.26 -12.60 -0.47
N PRO A 6 14.15 -12.54 -1.81
CA PRO A 6 15.18 -11.93 -2.65
C PRO A 6 15.27 -10.42 -2.45
N ASP A 7 14.17 -9.74 -2.70
CA ASP A 7 14.12 -8.29 -2.55
C ASP A 7 12.67 -7.86 -2.30
N PRO A 8 12.42 -7.17 -1.16
CA PRO A 8 11.09 -6.66 -0.82
C PRO A 8 10.59 -5.62 -1.82
N PRO A 9 9.26 -5.38 -1.85
CA PRO A 9 8.62 -4.45 -2.80
C PRO A 9 9.27 -3.08 -2.79
N LEU A 10 9.27 -2.44 -3.95
CA LEU A 10 9.97 -1.19 -4.13
C LEU A 10 9.13 -0.20 -4.93
N GLU A 11 9.60 1.04 -5.00
CA GLU A 11 8.94 2.10 -5.77
C GLU A 11 7.49 2.26 -5.34
N LEU A 12 7.29 2.52 -4.05
CA LEU A 12 5.96 2.72 -3.51
C LEU A 12 5.48 4.14 -3.79
N ALA A 13 4.75 4.30 -4.89
CA ALA A 13 4.25 5.60 -5.29
C ALA A 13 2.89 5.85 -4.66
N VAL A 14 2.74 7.00 -4.03
CA VAL A 14 1.49 7.34 -3.38
C VAL A 14 0.91 8.60 -3.99
N GLU A 15 -0.23 8.47 -4.63
CA GLU A 15 -0.84 9.58 -5.36
C GLU A 15 -2.33 9.63 -5.07
N VAL A 16 -2.83 10.81 -4.73
CA VAL A 16 -4.24 10.97 -4.42
C VAL A 16 -5.05 11.28 -5.66
N LYS A 17 -6.17 10.60 -5.81
CA LYS A 17 -7.06 10.82 -6.95
C LYS A 17 -8.33 11.51 -6.49
N GLN A 18 -8.71 12.56 -7.19
CA GLN A 18 -9.88 13.34 -6.85
C GLN A 18 -10.84 13.42 -8.04
N PRO A 19 -11.70 12.41 -8.20
CA PRO A 19 -12.67 12.34 -9.30
C PRO A 19 -13.77 13.39 -9.17
N GLU A 20 -14.37 13.73 -10.31
CA GLU A 20 -15.40 14.76 -10.37
C GLU A 20 -16.74 14.21 -9.87
N ASP A 21 -16.87 12.90 -9.83
CA ASP A 21 -18.10 12.27 -9.39
C ASP A 21 -17.87 11.45 -8.13
N ARG A 22 -16.85 10.60 -8.15
CA ARG A 22 -16.54 9.75 -7.01
C ARG A 22 -15.80 10.54 -5.94
N LYS A 23 -15.87 10.05 -4.70
CA LYS A 23 -15.12 10.63 -3.60
C LYS A 23 -13.62 10.49 -3.82
N PRO A 24 -12.84 11.49 -3.36
CA PRO A 24 -11.38 11.46 -3.46
C PRO A 24 -10.78 10.33 -2.64
N TYR A 25 -9.74 9.70 -3.17
CA TYR A 25 -9.14 8.53 -2.55
C TYR A 25 -7.65 8.47 -2.85
N LEU A 26 -6.90 7.87 -1.94
CA LEU A 26 -5.48 7.64 -2.19
C LEU A 26 -5.30 6.43 -3.08
N TRP A 27 -4.45 6.58 -4.07
CA TRP A 27 -4.11 5.48 -4.95
C TRP A 27 -2.67 5.08 -4.72
N ILE A 28 -2.49 4.00 -3.97
CA ILE A 28 -1.17 3.52 -3.65
C ILE A 28 -0.72 2.51 -4.72
N LYS A 29 0.42 2.78 -5.34
CA LYS A 29 0.90 1.94 -6.41
C LYS A 29 2.38 1.61 -6.21
N TRP A 30 2.67 0.33 -6.09
CA TRP A 30 4.03 -0.14 -5.82
C TRP A 30 4.53 -1.01 -6.96
N SER A 31 5.83 -1.26 -6.97
CA SER A 31 6.42 -2.13 -7.96
C SER A 31 6.67 -3.51 -7.35
N PRO A 32 6.03 -4.55 -7.90
CA PRO A 32 6.15 -5.91 -7.39
C PRO A 32 7.46 -6.56 -7.80
N PRO A 33 8.11 -7.28 -6.86
CA PRO A 33 9.31 -8.06 -7.16
C PRO A 33 9.01 -9.16 -8.17
N THR A 34 9.20 -8.84 -9.43
CA THR A 34 8.82 -9.73 -10.51
C THR A 34 9.91 -10.76 -10.78
N LEU A 35 11.13 -10.44 -10.37
CA LEU A 35 12.28 -11.29 -10.67
C LEU A 35 12.41 -12.39 -9.64
N ILE A 36 11.37 -12.57 -8.85
CA ILE A 36 11.23 -13.74 -8.00
C ILE A 36 10.96 -14.95 -8.90
N ASP A 37 10.50 -14.66 -10.12
CA ASP A 37 10.16 -15.67 -11.11
C ASP A 37 8.90 -16.41 -10.68
N LEU A 38 7.78 -15.72 -10.72
CA LEU A 38 6.51 -16.27 -10.28
C LEU A 38 5.65 -16.65 -11.47
N LYS A 39 4.92 -17.75 -11.34
CA LYS A 39 4.00 -18.19 -12.38
C LYS A 39 2.67 -18.58 -11.78
N THR A 40 1.66 -18.71 -12.62
CA THR A 40 0.31 -19.04 -12.17
C THR A 40 0.15 -20.54 -11.95
N GLY A 41 1.15 -21.15 -11.33
CA GLY A 41 1.11 -22.56 -11.03
C GLY A 41 1.20 -22.81 -9.56
N TRP A 42 0.30 -22.19 -8.81
CA TRP A 42 0.26 -22.29 -7.36
C TRP A 42 1.51 -21.67 -6.73
N PHE A 43 1.64 -20.36 -6.95
CA PHE A 43 2.71 -19.57 -6.35
C PHE A 43 2.33 -18.09 -6.46
N THR A 44 1.39 -17.67 -5.62
CA THR A 44 0.85 -16.33 -5.72
C THR A 44 1.52 -15.39 -4.72
N LEU A 45 1.86 -14.20 -5.18
CA LEU A 45 2.42 -13.18 -4.33
C LEU A 45 1.32 -12.19 -3.94
N LEU A 46 0.94 -12.19 -2.68
CA LEU A 46 -0.15 -11.34 -2.22
C LEU A 46 0.39 -10.09 -1.56
N TYR A 47 -0.30 -8.97 -1.81
CA TYR A 47 0.17 -7.66 -1.38
C TYR A 47 -0.66 -7.12 -0.23
N GLU A 48 0.01 -6.50 0.73
CA GLU A 48 -0.61 -6.02 1.94
C GLU A 48 -0.14 -4.59 2.24
N ILE A 49 -1.07 -3.71 2.58
CA ILE A 49 -0.75 -2.30 2.78
C ILE A 49 -1.07 -1.88 4.21
N ARG A 50 -0.09 -1.34 4.90
CA ARG A 50 -0.27 -0.87 6.25
C ARG A 50 -0.13 0.64 6.30
N LEU A 51 -1.13 1.31 6.84
CA LEU A 51 -1.11 2.76 6.87
C LEU A 51 -1.86 3.30 8.07
N LYS A 52 -1.65 4.56 8.37
CA LYS A 52 -2.33 5.24 9.46
C LYS A 52 -2.07 6.74 9.37
N PRO A 53 -3.03 7.57 9.82
CA PRO A 53 -2.83 9.01 9.93
C PRO A 53 -1.83 9.36 11.03
N GLU A 54 -1.39 10.61 11.03
CA GLU A 54 -0.43 11.10 12.00
C GLU A 54 -0.98 11.05 13.42
N LYS A 55 -2.30 11.09 13.54
CA LYS A 55 -2.94 11.07 14.85
C LYS A 55 -3.36 9.66 15.23
N ALA A 56 -2.76 8.69 14.57
CA ALA A 56 -3.00 7.29 14.86
C ALA A 56 -1.86 6.68 15.64
N ALA A 57 -2.18 6.04 16.75
CA ALA A 57 -1.17 5.41 17.60
C ALA A 57 -1.01 3.94 17.25
N GLU A 58 -1.93 3.41 16.46
CA GLU A 58 -1.86 2.03 16.02
C GLU A 58 -2.01 1.95 14.51
N TRP A 59 -1.62 0.81 13.94
CA TRP A 59 -1.53 0.67 12.49
C TRP A 59 -2.75 -0.04 11.92
N GLU A 60 -3.24 0.48 10.80
CA GLU A 60 -4.34 -0.12 10.09
C GLU A 60 -3.85 -0.87 8.86
N ILE A 61 -4.02 -2.17 8.87
CA ILE A 61 -3.57 -3.01 7.78
C ILE A 61 -4.71 -3.27 6.80
N HIS A 62 -4.53 -2.87 5.56
CA HIS A 62 -5.53 -3.05 4.53
C HIS A 62 -4.98 -4.03 3.48
N PHE A 63 -5.77 -5.02 3.14
CA PHE A 63 -5.32 -6.05 2.22
C PHE A 63 -5.80 -5.76 0.80
N ALA A 64 -4.88 -5.80 -0.15
CA ALA A 64 -5.22 -5.54 -1.54
C ALA A 64 -5.47 -6.85 -2.29
N GLY A 65 -4.69 -7.86 -1.97
CA GLY A 65 -4.85 -9.16 -2.60
C GLY A 65 -3.77 -9.43 -3.62
N GLN A 66 -4.17 -9.73 -4.85
CA GLN A 66 -3.24 -10.05 -5.91
C GLN A 66 -2.99 -8.84 -6.80
N GLN A 67 -3.51 -7.69 -6.37
CA GLN A 67 -3.41 -6.47 -7.18
C GLN A 67 -2.35 -5.54 -6.62
N THR A 68 -1.66 -4.85 -7.51
CA THR A 68 -0.55 -4.01 -7.12
C THR A 68 -0.97 -2.54 -6.95
N GLU A 69 -2.19 -2.36 -6.50
CA GLU A 69 -2.72 -1.03 -6.24
C GLU A 69 -3.82 -1.12 -5.20
N PHE A 70 -3.99 -0.07 -4.42
CA PHE A 70 -5.02 -0.03 -3.40
C PHE A 70 -5.57 1.39 -3.26
N LYS A 71 -6.86 1.49 -2.91
CA LYS A 71 -7.51 2.79 -2.76
C LYS A 71 -7.85 3.03 -1.29
N ILE A 72 -7.75 4.28 -0.85
CA ILE A 72 -8.14 4.63 0.52
C ILE A 72 -9.12 5.79 0.52
N LEU A 73 -10.28 5.58 1.13
CA LEU A 73 -11.32 6.60 1.21
C LEU A 73 -11.27 7.34 2.54
N SER A 74 -10.80 6.66 3.58
CA SER A 74 -10.77 7.23 4.93
C SER A 74 -9.55 8.13 5.09
N LEU A 75 -9.65 9.35 4.57
CA LEU A 75 -8.55 10.31 4.63
C LEU A 75 -9.03 11.65 5.16
N HIS A 76 -8.19 12.30 5.95
CA HIS A 76 -8.48 13.63 6.46
C HIS A 76 -7.64 14.67 5.73
N PRO A 77 -8.28 15.72 5.20
CA PRO A 77 -7.59 16.79 4.47
C PRO A 77 -6.60 17.56 5.35
N GLY A 78 -5.39 17.77 4.84
CA GLY A 78 -4.40 18.54 5.57
C GLY A 78 -3.71 17.72 6.64
N GLN A 79 -3.61 16.42 6.43
CA GLN A 79 -2.99 15.53 7.39
C GLN A 79 -1.92 14.67 6.73
N LYS A 80 -0.97 14.21 7.53
CA LYS A 80 0.07 13.30 7.08
C LYS A 80 -0.35 11.85 7.33
N TYR A 81 -0.18 11.01 6.32
CA TYR A 81 -0.42 9.59 6.46
C TYR A 81 0.84 8.79 6.18
N LEU A 82 1.02 7.71 6.91
CA LEU A 82 2.14 6.83 6.68
C LEU A 82 1.64 5.58 5.97
N VAL A 83 2.28 5.21 4.88
CA VAL A 83 1.83 4.08 4.08
C VAL A 83 2.98 3.12 3.82
N GLN A 84 2.69 1.83 3.89
CA GLN A 84 3.71 0.80 3.69
C GLN A 84 3.13 -0.34 2.88
N VAL A 85 4.01 -1.12 2.26
CA VAL A 85 3.58 -2.27 1.47
C VAL A 85 4.46 -3.48 1.74
N ARG A 86 3.83 -4.64 1.84
CA ARG A 86 4.54 -5.90 2.01
C ARG A 86 3.88 -6.97 1.16
N CYS A 87 4.69 -7.90 0.66
CA CYS A 87 4.17 -8.99 -0.14
C CYS A 87 4.85 -10.28 0.27
N LYS A 88 4.17 -11.40 0.04
CA LYS A 88 4.73 -12.71 0.38
C LYS A 88 3.98 -13.80 -0.36
N PRO A 89 4.71 -14.81 -0.87
CA PRO A 89 4.13 -15.96 -1.54
C PRO A 89 3.57 -16.99 -0.55
N ASP A 90 3.29 -18.18 -1.03
CA ASP A 90 2.72 -19.23 -0.19
C ASP A 90 3.80 -19.92 0.63
N HIS A 91 4.98 -20.08 0.03
CA HIS A 91 6.07 -20.82 0.66
C HIS A 91 6.92 -19.94 1.58
N GLY A 92 6.34 -18.86 2.08
CA GLY A 92 7.04 -18.00 3.01
C GLY A 92 6.10 -17.16 3.81
N TYR A 93 6.42 -16.94 5.08
CA TYR A 93 5.61 -16.11 5.94
C TYR A 93 6.40 -14.92 6.45
N TRP A 94 5.68 -13.86 6.76
CA TRP A 94 6.30 -12.59 7.16
C TRP A 94 6.04 -12.32 8.63
N SER A 95 6.80 -11.40 9.20
CA SER A 95 6.61 -11.03 10.60
C SER A 95 6.98 -9.57 10.84
N ALA A 96 7.20 -8.82 9.77
CA ALA A 96 7.61 -7.43 9.89
C ALA A 96 7.39 -6.66 8.59
N TRP A 97 7.36 -5.34 8.71
CA TRP A 97 7.22 -4.45 7.57
C TRP A 97 8.56 -3.78 7.30
N SER A 98 8.72 -3.24 6.09
CA SER A 98 10.00 -2.67 5.69
C SER A 98 9.85 -1.26 5.08
N PRO A 99 9.08 -1.09 3.97
CA PRO A 99 9.05 0.17 3.24
C PRO A 99 7.97 1.12 3.74
N ALA A 100 8.35 2.04 4.61
CA ALA A 100 7.43 3.05 5.09
C ALA A 100 7.58 4.34 4.30
N THR A 101 6.47 4.84 3.78
CA THR A 101 6.45 6.05 3.00
C THR A 101 5.53 7.10 3.62
N PHE A 102 5.92 8.35 3.52
CA PHE A 102 5.15 9.45 4.09
C PHE A 102 4.40 10.19 2.99
N ILE A 103 3.10 10.35 3.17
CA ILE A 103 2.27 11.03 2.17
C ILE A 103 1.44 12.14 2.81
N GLN A 104 1.37 13.28 2.14
CA GLN A 104 0.60 14.41 2.61
C GLN A 104 -0.75 14.48 1.89
N ILE A 105 -1.82 14.50 2.67
CA ILE A 105 -3.15 14.68 2.11
C ILE A 105 -3.44 16.18 1.98
N PRO A 106 -3.79 16.64 0.77
CA PRO A 106 -4.01 18.06 0.50
C PRO A 106 -5.13 18.64 1.34
N SER A 107 -5.06 19.94 1.59
CA SER A 107 -6.09 20.64 2.33
C SER A 107 -7.33 20.77 1.47
N ASP A 108 -7.13 20.71 0.16
CA ASP A 108 -8.22 20.72 -0.79
C ASP A 108 -8.50 19.29 -1.27
N PHE A 109 -8.73 18.42 -0.30
CA PHE A 109 -8.99 17.01 -0.55
C PHE A 109 -10.47 16.76 -0.80
N THR A 110 -11.30 17.08 0.18
CA THR A 110 -12.74 16.89 0.08
C THR A 110 -13.42 18.12 -0.50
N MET A 111 -13.82 18.01 -1.74
CA MET A 111 -14.49 19.11 -2.42
C MET A 111 -15.90 19.34 -1.86
N ASN A 112 -16.08 20.45 -1.18
CA ASN A 112 -17.39 20.80 -0.63
C ASN A 112 -18.19 21.58 -1.67
N ASP A 113 -17.45 22.18 -2.57
CA ASP A 113 -18.04 23.00 -3.62
C ASP A 113 -17.37 22.66 -4.95
N MET A 1 19.79 -17.48 4.65
CA MET A 1 18.73 -17.01 3.71
C MET A 1 17.69 -16.19 4.47
N TYR A 2 17.04 -16.83 5.44
CA TYR A 2 16.03 -16.18 6.29
C TYR A 2 14.71 -15.96 5.55
N ILE A 3 13.61 -16.12 6.27
CA ILE A 3 12.26 -15.98 5.71
C ILE A 3 12.12 -14.81 4.78
N VAL A 4 12.44 -13.65 5.28
CA VAL A 4 12.34 -12.42 4.54
C VAL A 4 13.59 -12.19 3.71
N GLN A 5 13.49 -12.57 2.44
CA GLN A 5 14.62 -12.48 1.50
C GLN A 5 15.04 -11.03 1.28
N PRO A 6 16.31 -10.80 0.91
CA PRO A 6 16.88 -9.45 0.77
C PRO A 6 16.33 -8.65 -0.40
N ASP A 7 15.39 -9.23 -1.13
CA ASP A 7 14.75 -8.53 -2.24
C ASP A 7 13.28 -8.23 -1.88
N PRO A 8 13.03 -7.02 -1.36
CA PRO A 8 11.69 -6.58 -0.98
C PRO A 8 10.98 -5.80 -2.09
N PRO A 9 9.66 -5.56 -1.95
CA PRO A 9 8.90 -4.73 -2.88
C PRO A 9 9.43 -3.30 -2.88
N LEU A 10 9.47 -2.68 -4.05
CA LEU A 10 10.04 -1.35 -4.18
C LEU A 10 9.14 -0.44 -5.00
N GLU A 11 9.57 0.83 -5.12
CA GLU A 11 8.82 1.85 -5.84
C GLU A 11 7.39 1.99 -5.33
N LEU A 12 7.27 2.13 -4.01
CA LEU A 12 5.97 2.38 -3.41
C LEU A 12 5.56 3.83 -3.69
N ALA A 13 4.62 3.99 -4.60
CA ALA A 13 4.21 5.31 -5.03
C ALA A 13 2.78 5.60 -4.59
N VAL A 14 2.59 6.74 -3.94
CA VAL A 14 1.29 7.14 -3.45
C VAL A 14 0.79 8.36 -4.22
N GLU A 15 -0.42 8.28 -4.71
CA GLU A 15 -1.00 9.36 -5.49
C GLU A 15 -2.37 9.74 -4.96
N VAL A 16 -2.60 11.01 -4.71
CA VAL A 16 -3.89 11.49 -4.28
C VAL A 16 -4.78 11.75 -5.48
N LYS A 17 -5.90 11.02 -5.56
CA LYS A 17 -6.79 11.13 -6.70
C LYS A 17 -8.12 11.74 -6.29
N GLN A 18 -8.34 12.97 -6.71
CA GLN A 18 -9.59 13.67 -6.41
C GLN A 18 -10.45 13.78 -7.66
N PRO A 19 -11.41 12.85 -7.82
CA PRO A 19 -12.32 12.85 -8.97
C PRO A 19 -13.29 14.01 -8.91
N GLU A 20 -13.64 14.53 -10.08
CA GLU A 20 -14.55 15.68 -10.17
C GLU A 20 -16.00 15.25 -10.00
N ASP A 21 -16.21 13.95 -9.89
CA ASP A 21 -17.56 13.40 -9.79
C ASP A 21 -17.67 12.49 -8.57
N ARG A 22 -16.65 11.69 -8.33
CA ARG A 22 -16.65 10.75 -7.21
C ARG A 22 -15.86 11.29 -6.03
N LYS A 23 -16.05 10.65 -4.87
CA LYS A 23 -15.31 11.00 -3.67
C LYS A 23 -13.81 10.81 -3.87
N PRO A 24 -13.01 11.79 -3.41
CA PRO A 24 -11.56 11.74 -3.51
C PRO A 24 -10.97 10.59 -2.70
N TYR A 25 -10.01 9.90 -3.29
CA TYR A 25 -9.43 8.73 -2.67
C TYR A 25 -7.91 8.74 -2.81
N LEU A 26 -7.24 7.98 -1.97
CA LEU A 26 -5.80 7.86 -2.03
C LEU A 26 -5.43 6.58 -2.76
N TRP A 27 -4.66 6.72 -3.82
CA TRP A 27 -4.28 5.58 -4.64
C TRP A 27 -2.84 5.18 -4.36
N ILE A 28 -2.67 3.98 -3.83
CA ILE A 28 -1.35 3.46 -3.53
C ILE A 28 -0.99 2.35 -4.51
N LYS A 29 0.17 2.45 -5.12
CA LYS A 29 0.64 1.40 -6.01
C LYS A 29 2.12 1.13 -5.77
N TRP A 30 2.54 -0.08 -6.04
CA TRP A 30 3.89 -0.52 -5.76
C TRP A 30 4.39 -1.42 -6.87
N SER A 31 5.70 -1.62 -6.92
CA SER A 31 6.29 -2.53 -7.89
C SER A 31 6.76 -3.80 -7.19
N PRO A 32 6.01 -4.91 -7.37
CA PRO A 32 6.32 -6.19 -6.72
C PRO A 32 7.59 -6.82 -7.29
N PRO A 33 8.32 -7.56 -6.45
CA PRO A 33 9.55 -8.26 -6.88
C PRO A 33 9.28 -9.21 -8.03
N THR A 34 10.16 -9.20 -9.02
CA THR A 34 10.01 -10.05 -10.18
C THR A 34 10.69 -11.39 -9.96
N LEU A 35 11.58 -11.43 -8.98
CA LEU A 35 12.28 -12.66 -8.63
C LEU A 35 11.89 -13.11 -7.23
N ILE A 36 10.95 -14.05 -7.18
CA ILE A 36 10.44 -14.57 -5.92
C ILE A 36 10.39 -16.09 -5.92
N ASP A 37 9.93 -16.66 -7.04
CA ASP A 37 9.67 -18.10 -7.13
C ASP A 37 8.50 -18.48 -6.23
N LEU A 38 7.30 -18.18 -6.70
CA LEU A 38 6.08 -18.50 -5.96
C LEU A 38 5.76 -19.98 -6.04
N LYS A 39 6.23 -20.62 -7.11
CA LYS A 39 5.98 -22.03 -7.37
C LYS A 39 4.51 -22.30 -7.60
N THR A 40 4.22 -22.65 -8.84
CA THR A 40 2.87 -22.89 -9.29
C THR A 40 2.19 -24.01 -8.50
N GLY A 41 0.96 -23.75 -8.09
CA GLY A 41 0.19 -24.74 -7.37
C GLY A 41 -1.10 -24.15 -6.84
N TRP A 42 -1.00 -23.45 -5.73
CA TRP A 42 -2.15 -22.80 -5.13
C TRP A 42 -1.74 -21.46 -4.53
N PHE A 43 -0.53 -21.40 -3.98
CA PHE A 43 -0.03 -20.19 -3.37
C PHE A 43 0.12 -19.10 -4.42
N THR A 44 -0.40 -17.92 -4.09
CA THR A 44 -0.32 -16.77 -4.97
C THR A 44 0.30 -15.61 -4.23
N LEU A 45 0.90 -14.68 -4.97
CA LEU A 45 1.53 -13.53 -4.35
C LEU A 45 0.45 -12.51 -3.98
N LEU A 46 0.21 -12.38 -2.68
CA LEU A 46 -0.82 -11.48 -2.18
C LEU A 46 -0.19 -10.25 -1.55
N TYR A 47 -0.96 -9.17 -1.46
CA TYR A 47 -0.42 -7.88 -1.03
C TYR A 47 -1.20 -7.33 0.16
N GLU A 48 -0.47 -6.87 1.16
CA GLU A 48 -1.07 -6.29 2.36
C GLU A 48 -0.53 -4.87 2.55
N ILE A 49 -1.40 -3.95 2.95
CA ILE A 49 -1.00 -2.56 3.14
C ILE A 49 -1.40 -2.08 4.53
N ARG A 50 -0.42 -1.62 5.29
CA ARG A 50 -0.70 -1.03 6.59
C ARG A 50 -0.48 0.46 6.52
N LEU A 51 -1.46 1.23 6.98
CA LEU A 51 -1.38 2.67 6.92
C LEU A 51 -2.02 3.30 8.13
N LYS A 52 -1.64 4.52 8.43
CA LYS A 52 -2.21 5.24 9.56
C LYS A 52 -1.87 6.72 9.47
N PRO A 53 -2.80 7.60 9.89
CA PRO A 53 -2.53 9.03 10.01
C PRO A 53 -1.53 9.33 11.11
N GLU A 54 -1.07 10.57 11.13
CA GLU A 54 -0.10 11.03 12.11
C GLU A 54 -0.67 11.04 13.53
N LYS A 55 -1.98 11.01 13.63
CA LYS A 55 -2.64 11.01 14.92
C LYS A 55 -3.11 9.61 15.29
N ALA A 56 -2.53 8.62 14.61
CA ALA A 56 -2.87 7.24 14.86
C ALA A 56 -1.73 6.51 15.56
N ALA A 57 -2.02 5.99 16.74
CA ALA A 57 -1.04 5.22 17.50
C ALA A 57 -0.95 3.80 16.97
N GLU A 58 -2.06 3.33 16.40
CA GLU A 58 -2.13 1.98 15.87
C GLU A 58 -2.19 2.00 14.34
N TRP A 59 -1.74 0.92 13.73
CA TRP A 59 -1.72 0.79 12.28
C TRP A 59 -3.02 0.17 11.77
N GLU A 60 -3.47 0.62 10.62
CA GLU A 60 -4.60 0.01 9.93
C GLU A 60 -4.12 -0.94 8.86
N ILE A 61 -4.31 -2.22 9.08
CA ILE A 61 -3.93 -3.23 8.10
C ILE A 61 -5.08 -3.44 7.12
N HIS A 62 -4.84 -3.07 5.87
CA HIS A 62 -5.81 -3.23 4.80
C HIS A 62 -5.27 -4.19 3.75
N PHE A 63 -5.96 -5.30 3.56
CA PHE A 63 -5.51 -6.31 2.61
C PHE A 63 -6.05 -6.00 1.22
N ALA A 64 -5.16 -5.93 0.24
CA ALA A 64 -5.56 -5.62 -1.13
C ALA A 64 -5.96 -6.89 -1.86
N GLY A 65 -5.34 -7.99 -1.49
CA GLY A 65 -5.62 -9.26 -2.12
C GLY A 65 -4.64 -9.56 -3.23
N GLN A 66 -5.15 -9.87 -4.41
CA GLN A 66 -4.31 -10.18 -5.54
C GLN A 66 -4.28 -9.02 -6.53
N GLN A 67 -3.95 -7.84 -6.02
CA GLN A 67 -3.88 -6.64 -6.85
C GLN A 67 -2.74 -5.73 -6.36
N THR A 68 -2.07 -5.08 -7.30
CA THR A 68 -0.90 -4.27 -6.98
C THR A 68 -1.26 -2.80 -6.83
N GLU A 69 -2.52 -2.55 -6.52
CA GLU A 69 -3.03 -1.20 -6.33
C GLU A 69 -4.11 -1.21 -5.27
N PHE A 70 -4.07 -0.24 -4.37
CA PHE A 70 -5.08 -0.14 -3.32
C PHE A 70 -5.56 1.30 -3.20
N LYS A 71 -6.86 1.46 -2.95
CA LYS A 71 -7.45 2.79 -2.85
C LYS A 71 -8.08 2.98 -1.48
N ILE A 72 -7.85 4.16 -0.89
CA ILE A 72 -8.40 4.48 0.43
C ILE A 72 -9.51 5.51 0.31
N LEU A 73 -10.62 5.24 0.97
CA LEU A 73 -11.78 6.14 0.95
C LEU A 73 -12.00 6.74 2.32
N SER A 74 -10.91 7.13 2.96
CA SER A 74 -10.96 7.68 4.30
C SER A 74 -9.73 8.54 4.58
N LEU A 75 -9.59 9.63 3.85
CA LEU A 75 -8.47 10.55 4.05
C LEU A 75 -8.95 11.85 4.67
N HIS A 76 -8.07 12.50 5.42
CA HIS A 76 -8.37 13.78 6.03
C HIS A 76 -7.45 14.87 5.47
N PRO A 77 -8.03 15.93 4.90
CA PRO A 77 -7.27 17.03 4.30
C PRO A 77 -6.35 17.71 5.31
N GLY A 78 -5.05 17.65 5.07
CA GLY A 78 -4.10 18.29 5.95
C GLY A 78 -3.40 17.30 6.86
N GLN A 79 -3.81 16.04 6.81
CA GLN A 79 -3.24 15.03 7.69
C GLN A 79 -2.23 14.17 6.93
N LYS A 80 -1.17 13.81 7.62
CA LYS A 80 -0.12 12.99 7.04
C LYS A 80 -0.40 11.51 7.31
N TYR A 81 -0.28 10.69 6.29
CA TYR A 81 -0.50 9.25 6.43
C TYR A 81 0.78 8.49 6.14
N LEU A 82 1.04 7.48 6.95
CA LEU A 82 2.16 6.59 6.74
C LEU A 82 1.65 5.32 6.08
N VAL A 83 2.23 4.94 4.96
CA VAL A 83 1.77 3.77 4.23
C VAL A 83 2.90 2.77 4.00
N GLN A 84 2.60 1.51 4.20
CA GLN A 84 3.57 0.45 4.00
C GLN A 84 2.92 -0.74 3.32
N VAL A 85 3.62 -1.34 2.36
CA VAL A 85 3.08 -2.48 1.63
C VAL A 85 4.04 -3.67 1.72
N ARG A 86 3.48 -4.87 1.62
CA ARG A 86 4.28 -6.07 1.54
C ARG A 86 3.54 -7.17 0.80
N CYS A 87 4.28 -7.93 0.00
CA CYS A 87 3.73 -9.09 -0.69
C CYS A 87 4.20 -10.37 -0.01
N LYS A 88 3.47 -11.46 -0.19
CA LYS A 88 3.79 -12.72 0.47
C LYS A 88 4.45 -13.70 -0.49
N PRO A 89 5.78 -13.86 -0.38
CA PRO A 89 6.53 -14.85 -1.16
C PRO A 89 6.38 -16.27 -0.61
N ASP A 90 6.69 -17.26 -1.44
CA ASP A 90 6.59 -18.67 -1.02
C ASP A 90 7.64 -18.99 0.06
N HIS A 91 8.64 -18.14 0.17
CA HIS A 91 9.68 -18.31 1.18
C HIS A 91 9.26 -17.69 2.51
N GLY A 92 8.21 -16.88 2.46
CA GLY A 92 7.72 -16.21 3.65
C GLY A 92 6.25 -15.93 3.55
N TYR A 93 5.45 -16.73 4.25
CA TYR A 93 4.00 -16.77 4.06
C TYR A 93 3.29 -15.58 4.68
N TRP A 94 4.01 -14.53 4.95
CA TRP A 94 3.38 -13.36 5.55
C TRP A 94 3.96 -12.03 5.10
N SER A 95 3.27 -10.99 5.54
CA SER A 95 3.52 -9.63 5.11
C SER A 95 4.46 -8.94 6.08
N ALA A 96 5.73 -9.29 6.00
CA ALA A 96 6.72 -8.66 6.83
C ALA A 96 7.26 -7.43 6.12
N TRP A 97 6.94 -6.28 6.68
CA TRP A 97 7.03 -5.00 6.01
C TRP A 97 8.48 -4.57 5.78
N SER A 98 8.68 -3.82 4.70
CA SER A 98 10.01 -3.37 4.33
C SER A 98 9.99 -1.88 3.93
N PRO A 99 9.14 -1.46 2.96
CA PRO A 99 9.11 -0.08 2.51
C PRO A 99 8.04 0.77 3.21
N ALA A 100 8.44 1.94 3.68
CA ALA A 100 7.49 2.86 4.32
C ALA A 100 7.51 4.21 3.62
N THR A 101 6.34 4.64 3.18
CA THR A 101 6.20 5.90 2.49
C THR A 101 5.31 6.86 3.29
N PHE A 102 5.65 8.13 3.25
CA PHE A 102 4.88 9.16 3.91
C PHE A 102 4.12 9.98 2.89
N ILE A 103 2.84 10.21 3.11
CA ILE A 103 2.02 10.96 2.17
C ILE A 103 1.18 12.01 2.91
N GLN A 104 1.16 13.21 2.36
CA GLN A 104 0.38 14.29 2.94
C GLN A 104 -0.87 14.55 2.10
N ILE A 105 -2.02 14.61 2.77
CA ILE A 105 -3.27 14.88 2.08
C ILE A 105 -3.48 16.39 1.95
N PRO A 106 -3.70 16.87 0.71
CA PRO A 106 -3.87 18.30 0.44
C PRO A 106 -5.14 18.86 1.07
N SER A 107 -5.15 20.17 1.30
CA SER A 107 -6.28 20.84 1.92
C SER A 107 -7.38 21.11 0.89
N ASP A 108 -7.10 20.78 -0.36
CA ASP A 108 -8.09 20.86 -1.43
C ASP A 108 -8.93 19.59 -1.46
N PHE A 109 -8.44 18.57 -0.78
CA PHE A 109 -9.09 17.27 -0.70
C PHE A 109 -10.50 17.41 -0.11
N THR A 110 -11.44 16.63 -0.67
CA THR A 110 -12.84 16.65 -0.24
C THR A 110 -13.56 17.90 -0.74
N MET A 111 -14.79 17.71 -1.20
CA MET A 111 -15.60 18.80 -1.73
C MET A 111 -16.87 18.97 -0.91
N ASN A 112 -17.78 18.02 -1.06
CA ASN A 112 -19.02 17.99 -0.30
C ASN A 112 -19.34 16.55 0.04
N ASP A 113 -18.43 15.94 0.78
CA ASP A 113 -18.46 14.50 1.02
C ASP A 113 -18.75 14.20 2.48
N MET A 1 20.62 -21.70 -1.02
CA MET A 1 19.34 -21.00 -1.28
C MET A 1 18.45 -21.07 -0.06
N TYR A 2 17.76 -19.97 0.22
CA TYR A 2 16.83 -19.92 1.34
C TYR A 2 15.92 -18.70 1.18
N ILE A 3 14.97 -18.58 2.08
CA ILE A 3 13.99 -17.52 2.06
C ILE A 3 14.62 -16.15 2.27
N VAL A 4 14.89 -15.49 1.17
CA VAL A 4 15.51 -14.17 1.19
C VAL A 4 15.10 -13.40 -0.07
N GLN A 5 14.82 -12.11 0.09
CA GLN A 5 14.36 -11.30 -1.03
C GLN A 5 15.52 -10.50 -1.64
N PRO A 6 15.87 -10.79 -2.91
CA PRO A 6 16.91 -10.05 -3.62
C PRO A 6 16.45 -8.66 -4.04
N ASP A 7 15.29 -8.59 -4.68
CA ASP A 7 14.71 -7.32 -5.07
C ASP A 7 13.34 -7.14 -4.41
N PRO A 8 13.30 -6.37 -3.32
CA PRO A 8 12.07 -6.10 -2.56
C PRO A 8 11.03 -5.33 -3.39
N PRO A 9 9.75 -5.36 -2.96
CA PRO A 9 8.69 -4.57 -3.58
C PRO A 9 9.07 -3.09 -3.62
N LEU A 10 9.12 -2.53 -4.81
CA LEU A 10 9.65 -1.19 -4.99
C LEU A 10 8.67 -0.32 -5.75
N GLU A 11 9.08 0.93 -6.00
CA GLU A 11 8.28 1.89 -6.74
C GLU A 11 6.91 2.06 -6.09
N LEU A 12 6.88 2.10 -4.77
CA LEU A 12 5.66 2.33 -4.02
C LEU A 12 5.21 3.77 -4.23
N ALA A 13 4.34 3.97 -5.20
CA ALA A 13 3.85 5.29 -5.51
C ALA A 13 2.51 5.53 -4.82
N VAL A 14 2.46 6.59 -4.04
CA VAL A 14 1.25 6.94 -3.35
C VAL A 14 0.71 8.24 -3.92
N GLU A 15 -0.44 8.16 -4.55
CA GLU A 15 -0.98 9.29 -5.28
C GLU A 15 -2.36 9.64 -4.80
N VAL A 16 -2.61 10.92 -4.57
CA VAL A 16 -3.93 11.38 -4.19
C VAL A 16 -4.77 11.63 -5.44
N LYS A 17 -5.84 10.88 -5.57
CA LYS A 17 -6.70 10.99 -6.74
C LYS A 17 -7.96 11.76 -6.40
N GLN A 18 -8.21 12.83 -7.13
CA GLN A 18 -9.38 13.65 -6.91
C GLN A 18 -10.23 13.71 -8.17
N PRO A 19 -11.11 12.71 -8.36
CA PRO A 19 -12.02 12.67 -9.50
C PRO A 19 -13.14 13.70 -9.35
N GLU A 20 -13.59 14.25 -10.47
CA GLU A 20 -14.62 15.29 -10.45
C GLU A 20 -16.00 14.68 -10.27
N ASP A 21 -16.12 13.40 -10.51
CA ASP A 21 -17.39 12.71 -10.43
C ASP A 21 -17.38 11.67 -9.32
N ARG A 22 -16.26 10.98 -9.19
CA ARG A 22 -16.09 10.01 -8.12
C ARG A 22 -15.47 10.67 -6.91
N LYS A 23 -15.57 10.03 -5.76
CA LYS A 23 -15.04 10.57 -4.52
C LYS A 23 -13.52 10.51 -4.51
N PRO A 24 -12.87 11.55 -3.95
CA PRO A 24 -11.42 11.61 -3.84
C PRO A 24 -10.86 10.51 -2.94
N TYR A 25 -9.76 9.92 -3.36
CA TYR A 25 -9.20 8.76 -2.66
C TYR A 25 -7.69 8.71 -2.82
N LEU A 26 -7.04 7.92 -1.99
CA LEU A 26 -5.60 7.73 -2.08
C LEU A 26 -5.31 6.46 -2.86
N TRP A 27 -4.57 6.59 -3.94
CA TRP A 27 -4.25 5.46 -4.79
C TRP A 27 -2.82 5.00 -4.53
N ILE A 28 -2.70 3.82 -3.97
CA ILE A 28 -1.38 3.26 -3.65
C ILE A 28 -1.06 2.14 -4.63
N LYS A 29 0.02 2.29 -5.38
CA LYS A 29 0.45 1.26 -6.32
C LYS A 29 1.89 0.90 -6.09
N TRP A 30 2.17 -0.40 -6.08
CA TRP A 30 3.51 -0.90 -5.81
C TRP A 30 3.95 -1.86 -6.90
N SER A 31 5.24 -2.00 -7.08
CA SER A 31 5.80 -2.94 -8.02
C SER A 31 6.46 -4.10 -7.27
N PRO A 32 5.75 -5.25 -7.17
CA PRO A 32 6.27 -6.45 -6.50
C PRO A 32 7.55 -6.97 -7.15
N PRO A 33 8.30 -7.82 -6.41
CA PRO A 33 9.58 -8.39 -6.89
C PRO A 33 9.47 -9.04 -8.26
N THR A 34 10.58 -9.07 -8.97
CA THR A 34 10.62 -9.63 -10.32
C THR A 34 10.15 -11.08 -10.35
N LEU A 35 10.78 -11.92 -9.53
CA LEU A 35 10.50 -13.34 -9.53
C LEU A 35 9.61 -13.73 -8.35
N ILE A 36 8.33 -13.88 -8.63
CA ILE A 36 7.37 -14.30 -7.63
C ILE A 36 6.86 -15.69 -7.96
N ASP A 37 6.08 -15.78 -9.04
CA ASP A 37 5.64 -17.07 -9.59
C ASP A 37 4.85 -17.90 -8.58
N LEU A 38 3.80 -17.31 -8.01
CA LEU A 38 2.89 -18.06 -7.16
C LEU A 38 1.66 -18.48 -7.94
N LYS A 39 1.83 -19.46 -8.79
CA LYS A 39 0.75 -19.93 -9.65
C LYS A 39 -0.12 -20.93 -8.90
N THR A 40 0.31 -22.19 -8.92
CA THR A 40 -0.34 -23.28 -8.19
C THR A 40 -1.87 -23.31 -8.37
N GLY A 41 -2.58 -22.66 -7.47
CA GLY A 41 -4.02 -22.65 -7.51
C GLY A 41 -4.62 -22.47 -6.14
N TRP A 42 -4.20 -23.33 -5.22
CA TRP A 42 -4.63 -23.23 -3.83
C TRP A 42 -3.90 -22.08 -3.13
N PHE A 43 -2.79 -21.64 -3.73
CA PHE A 43 -2.05 -20.52 -3.19
C PHE A 43 -2.02 -19.39 -4.22
N THR A 44 -2.23 -18.18 -3.73
CA THR A 44 -2.14 -16.98 -4.55
C THR A 44 -1.49 -15.88 -3.71
N LEU A 45 -0.73 -15.00 -4.33
CA LEU A 45 -0.08 -13.95 -3.59
C LEU A 45 -1.05 -12.81 -3.27
N LEU A 46 -1.39 -12.67 -2.00
CA LEU A 46 -2.21 -11.56 -1.55
C LEU A 46 -1.31 -10.40 -1.12
N TYR A 47 -1.89 -9.23 -0.95
CA TYR A 47 -1.14 -8.05 -0.60
C TYR A 47 -1.81 -7.34 0.57
N GLU A 48 -1.02 -6.98 1.58
CA GLU A 48 -1.54 -6.32 2.76
C GLU A 48 -0.87 -4.96 2.93
N ILE A 49 -1.68 -3.95 3.21
CA ILE A 49 -1.17 -2.59 3.35
C ILE A 49 -1.58 -2.01 4.69
N ARG A 50 -0.61 -1.61 5.49
CA ARG A 50 -0.92 -0.94 6.75
C ARG A 50 -0.66 0.54 6.58
N LEU A 51 -1.43 1.36 7.29
CA LEU A 51 -1.27 2.79 7.24
C LEU A 51 -2.01 3.44 8.40
N LYS A 52 -1.67 4.67 8.70
CA LYS A 52 -2.36 5.41 9.75
C LYS A 52 -2.05 6.90 9.66
N PRO A 53 -3.03 7.76 10.00
CA PRO A 53 -2.82 9.20 10.07
C PRO A 53 -1.92 9.57 11.24
N GLU A 54 -1.46 10.81 11.22
CA GLU A 54 -0.48 11.31 12.19
C GLU A 54 -1.06 11.44 13.60
N LYS A 55 -2.36 11.20 13.73
CA LYS A 55 -3.01 11.28 15.03
C LYS A 55 -3.45 9.90 15.49
N ALA A 56 -3.05 8.90 14.72
CA ALA A 56 -3.41 7.51 15.01
C ALA A 56 -2.33 6.82 15.81
N ALA A 57 -2.72 6.21 16.92
CA ALA A 57 -1.79 5.48 17.77
C ALA A 57 -1.52 4.10 17.22
N GLU A 58 -2.55 3.47 16.69
CA GLU A 58 -2.44 2.13 16.14
C GLU A 58 -2.43 2.17 14.61
N TRP A 59 -1.99 1.08 14.01
CA TRP A 59 -1.92 0.96 12.56
C TRP A 59 -3.19 0.36 12.01
N GLU A 60 -3.63 0.88 10.87
CA GLU A 60 -4.74 0.30 10.15
C GLU A 60 -4.25 -0.69 9.13
N ILE A 61 -4.61 -1.95 9.31
CA ILE A 61 -4.25 -2.97 8.34
C ILE A 61 -5.38 -3.10 7.31
N HIS A 62 -5.09 -2.66 6.11
CA HIS A 62 -6.05 -2.73 5.01
C HIS A 62 -5.63 -3.83 4.05
N PHE A 63 -6.53 -4.75 3.76
CA PHE A 63 -6.20 -5.88 2.91
C PHE A 63 -6.64 -5.62 1.47
N ALA A 64 -5.68 -5.58 0.56
CA ALA A 64 -5.97 -5.38 -0.85
C ALA A 64 -6.46 -6.69 -1.47
N GLY A 65 -5.70 -7.75 -1.24
CA GLY A 65 -6.10 -9.05 -1.74
C GLY A 65 -5.87 -9.21 -3.23
N GLN A 66 -4.67 -9.69 -3.59
CA GLN A 66 -4.32 -10.10 -4.95
C GLN A 66 -4.08 -8.91 -5.89
N GLN A 67 -4.68 -7.77 -5.60
CA GLN A 67 -4.52 -6.59 -6.44
C GLN A 67 -3.31 -5.77 -6.00
N THR A 68 -2.61 -5.21 -6.98
CA THR A 68 -1.40 -4.44 -6.69
C THR A 68 -1.67 -2.94 -6.77
N GLU A 69 -2.88 -2.58 -6.38
CA GLU A 69 -3.32 -1.19 -6.39
C GLU A 69 -4.46 -1.01 -5.41
N PHE A 70 -4.21 -0.30 -4.33
CA PHE A 70 -5.18 -0.16 -3.26
C PHE A 70 -5.69 1.27 -3.20
N LYS A 71 -6.95 1.44 -2.85
CA LYS A 71 -7.57 2.76 -2.78
C LYS A 71 -8.10 3.02 -1.37
N ILE A 72 -7.76 4.18 -0.82
CA ILE A 72 -8.23 4.56 0.51
C ILE A 72 -9.28 5.67 0.41
N LEU A 73 -10.46 5.43 0.97
CA LEU A 73 -11.52 6.43 0.96
C LEU A 73 -11.52 7.21 2.27
N SER A 74 -11.03 6.58 3.33
CA SER A 74 -10.98 7.21 4.65
C SER A 74 -9.76 8.11 4.77
N LEU A 75 -9.89 9.35 4.30
CA LEU A 75 -8.76 10.28 4.32
C LEU A 75 -9.18 11.62 4.90
N HIS A 76 -8.24 12.25 5.59
CA HIS A 76 -8.47 13.56 6.18
C HIS A 76 -7.57 14.58 5.50
N PRO A 77 -8.14 15.69 5.01
CA PRO A 77 -7.38 16.74 4.32
C PRO A 77 -6.35 17.42 5.22
N GLY A 78 -5.11 17.49 4.72
CA GLY A 78 -4.06 18.19 5.44
C GLY A 78 -3.47 17.34 6.54
N GLN A 79 -3.41 16.03 6.32
CA GLN A 79 -2.89 15.13 7.32
C GLN A 79 -1.79 14.25 6.76
N LYS A 80 -0.82 13.94 7.61
CA LYS A 80 0.28 13.08 7.25
C LYS A 80 -0.10 11.62 7.49
N TYR A 81 0.11 10.79 6.49
CA TYR A 81 -0.18 9.37 6.60
C TYR A 81 1.08 8.55 6.38
N LEU A 82 1.28 7.54 7.20
CA LEU A 82 2.38 6.61 7.01
C LEU A 82 1.86 5.38 6.28
N VAL A 83 2.48 5.05 5.17
CA VAL A 83 1.97 4.01 4.29
C VAL A 83 3.09 3.09 3.84
N GLN A 84 2.82 1.80 3.79
CA GLN A 84 3.81 0.83 3.33
C GLN A 84 3.15 -0.52 3.07
N VAL A 85 3.62 -1.19 2.03
CA VAL A 85 3.12 -2.49 1.64
C VAL A 85 4.26 -3.50 1.64
N ARG A 86 3.94 -4.76 1.85
CA ARG A 86 4.93 -5.81 1.74
C ARG A 86 4.29 -7.08 1.21
N CYS A 87 4.96 -7.71 0.25
CA CYS A 87 4.42 -8.88 -0.41
C CYS A 87 5.26 -10.10 -0.04
N LYS A 88 4.65 -11.28 -0.06
CA LYS A 88 5.37 -12.50 0.34
C LYS A 88 5.40 -13.54 -0.78
N PRO A 89 6.39 -13.44 -1.68
CA PRO A 89 6.62 -14.45 -2.70
C PRO A 89 7.10 -15.77 -2.11
N ASP A 90 7.26 -16.79 -2.93
CA ASP A 90 7.67 -18.10 -2.47
C ASP A 90 9.08 -18.05 -1.89
N HIS A 91 9.88 -17.13 -2.40
CA HIS A 91 11.27 -17.01 -2.00
C HIS A 91 11.46 -16.03 -0.83
N GLY A 92 10.39 -15.46 -0.33
CA GLY A 92 10.52 -14.48 0.74
C GLY A 92 9.23 -14.18 1.46
N TYR A 93 9.16 -14.55 2.72
CA TYR A 93 8.00 -14.24 3.55
C TYR A 93 8.38 -13.18 4.57
N TRP A 94 7.47 -12.26 4.84
CA TRP A 94 7.75 -11.14 5.74
C TRP A 94 7.06 -11.31 7.07
N SER A 95 7.68 -10.77 8.11
CA SER A 95 7.12 -10.81 9.45
C SER A 95 7.12 -9.41 10.06
N ALA A 96 7.46 -8.42 9.24
CA ALA A 96 7.55 -7.03 9.70
C ALA A 96 7.37 -6.06 8.53
N TRP A 97 7.26 -4.78 8.85
CA TRP A 97 7.10 -3.74 7.84
C TRP A 97 8.31 -2.82 7.86
N SER A 98 9.20 -2.99 6.88
CA SER A 98 10.42 -2.21 6.83
C SER A 98 10.28 -0.92 5.98
N PRO A 99 9.84 -1.00 4.70
CA PRO A 99 9.83 0.17 3.81
C PRO A 99 8.68 1.15 4.09
N ALA A 100 8.76 1.84 5.22
CA ALA A 100 7.76 2.83 5.59
C ALA A 100 7.82 4.05 4.67
N THR A 101 6.70 4.34 4.04
CA THR A 101 6.60 5.47 3.12
C THR A 101 5.76 6.59 3.74
N PHE A 102 6.11 7.82 3.40
CA PHE A 102 5.42 8.99 3.94
C PHE A 102 4.63 9.68 2.85
N ILE A 103 3.38 10.03 3.14
CA ILE A 103 2.54 10.73 2.19
C ILE A 103 1.75 11.84 2.86
N GLN A 104 1.74 13.00 2.23
CA GLN A 104 0.97 14.13 2.71
C GLN A 104 -0.31 14.28 1.91
N ILE A 105 -1.44 14.22 2.60
CA ILE A 105 -2.73 14.44 1.98
C ILE A 105 -3.02 15.94 1.96
N PRO A 106 -3.26 16.52 0.78
CA PRO A 106 -3.50 17.96 0.63
C PRO A 106 -4.69 18.43 1.46
N SER A 107 -4.59 19.64 2.00
CA SER A 107 -5.66 20.25 2.76
C SER A 107 -6.85 20.54 1.85
N ASP A 108 -6.56 20.68 0.57
CA ASP A 108 -7.59 20.91 -0.44
C ASP A 108 -8.13 19.58 -0.97
N PHE A 109 -7.92 18.51 -0.20
CA PHE A 109 -8.40 17.18 -0.56
C PHE A 109 -9.89 17.22 -0.84
N THR A 110 -10.63 17.83 0.08
CA THR A 110 -12.05 18.04 -0.11
C THR A 110 -12.28 19.32 -0.89
N MET A 111 -13.02 19.20 -1.98
CA MET A 111 -13.30 20.34 -2.85
C MET A 111 -14.12 21.38 -2.12
N ASN A 112 -13.54 22.54 -1.88
CA ASN A 112 -14.25 23.63 -1.23
C ASN A 112 -14.88 24.54 -2.28
N ASP A 113 -15.84 23.99 -3.01
CA ASP A 113 -16.50 24.71 -4.07
C ASP A 113 -17.52 25.69 -3.48
N MET A 1 21.44 -22.69 3.53
CA MET A 1 21.84 -21.39 2.92
C MET A 1 20.87 -20.28 3.29
N TYR A 2 19.94 -20.59 4.20
CA TYR A 2 18.95 -19.63 4.68
C TYR A 2 17.93 -19.27 3.60
N ILE A 3 16.70 -19.05 4.02
CA ILE A 3 15.63 -18.67 3.12
C ILE A 3 15.74 -17.18 2.81
N VAL A 4 16.53 -16.85 1.80
CA VAL A 4 16.70 -15.45 1.40
C VAL A 4 15.45 -14.97 0.68
N GLN A 5 15.05 -13.75 0.94
CA GLN A 5 13.88 -13.19 0.29
C GLN A 5 14.25 -12.68 -1.09
N PRO A 6 13.60 -13.19 -2.15
CA PRO A 6 13.98 -12.89 -3.54
C PRO A 6 14.05 -11.40 -3.81
N ASP A 7 12.91 -10.74 -3.77
CA ASP A 7 12.85 -9.30 -3.94
C ASP A 7 11.62 -8.73 -3.25
N PRO A 8 11.74 -8.37 -1.97
CA PRO A 8 10.64 -7.77 -1.21
C PRO A 8 10.06 -6.54 -1.90
N PRO A 9 8.72 -6.45 -2.01
CA PRO A 9 8.03 -5.35 -2.71
C PRO A 9 8.40 -3.98 -2.13
N LEU A 10 8.72 -3.05 -3.02
CA LEU A 10 9.19 -1.74 -2.61
C LEU A 10 8.72 -0.68 -3.60
N GLU A 11 9.29 0.52 -3.50
CA GLU A 11 8.94 1.63 -4.37
C GLU A 11 7.47 1.98 -4.27
N LEU A 12 7.03 2.28 -3.05
CA LEU A 12 5.65 2.67 -2.80
C LEU A 12 5.40 4.08 -3.34
N ALA A 13 4.80 4.15 -4.50
CA ALA A 13 4.40 5.43 -5.08
C ALA A 13 2.96 5.72 -4.72
N VAL A 14 2.74 6.85 -4.09
CA VAL A 14 1.42 7.18 -3.59
C VAL A 14 0.90 8.41 -4.34
N GLU A 15 -0.25 8.26 -4.96
CA GLU A 15 -0.83 9.33 -5.74
C GLU A 15 -2.21 9.70 -5.21
N VAL A 16 -2.50 10.99 -5.21
CA VAL A 16 -3.80 11.46 -4.76
C VAL A 16 -4.70 11.72 -5.95
N LYS A 17 -5.82 11.02 -6.00
CA LYS A 17 -6.76 11.14 -7.10
C LYS A 17 -8.05 11.81 -6.65
N GLN A 18 -8.44 12.86 -7.34
CA GLN A 18 -9.63 13.62 -6.99
C GLN A 18 -10.48 13.87 -8.23
N PRO A 19 -11.50 13.04 -8.45
CA PRO A 19 -12.39 13.16 -9.62
C PRO A 19 -13.32 14.37 -9.52
N GLU A 20 -14.09 14.60 -10.57
CA GLU A 20 -15.00 15.73 -10.64
C GLU A 20 -16.04 15.69 -9.50
N ASP A 21 -16.92 14.70 -9.54
CA ASP A 21 -17.96 14.60 -8.53
C ASP A 21 -18.05 13.18 -7.98
N ARG A 22 -16.89 12.56 -7.83
CA ARG A 22 -16.79 11.25 -7.22
C ARG A 22 -15.87 11.32 -6.01
N LYS A 23 -16.07 10.41 -5.07
CA LYS A 23 -15.26 10.35 -3.86
C LYS A 23 -13.78 10.26 -4.20
N PRO A 24 -12.99 11.27 -3.78
CA PRO A 24 -11.55 11.27 -3.97
C PRO A 24 -10.88 10.14 -3.20
N TYR A 25 -9.84 9.58 -3.78
CA TYR A 25 -9.21 8.41 -3.19
C TYR A 25 -7.69 8.48 -3.32
N LEU A 26 -7.01 7.87 -2.36
CA LEU A 26 -5.57 7.78 -2.41
C LEU A 26 -5.16 6.51 -3.11
N TRP A 27 -4.33 6.64 -4.13
CA TRP A 27 -3.91 5.51 -4.93
C TRP A 27 -2.49 5.08 -4.54
N ILE A 28 -2.40 3.98 -3.84
CA ILE A 28 -1.11 3.45 -3.41
C ILE A 28 -0.67 2.34 -4.36
N LYS A 29 0.50 2.49 -4.94
CA LYS A 29 1.02 1.49 -5.85
C LYS A 29 2.49 1.19 -5.54
N TRP A 30 2.82 -0.09 -5.55
CA TRP A 30 4.18 -0.53 -5.24
C TRP A 30 4.74 -1.34 -6.40
N SER A 31 6.03 -1.59 -6.36
CA SER A 31 6.68 -2.38 -7.39
C SER A 31 6.59 -3.86 -7.04
N PRO A 32 6.07 -4.68 -7.96
CA PRO A 32 5.95 -6.13 -7.76
C PRO A 32 7.31 -6.79 -7.61
N PRO A 33 7.37 -7.90 -6.85
CA PRO A 33 8.63 -8.62 -6.61
C PRO A 33 9.12 -9.37 -7.85
N THR A 34 10.03 -10.33 -7.65
CA THR A 34 10.54 -11.13 -8.75
C THR A 34 9.41 -11.90 -9.42
N LEU A 35 9.58 -12.17 -10.72
CA LEU A 35 8.55 -12.79 -11.52
C LEU A 35 8.27 -14.22 -11.05
N ILE A 36 7.09 -14.43 -10.51
CA ILE A 36 6.65 -15.74 -10.06
C ILE A 36 5.86 -16.41 -11.17
N ASP A 37 5.01 -15.61 -11.82
CA ASP A 37 4.06 -16.12 -12.80
C ASP A 37 3.08 -17.05 -12.11
N LEU A 38 2.03 -16.47 -11.57
CA LEU A 38 1.06 -17.19 -10.78
C LEU A 38 0.07 -17.97 -11.65
N LYS A 39 0.59 -18.88 -12.47
CA LYS A 39 -0.26 -19.77 -13.25
C LYS A 39 -0.84 -20.84 -12.34
N THR A 40 -0.09 -21.19 -11.30
CA THR A 40 -0.54 -22.14 -10.33
C THR A 40 -1.35 -21.45 -9.23
N GLY A 41 -2.67 -21.46 -9.39
CA GLY A 41 -3.55 -20.77 -8.45
C GLY A 41 -3.46 -21.31 -7.05
N TRP A 42 -2.87 -22.50 -6.91
CA TRP A 42 -2.62 -23.09 -5.60
C TRP A 42 -1.76 -22.16 -4.75
N PHE A 43 -0.87 -21.43 -5.41
CA PHE A 43 -0.11 -20.39 -4.76
C PHE A 43 -0.56 -19.04 -5.28
N THR A 44 -1.18 -18.26 -4.42
CA THR A 44 -1.58 -16.91 -4.78
C THR A 44 -0.78 -15.91 -3.97
N LEU A 45 -0.33 -14.85 -4.61
CA LEU A 45 0.43 -13.81 -3.94
C LEU A 45 -0.48 -12.67 -3.55
N LEU A 46 -0.70 -12.53 -2.25
CA LEU A 46 -1.58 -11.49 -1.75
C LEU A 46 -0.78 -10.36 -1.13
N TYR A 47 -1.30 -9.15 -1.23
CA TYR A 47 -0.64 -7.97 -0.68
C TYR A 47 -1.47 -7.38 0.45
N GLU A 48 -0.80 -6.97 1.52
CA GLU A 48 -1.46 -6.31 2.63
C GLU A 48 -0.80 -4.96 2.89
N ILE A 49 -1.61 -3.93 3.10
CA ILE A 49 -1.11 -2.57 3.30
C ILE A 49 -1.51 -2.07 4.68
N ARG A 50 -0.56 -1.54 5.42
CA ARG A 50 -0.88 -0.91 6.68
C ARG A 50 -0.64 0.58 6.57
N LEU A 51 -1.59 1.36 7.08
CA LEU A 51 -1.50 2.81 6.98
C LEU A 51 -2.11 3.46 8.21
N LYS A 52 -1.69 4.69 8.48
CA LYS A 52 -2.19 5.43 9.63
C LYS A 52 -1.82 6.90 9.52
N PRO A 53 -2.65 7.79 10.09
CA PRO A 53 -2.33 9.21 10.18
C PRO A 53 -1.18 9.47 11.16
N GLU A 54 -0.61 10.67 11.06
CA GLU A 54 0.59 11.04 11.81
C GLU A 54 0.37 11.05 13.32
N LYS A 55 -0.86 11.23 13.74
CA LYS A 55 -1.19 11.28 15.16
C LYS A 55 -1.69 9.94 15.67
N ALA A 56 -1.58 8.93 14.83
CA ALA A 56 -2.00 7.59 15.17
C ALA A 56 -0.83 6.76 15.69
N ALA A 57 -1.05 6.10 16.80
CA ALA A 57 -0.07 5.17 17.34
C ALA A 57 -0.26 3.81 16.69
N GLU A 58 -1.53 3.42 16.57
CA GLU A 58 -1.89 2.13 16.00
C GLU A 58 -1.90 2.18 14.48
N TRP A 59 -1.62 1.05 13.87
CA TRP A 59 -1.64 0.94 12.42
C TRP A 59 -2.95 0.34 11.94
N GLU A 60 -3.44 0.82 10.81
CA GLU A 60 -4.64 0.29 10.21
C GLU A 60 -4.29 -0.59 9.03
N ILE A 61 -4.60 -1.87 9.13
CA ILE A 61 -4.26 -2.83 8.10
C ILE A 61 -5.41 -3.00 7.11
N HIS A 62 -5.08 -2.94 5.82
CA HIS A 62 -6.03 -3.19 4.75
C HIS A 62 -5.50 -4.25 3.80
N PHE A 63 -6.29 -5.28 3.57
CA PHE A 63 -5.89 -6.36 2.68
C PHE A 63 -6.28 -6.00 1.25
N ALA A 64 -5.29 -5.93 0.36
CA ALA A 64 -5.55 -5.56 -1.03
C ALA A 64 -5.95 -6.78 -1.84
N GLY A 65 -5.30 -7.90 -1.58
CA GLY A 65 -5.58 -9.10 -2.32
C GLY A 65 -4.53 -9.34 -3.38
N GLN A 66 -4.95 -9.86 -4.52
CA GLN A 66 -4.03 -10.18 -5.60
C GLN A 66 -3.90 -8.99 -6.56
N GLN A 67 -3.40 -7.87 -6.05
CA GLN A 67 -3.20 -6.68 -6.86
C GLN A 67 -2.11 -5.80 -6.26
N THR A 68 -1.38 -5.11 -7.12
CA THR A 68 -0.26 -4.28 -6.68
C THR A 68 -0.66 -2.82 -6.55
N GLU A 69 -1.93 -2.57 -6.27
CA GLU A 69 -2.43 -1.23 -6.08
C GLU A 69 -3.64 -1.24 -5.15
N PHE A 70 -3.76 -0.22 -4.32
CA PHE A 70 -4.86 -0.14 -3.38
C PHE A 70 -5.38 1.30 -3.30
N LYS A 71 -6.67 1.46 -3.05
CA LYS A 71 -7.28 2.78 -2.96
C LYS A 71 -7.90 3.00 -1.58
N ILE A 72 -7.78 4.22 -1.08
CA ILE A 72 -8.37 4.57 0.22
C ILE A 72 -9.38 5.69 0.06
N LEU A 73 -10.57 5.49 0.62
CA LEU A 73 -11.62 6.50 0.59
C LEU A 73 -11.72 7.21 1.94
N SER A 74 -11.37 6.49 2.99
CA SER A 74 -11.40 7.04 4.34
C SER A 74 -10.16 7.90 4.59
N LEU A 75 -10.23 9.15 4.17
CA LEU A 75 -9.10 10.05 4.27
C LEU A 75 -9.53 11.39 4.86
N HIS A 76 -8.56 12.24 5.15
CA HIS A 76 -8.82 13.54 5.74
C HIS A 76 -7.92 14.59 5.08
N PRO A 77 -8.51 15.65 4.52
CA PRO A 77 -7.75 16.74 3.89
C PRO A 77 -6.84 17.45 4.88
N GLY A 78 -5.57 17.61 4.51
CA GLY A 78 -4.61 18.24 5.38
C GLY A 78 -4.10 17.29 6.45
N GLN A 79 -3.88 16.05 6.06
CA GLN A 79 -3.43 15.03 7.00
C GLN A 79 -2.27 14.24 6.40
N LYS A 80 -1.37 13.82 7.27
CA LYS A 80 -0.23 13.01 6.87
C LYS A 80 -0.51 11.55 7.13
N TYR A 81 -0.32 10.71 6.13
CA TYR A 81 -0.53 9.28 6.28
C TYR A 81 0.75 8.51 5.99
N LEU A 82 0.97 7.48 6.79
CA LEU A 82 2.10 6.58 6.60
C LEU A 82 1.60 5.28 5.97
N VAL A 83 2.25 4.84 4.91
CA VAL A 83 1.80 3.62 4.21
C VAL A 83 2.94 2.62 4.06
N GLN A 84 2.61 1.34 4.26
CA GLN A 84 3.58 0.25 4.11
C GLN A 84 2.90 -0.97 3.51
N VAL A 85 3.61 -1.68 2.65
CA VAL A 85 3.07 -2.87 1.99
C VAL A 85 4.05 -4.03 2.08
N ARG A 86 3.52 -5.25 2.11
CA ARG A 86 4.36 -6.44 2.02
C ARG A 86 3.52 -7.64 1.57
N CYS A 87 4.15 -8.54 0.83
CA CYS A 87 3.49 -9.76 0.36
C CYS A 87 4.28 -10.98 0.83
N LYS A 88 3.89 -12.16 0.36
CA LYS A 88 4.58 -13.38 0.74
C LYS A 88 5.04 -14.17 -0.48
N PRO A 89 6.30 -13.96 -0.88
CA PRO A 89 6.90 -14.62 -2.05
C PRO A 89 6.87 -16.14 -1.97
N ASP A 90 6.98 -16.79 -3.13
CA ASP A 90 6.99 -18.25 -3.23
C ASP A 90 8.31 -18.81 -2.72
N HIS A 91 9.39 -18.13 -3.06
CA HIS A 91 10.72 -18.53 -2.62
C HIS A 91 11.10 -17.79 -1.34
N GLY A 92 10.08 -17.35 -0.61
CA GLY A 92 10.29 -16.65 0.63
C GLY A 92 9.04 -16.67 1.48
N TYR A 93 8.82 -15.59 2.21
CA TYR A 93 7.63 -15.47 3.06
C TYR A 93 7.48 -14.03 3.53
N TRP A 94 6.62 -13.82 4.52
CA TRP A 94 6.46 -12.49 5.10
C TRP A 94 7.79 -11.92 5.57
N SER A 95 8.20 -10.84 4.94
CA SER A 95 9.49 -10.22 5.21
C SER A 95 9.32 -9.06 6.16
N ALA A 96 8.14 -9.04 6.82
CA ALA A 96 7.81 -7.99 7.79
C ALA A 96 7.64 -6.63 7.11
N TRP A 97 7.19 -5.66 7.89
CA TRP A 97 6.97 -4.33 7.38
C TRP A 97 8.27 -3.55 7.36
N SER A 98 8.46 -2.69 6.35
CA SER A 98 9.70 -1.94 6.21
C SER A 98 9.52 -0.61 5.46
N PRO A 99 8.98 -0.62 4.21
CA PRO A 99 8.91 0.60 3.39
C PRO A 99 7.85 1.60 3.87
N ALA A 100 8.22 2.38 4.89
CA ALA A 100 7.32 3.40 5.42
C ALA A 100 7.36 4.65 4.56
N THR A 101 6.32 4.81 3.75
CA THR A 101 6.21 5.95 2.86
C THR A 101 5.26 6.98 3.47
N PHE A 102 5.66 8.24 3.42
CA PHE A 102 4.87 9.32 4.00
C PHE A 102 4.18 10.12 2.89
N ILE A 103 2.87 10.27 2.99
CA ILE A 103 2.12 11.00 2.00
C ILE A 103 1.26 12.09 2.65
N GLN A 104 1.23 13.25 2.02
CA GLN A 104 0.42 14.37 2.50
C GLN A 104 -0.87 14.47 1.71
N ILE A 105 -1.99 14.38 2.40
CA ILE A 105 -3.28 14.59 1.78
C ILE A 105 -3.57 16.09 1.73
N PRO A 106 -3.78 16.62 0.52
CA PRO A 106 -4.01 18.06 0.31
C PRO A 106 -5.22 18.57 1.08
N SER A 107 -5.18 19.85 1.44
CA SER A 107 -6.29 20.47 2.15
C SER A 107 -7.47 20.66 1.21
N ASP A 108 -7.18 20.72 -0.09
CA ASP A 108 -8.22 20.80 -1.11
C ASP A 108 -8.47 19.41 -1.68
N PHE A 109 -8.55 18.44 -0.78
CA PHE A 109 -8.79 17.04 -1.16
C PHE A 109 -10.27 16.81 -1.39
N THR A 110 -11.10 17.71 -0.88
CA THR A 110 -12.53 17.60 -0.99
C THR A 110 -13.15 18.99 -1.14
N MET A 111 -14.27 19.07 -1.85
CA MET A 111 -14.94 20.35 -2.10
C MET A 111 -15.72 20.83 -0.87
N ASN A 112 -15.12 20.64 0.29
CA ASN A 112 -15.72 21.07 1.55
C ASN A 112 -14.64 21.73 2.40
N ASP A 113 -13.80 22.52 1.77
CA ASP A 113 -12.69 23.18 2.45
C ASP A 113 -13.21 24.32 3.31
N MET A 1 17.27 -22.75 -0.50
CA MET A 1 15.94 -22.73 0.15
C MET A 1 16.03 -22.13 1.54
N TYR A 2 16.44 -20.88 1.62
CA TYR A 2 16.55 -20.19 2.89
C TYR A 2 15.38 -19.23 3.09
N ILE A 3 14.88 -19.20 4.30
CA ILE A 3 13.80 -18.32 4.67
C ILE A 3 14.33 -16.93 4.97
N VAL A 4 14.30 -16.07 3.96
CA VAL A 4 14.78 -14.71 4.10
C VAL A 4 13.59 -13.76 4.21
N GLN A 5 13.80 -12.61 4.85
CA GLN A 5 12.78 -11.58 4.93
C GLN A 5 12.85 -10.71 3.67
N PRO A 6 11.92 -10.93 2.72
CA PRO A 6 11.98 -10.28 1.42
C PRO A 6 11.20 -8.97 1.37
N ASP A 7 11.58 -8.10 0.44
CA ASP A 7 10.87 -6.86 0.20
C ASP A 7 10.50 -6.74 -1.27
N PRO A 8 9.64 -7.64 -1.79
CA PRO A 8 9.25 -7.66 -3.20
C PRO A 8 8.59 -6.37 -3.70
N PRO A 9 7.57 -5.80 -3.01
CA PRO A 9 6.92 -4.59 -3.49
C PRO A 9 7.75 -3.34 -3.17
N LEU A 10 8.51 -2.93 -4.16
CA LEU A 10 9.40 -1.80 -4.02
C LEU A 10 8.88 -0.62 -4.83
N GLU A 11 9.56 0.52 -4.70
CA GLU A 11 9.15 1.75 -5.40
C GLU A 11 7.69 2.05 -5.13
N LEU A 12 7.36 2.25 -3.86
CA LEU A 12 5.98 2.49 -3.45
C LEU A 12 5.55 3.89 -3.84
N ALA A 13 4.67 3.98 -4.83
CA ALA A 13 4.17 5.26 -5.30
C ALA A 13 2.82 5.55 -4.68
N VAL A 14 2.76 6.64 -3.95
CA VAL A 14 1.53 7.03 -3.28
C VAL A 14 0.97 8.27 -3.96
N GLU A 15 -0.20 8.11 -4.56
CA GLU A 15 -0.78 9.17 -5.37
C GLU A 15 -2.21 9.46 -4.93
N VAL A 16 -2.46 10.72 -4.62
CA VAL A 16 -3.80 11.15 -4.24
C VAL A 16 -4.67 11.35 -5.47
N LYS A 17 -5.83 10.72 -5.50
CA LYS A 17 -6.74 10.84 -6.63
C LYS A 17 -7.96 11.65 -6.26
N GLN A 18 -8.26 12.64 -7.08
CA GLN A 18 -9.35 13.58 -6.79
C GLN A 18 -10.25 13.80 -8.00
N PRO A 19 -11.26 12.94 -8.19
CA PRO A 19 -12.26 13.09 -9.25
C PRO A 19 -13.29 14.17 -8.90
N GLU A 20 -14.08 14.57 -9.89
CA GLU A 20 -15.07 15.62 -9.69
C GLU A 20 -16.38 15.04 -9.15
N ASP A 21 -16.84 13.95 -9.75
CA ASP A 21 -18.09 13.33 -9.34
C ASP A 21 -17.83 12.31 -8.24
N ARG A 22 -16.89 11.41 -8.49
CA ARG A 22 -16.47 10.44 -7.49
C ARG A 22 -15.67 11.14 -6.40
N LYS A 23 -15.91 10.77 -5.16
CA LYS A 23 -15.21 11.38 -4.04
C LYS A 23 -13.73 11.02 -4.06
N PRO A 24 -12.87 11.97 -3.64
CA PRO A 24 -11.41 11.80 -3.64
C PRO A 24 -10.96 10.66 -2.73
N TYR A 25 -9.94 9.95 -3.17
CA TYR A 25 -9.43 8.79 -2.46
C TYR A 25 -7.92 8.71 -2.63
N LEU A 26 -7.25 8.00 -1.75
CA LEU A 26 -5.82 7.86 -1.82
C LEU A 26 -5.48 6.54 -2.50
N TRP A 27 -4.66 6.63 -3.53
CA TRP A 27 -4.37 5.47 -4.37
C TRP A 27 -2.92 5.03 -4.19
N ILE A 28 -2.74 3.89 -3.55
CA ILE A 28 -1.42 3.33 -3.33
C ILE A 28 -1.11 2.31 -4.40
N LYS A 29 0.07 2.39 -4.99
CA LYS A 29 0.51 1.38 -5.95
C LYS A 29 2.01 1.20 -5.86
N TRP A 30 2.43 -0.03 -6.03
CA TRP A 30 3.83 -0.41 -5.83
C TRP A 30 4.34 -1.13 -7.06
N SER A 31 5.65 -1.23 -7.18
CA SER A 31 6.26 -1.86 -8.33
C SER A 31 6.75 -3.26 -7.96
N PRO A 32 6.12 -4.30 -8.55
CA PRO A 32 6.57 -5.67 -8.38
C PRO A 32 7.70 -6.01 -9.35
N PRO A 33 8.74 -6.73 -8.88
CA PRO A 33 9.86 -7.17 -9.71
C PRO A 33 9.37 -7.98 -10.92
N THR A 34 9.93 -7.69 -12.08
CA THR A 34 9.53 -8.31 -13.32
C THR A 34 9.86 -9.80 -13.33
N LEU A 35 10.99 -10.15 -12.75
CA LEU A 35 11.41 -11.54 -12.70
C LEU A 35 11.28 -12.11 -11.29
N ILE A 36 10.15 -12.73 -11.05
CA ILE A 36 9.90 -13.42 -9.79
C ILE A 36 9.79 -14.90 -10.04
N ASP A 37 8.85 -15.26 -10.91
CA ASP A 37 8.60 -16.65 -11.27
C ASP A 37 8.29 -17.48 -10.02
N LEU A 38 7.04 -17.44 -9.61
CA LEU A 38 6.59 -18.18 -8.43
C LEU A 38 6.79 -19.67 -8.61
N LYS A 39 6.75 -20.12 -9.87
CA LYS A 39 7.06 -21.49 -10.27
C LYS A 39 5.99 -22.49 -9.84
N THR A 40 5.53 -22.36 -8.60
CA THR A 40 4.55 -23.27 -8.02
C THR A 40 3.25 -23.31 -8.82
N GLY A 41 2.87 -22.18 -9.40
CA GLY A 41 1.68 -22.14 -10.23
C GLY A 41 0.41 -21.94 -9.42
N TRP A 42 0.13 -22.87 -8.53
CA TRP A 42 -1.08 -22.81 -7.71
C TRP A 42 -0.89 -21.91 -6.50
N PHE A 43 -0.14 -20.84 -6.70
CA PHE A 43 0.17 -19.90 -5.63
C PHE A 43 0.18 -18.49 -6.18
N THR A 44 -0.49 -17.59 -5.49
CA THR A 44 -0.53 -16.19 -5.91
C THR A 44 0.13 -15.31 -4.85
N LEU A 45 0.84 -14.29 -5.31
CA LEU A 45 1.50 -13.36 -4.41
C LEU A 45 0.49 -12.32 -3.94
N LEU A 46 0.15 -12.39 -2.66
CA LEU A 46 -0.87 -11.51 -2.09
C LEU A 46 -0.24 -10.35 -1.35
N TYR A 47 -0.83 -9.18 -1.50
CA TYR A 47 -0.28 -7.96 -0.92
C TYR A 47 -1.14 -7.46 0.23
N GLU A 48 -0.49 -6.93 1.25
CA GLU A 48 -1.18 -6.32 2.38
C GLU A 48 -0.63 -4.91 2.61
N ILE A 49 -1.53 -3.96 2.83
CA ILE A 49 -1.15 -2.56 3.00
C ILE A 49 -1.47 -2.08 4.41
N ARG A 50 -0.48 -1.50 5.06
CA ARG A 50 -0.65 -0.97 6.40
C ARG A 50 -0.47 0.53 6.38
N LEU A 51 -1.48 1.25 6.86
CA LEU A 51 -1.46 2.71 6.82
C LEU A 51 -2.09 3.30 8.07
N LYS A 52 -1.78 4.57 8.34
CA LYS A 52 -2.37 5.30 9.46
C LYS A 52 -1.96 6.76 9.40
N PRO A 53 -2.82 7.67 9.89
CA PRO A 53 -2.44 9.08 10.08
C PRO A 53 -1.43 9.20 11.22
N GLU A 54 -0.71 10.33 11.24
CA GLU A 54 0.39 10.51 12.19
C GLU A 54 -0.11 10.61 13.62
N LYS A 55 -1.37 10.97 13.81
CA LYS A 55 -1.92 11.09 15.16
C LYS A 55 -2.42 9.74 15.66
N ALA A 56 -2.48 8.77 14.75
CA ALA A 56 -2.95 7.45 15.07
C ALA A 56 -1.84 6.62 15.69
N ALA A 57 -2.15 5.98 16.81
CA ALA A 57 -1.20 5.12 17.50
C ALA A 57 -1.24 3.72 16.91
N GLU A 58 -2.42 3.29 16.53
CA GLU A 58 -2.61 1.96 15.96
C GLU A 58 -2.56 2.02 14.44
N TRP A 59 -1.98 1.00 13.85
CA TRP A 59 -1.89 0.90 12.41
C TRP A 59 -3.11 0.23 11.82
N GLU A 60 -3.53 0.65 10.64
CA GLU A 60 -4.61 0.00 9.93
C GLU A 60 -4.08 -0.99 8.92
N ILE A 61 -4.40 -2.25 9.12
CA ILE A 61 -3.98 -3.31 8.21
C ILE A 61 -5.10 -3.60 7.20
N HIS A 62 -4.85 -3.26 5.95
CA HIS A 62 -5.82 -3.47 4.89
C HIS A 62 -5.27 -4.42 3.85
N PHE A 63 -5.94 -5.54 3.66
CA PHE A 63 -5.48 -6.56 2.73
C PHE A 63 -5.96 -6.23 1.32
N ALA A 64 -5.07 -6.41 0.34
CA ALA A 64 -5.42 -6.13 -1.04
C ALA A 64 -5.71 -7.41 -1.81
N GLY A 65 -4.90 -8.42 -1.56
CA GLY A 65 -5.09 -9.69 -2.22
C GLY A 65 -4.28 -9.79 -3.50
N GLN A 66 -4.96 -10.09 -4.60
CA GLN A 66 -4.31 -10.26 -5.89
C GLN A 66 -4.41 -8.98 -6.72
N GLN A 67 -3.78 -7.93 -6.22
CA GLN A 67 -3.78 -6.64 -6.92
C GLN A 67 -2.59 -5.81 -6.45
N THR A 68 -2.00 -5.07 -7.38
CA THR A 68 -0.82 -4.29 -7.08
C THR A 68 -1.16 -2.81 -6.83
N GLU A 69 -2.35 -2.59 -6.29
CA GLU A 69 -2.79 -1.26 -5.92
C GLU A 69 -3.90 -1.35 -4.89
N PHE A 70 -4.09 -0.28 -4.12
CA PHE A 70 -5.12 -0.25 -3.11
C PHE A 70 -5.67 1.18 -2.98
N LYS A 71 -6.92 1.31 -2.53
CA LYS A 71 -7.55 2.61 -2.40
C LYS A 71 -8.00 2.86 -0.96
N ILE A 72 -7.66 4.03 -0.43
CA ILE A 72 -8.14 4.44 0.88
C ILE A 72 -9.19 5.52 0.71
N LEU A 73 -10.26 5.44 1.50
CA LEU A 73 -11.37 6.39 1.37
C LEU A 73 -11.35 7.42 2.49
N SER A 74 -10.81 7.02 3.64
CA SER A 74 -10.84 7.86 4.83
C SER A 74 -9.60 8.76 4.92
N LEU A 75 -9.56 9.81 4.11
CA LEU A 75 -8.46 10.77 4.17
C LEU A 75 -8.97 12.13 4.62
N HIS A 76 -8.16 12.82 5.41
CA HIS A 76 -8.46 14.18 5.84
C HIS A 76 -7.48 15.15 5.20
N PRO A 77 -7.97 16.27 4.66
CA PRO A 77 -7.14 17.29 4.02
C PRO A 77 -6.12 17.90 4.97
N GLY A 78 -4.87 17.95 4.55
CA GLY A 78 -3.82 18.50 5.39
C GLY A 78 -3.44 17.57 6.52
N GLN A 79 -3.32 16.28 6.20
CA GLN A 79 -2.96 15.28 7.18
C GLN A 79 -1.88 14.37 6.62
N LYS A 80 -1.01 13.89 7.50
CA LYS A 80 0.06 12.99 7.12
C LYS A 80 -0.37 11.54 7.33
N TYR A 81 -0.23 10.75 6.28
CA TYR A 81 -0.53 9.33 6.36
C TYR A 81 0.71 8.51 6.01
N LEU A 82 0.95 7.47 6.78
CA LEU A 82 2.06 6.57 6.52
C LEU A 82 1.52 5.31 5.87
N VAL A 83 2.11 4.90 4.76
CA VAL A 83 1.65 3.73 4.03
C VAL A 83 2.77 2.71 3.82
N GLN A 84 2.42 1.44 3.92
CA GLN A 84 3.35 0.34 3.71
C GLN A 84 2.66 -0.80 2.98
N VAL A 85 3.41 -1.54 2.17
CA VAL A 85 2.87 -2.71 1.50
C VAL A 85 3.89 -3.84 1.50
N ARG A 86 3.45 -5.05 1.78
CA ARG A 86 4.32 -6.22 1.77
C ARG A 86 3.57 -7.43 1.24
N CYS A 87 4.31 -8.43 0.81
CA CYS A 87 3.74 -9.65 0.25
C CYS A 87 4.64 -10.84 0.56
N LYS A 88 4.18 -12.05 0.26
CA LYS A 88 4.93 -13.24 0.64
C LYS A 88 4.92 -14.28 -0.47
N PRO A 89 6.12 -14.60 -0.99
CA PRO A 89 6.31 -15.64 -1.99
C PRO A 89 6.32 -17.05 -1.38
N ASP A 90 6.87 -18.02 -2.11
CA ASP A 90 6.87 -19.41 -1.67
C ASP A 90 7.97 -19.67 -0.66
N HIS A 91 9.17 -19.19 -0.96
CA HIS A 91 10.35 -19.52 -0.16
C HIS A 91 10.65 -18.47 0.90
N GLY A 92 9.63 -17.73 1.31
CA GLY A 92 9.81 -16.74 2.35
C GLY A 92 8.50 -16.32 2.99
N TYR A 93 8.59 -15.60 4.10
CA TYR A 93 7.43 -15.13 4.84
C TYR A 93 7.81 -13.94 5.70
N TRP A 94 6.86 -13.05 5.96
CA TRP A 94 7.15 -11.83 6.71
C TRP A 94 6.22 -11.70 7.91
N SER A 95 6.75 -11.17 9.01
CA SER A 95 5.97 -10.92 10.21
C SER A 95 6.25 -9.52 10.74
N ALA A 96 6.90 -8.71 9.92
CA ALA A 96 7.26 -7.35 10.31
C ALA A 96 7.20 -6.42 9.11
N TRP A 97 7.18 -5.13 9.37
CA TRP A 97 7.08 -4.13 8.32
C TRP A 97 8.37 -3.32 8.25
N SER A 98 8.54 -2.54 7.18
CA SER A 98 9.75 -1.76 6.98
C SER A 98 9.50 -0.44 6.23
N PRO A 99 8.97 -0.48 4.98
CA PRO A 99 8.93 0.69 4.11
C PRO A 99 7.79 1.66 4.45
N ALA A 100 7.95 2.41 5.52
CA ALA A 100 6.94 3.40 5.91
C ALA A 100 7.07 4.65 5.03
N THR A 101 6.16 4.77 4.08
CA THR A 101 6.16 5.88 3.15
C THR A 101 5.18 6.97 3.62
N PHE A 102 5.59 8.22 3.47
CA PHE A 102 4.77 9.34 3.94
C PHE A 102 4.09 10.05 2.77
N ILE A 103 2.80 10.29 2.91
CA ILE A 103 2.05 11.00 1.89
C ILE A 103 1.30 12.19 2.50
N GLN A 104 1.30 13.30 1.78
CA GLN A 104 0.60 14.50 2.22
C GLN A 104 -0.71 14.68 1.45
N ILE A 105 -1.81 14.67 2.19
CA ILE A 105 -3.12 14.90 1.59
C ILE A 105 -3.38 16.40 1.45
N PRO A 106 -3.68 16.86 0.23
CA PRO A 106 -3.82 18.29 -0.08
C PRO A 106 -5.01 18.94 0.62
N SER A 107 -5.01 20.28 0.64
CA SER A 107 -6.07 21.04 1.28
C SER A 107 -7.40 20.90 0.54
N ASP A 108 -7.36 21.04 -0.78
CA ASP A 108 -8.57 20.97 -1.59
C ASP A 108 -8.89 19.52 -1.95
N PHE A 109 -8.60 18.62 -1.02
CA PHE A 109 -8.95 17.22 -1.18
C PHE A 109 -10.46 17.08 -1.10
N THR A 110 -11.01 17.53 0.02
CA THR A 110 -12.45 17.57 0.21
C THR A 110 -12.76 18.63 1.24
N MET A 111 -13.97 19.15 1.23
CA MET A 111 -14.33 20.24 2.12
C MET A 111 -15.38 19.80 3.13
N ASN A 112 -16.40 19.08 2.69
CA ASN A 112 -17.46 18.60 3.58
C ASN A 112 -18.01 19.76 4.42
N ASP A 113 -18.25 20.88 3.76
CA ASP A 113 -18.71 22.08 4.44
C ASP A 113 -20.20 22.28 4.22
N MET A 1 23.00 -18.47 6.65
CA MET A 1 22.34 -18.34 5.35
C MET A 1 20.86 -18.03 5.53
N TYR A 2 20.28 -17.34 4.56
CA TYR A 2 18.87 -17.00 4.59
C TYR A 2 18.16 -17.57 3.37
N ILE A 3 16.90 -17.95 3.55
CA ILE A 3 16.09 -18.58 2.51
C ILE A 3 16.25 -17.94 1.14
N VAL A 4 15.92 -16.66 1.06
CA VAL A 4 15.91 -15.94 -0.21
C VAL A 4 16.67 -14.63 -0.14
N GLN A 5 17.10 -14.17 -1.31
CA GLN A 5 17.55 -12.80 -1.46
C GLN A 5 16.36 -11.96 -1.92
N PRO A 6 15.56 -11.44 -0.97
CA PRO A 6 14.26 -10.86 -1.27
C PRO A 6 14.34 -9.42 -1.74
N ASP A 7 13.59 -9.11 -2.78
CA ASP A 7 13.46 -7.75 -3.26
C ASP A 7 12.04 -7.25 -3.01
N PRO A 8 11.83 -6.61 -1.84
CA PRO A 8 10.51 -6.10 -1.43
C PRO A 8 9.96 -5.07 -2.40
N PRO A 9 8.63 -4.95 -2.47
CA PRO A 9 7.96 -3.99 -3.35
C PRO A 9 8.38 -2.55 -3.07
N LEU A 10 9.31 -2.07 -3.87
CA LEU A 10 9.83 -0.72 -3.73
C LEU A 10 9.09 0.22 -4.65
N GLU A 11 9.56 1.46 -4.72
CA GLU A 11 8.91 2.49 -5.53
C GLU A 11 7.45 2.63 -5.15
N LEU A 12 7.20 2.61 -3.84
CA LEU A 12 5.87 2.75 -3.31
C LEU A 12 5.38 4.16 -3.56
N ALA A 13 4.65 4.34 -4.65
CA ALA A 13 4.14 5.64 -5.01
C ALA A 13 2.73 5.82 -4.48
N VAL A 14 2.53 6.88 -3.74
CA VAL A 14 1.23 7.16 -3.17
C VAL A 14 0.64 8.37 -3.86
N GLU A 15 -0.43 8.16 -4.58
CA GLU A 15 -1.03 9.20 -5.40
C GLU A 15 -2.46 9.44 -4.98
N VAL A 16 -2.74 10.65 -4.53
CA VAL A 16 -4.08 10.99 -4.09
C VAL A 16 -4.96 11.30 -5.29
N LYS A 17 -6.06 10.59 -5.42
CA LYS A 17 -6.93 10.75 -6.59
C LYS A 17 -8.15 11.58 -6.24
N GLN A 18 -8.31 12.69 -6.94
CA GLN A 18 -9.45 13.57 -6.76
C GLN A 18 -10.20 13.72 -8.08
N PRO A 19 -11.12 12.79 -8.35
CA PRO A 19 -11.86 12.73 -9.62
C PRO A 19 -12.88 13.86 -9.77
N GLU A 20 -13.61 13.83 -10.87
CA GLU A 20 -14.59 14.87 -11.17
C GLU A 20 -15.84 14.72 -10.31
N ASP A 21 -16.56 13.62 -10.50
CA ASP A 21 -17.81 13.39 -9.79
C ASP A 21 -17.74 12.13 -8.93
N ARG A 22 -16.52 11.65 -8.73
CA ARG A 22 -16.29 10.49 -7.88
C ARG A 22 -15.59 10.92 -6.60
N LYS A 23 -15.85 10.19 -5.52
CA LYS A 23 -15.27 10.51 -4.22
C LYS A 23 -13.75 10.42 -4.27
N PRO A 24 -13.05 11.38 -3.64
CA PRO A 24 -11.59 11.39 -3.59
C PRO A 24 -11.05 10.24 -2.76
N TYR A 25 -9.99 9.62 -3.23
CA TYR A 25 -9.44 8.44 -2.59
C TYR A 25 -7.94 8.38 -2.79
N LEU A 26 -7.26 7.66 -1.90
CA LEU A 26 -5.81 7.54 -1.98
C LEU A 26 -5.43 6.31 -2.77
N TRP A 27 -4.63 6.50 -3.81
CA TRP A 27 -4.21 5.40 -4.66
C TRP A 27 -2.78 5.00 -4.34
N ILE A 28 -2.63 3.89 -3.63
CA ILE A 28 -1.32 3.39 -3.27
C ILE A 28 -0.88 2.34 -4.29
N LYS A 29 0.20 2.62 -5.00
CA LYS A 29 0.70 1.71 -6.02
C LYS A 29 2.20 1.45 -5.81
N TRP A 30 2.55 0.19 -5.74
CA TRP A 30 3.92 -0.23 -5.50
C TRP A 30 4.46 -0.99 -6.70
N SER A 31 5.77 -1.07 -6.80
CA SER A 31 6.41 -1.80 -7.87
C SER A 31 6.54 -3.27 -7.48
N PRO A 32 5.90 -4.18 -8.24
CA PRO A 32 5.91 -5.61 -7.95
C PRO A 32 7.32 -6.19 -8.00
N PRO A 33 7.58 -7.23 -7.18
CA PRO A 33 8.90 -7.87 -7.10
C PRO A 33 9.35 -8.41 -8.46
N THR A 34 10.64 -8.69 -8.55
CA THR A 34 11.23 -9.15 -9.80
C THR A 34 10.76 -10.56 -10.16
N LEU A 35 11.15 -11.02 -11.33
CA LEU A 35 10.70 -12.30 -11.84
C LEU A 35 11.17 -13.47 -10.98
N ILE A 36 10.22 -14.13 -10.34
CA ILE A 36 10.49 -15.29 -9.50
C ILE A 36 10.17 -16.56 -10.30
N ASP A 37 9.87 -16.35 -11.58
CA ASP A 37 9.46 -17.43 -12.49
C ASP A 37 8.17 -18.06 -11.98
N LEU A 38 7.18 -17.22 -11.75
CA LEU A 38 5.90 -17.64 -11.21
C LEU A 38 4.92 -17.95 -12.35
N LYS A 39 5.20 -19.04 -13.06
CA LYS A 39 4.45 -19.38 -14.27
C LYS A 39 3.41 -20.47 -14.01
N THR A 40 3.40 -20.99 -12.80
CA THR A 40 2.40 -21.95 -12.39
C THR A 40 1.06 -21.25 -12.15
N GLY A 41 0.06 -22.00 -11.69
CA GLY A 41 -1.25 -21.42 -11.47
C GLY A 41 -1.58 -21.27 -10.00
N TRP A 42 -0.56 -21.42 -9.16
CA TRP A 42 -0.74 -21.30 -7.71
C TRP A 42 0.36 -20.43 -7.13
N PHE A 43 0.71 -19.39 -7.87
CA PHE A 43 1.80 -18.50 -7.52
C PHE A 43 1.30 -17.31 -6.70
N THR A 44 -0.01 -17.27 -6.48
CA THR A 44 -0.67 -16.09 -5.93
C THR A 44 -0.01 -15.55 -4.68
N LEU A 45 0.67 -14.43 -4.85
CA LEU A 45 1.29 -13.71 -3.75
C LEU A 45 0.37 -12.58 -3.31
N LEU A 46 0.14 -12.47 -2.01
CA LEU A 46 -0.79 -11.48 -1.50
C LEU A 46 -0.06 -10.29 -0.89
N TYR A 47 -0.60 -9.10 -1.12
CA TYR A 47 -0.03 -7.88 -0.60
C TYR A 47 -0.84 -7.37 0.58
N GLU A 48 -0.14 -6.85 1.59
CA GLU A 48 -0.78 -6.30 2.76
C GLU A 48 -0.27 -4.88 3.00
N ILE A 49 -1.17 -3.95 3.31
CA ILE A 49 -0.80 -2.55 3.47
C ILE A 49 -1.07 -2.08 4.90
N ARG A 50 -0.05 -1.49 5.51
CA ARG A 50 -0.18 -0.93 6.84
C ARG A 50 -0.05 0.58 6.77
N LEU A 51 -1.07 1.30 7.20
CA LEU A 51 -1.07 2.75 7.07
C LEU A 51 -1.77 3.42 8.26
N LYS A 52 -1.48 4.69 8.47
CA LYS A 52 -2.12 5.48 9.52
C LYS A 52 -1.77 6.96 9.38
N PRO A 53 -2.71 7.86 9.70
CA PRO A 53 -2.43 9.29 9.86
C PRO A 53 -1.69 9.55 11.17
N GLU A 54 -1.15 10.75 11.30
CA GLU A 54 -0.38 11.11 12.48
C GLU A 54 -1.23 10.99 13.75
N LYS A 55 -2.48 11.40 13.66
CA LYS A 55 -3.37 11.44 14.82
C LYS A 55 -4.07 10.11 15.03
N ALA A 56 -3.56 9.07 14.40
CA ALA A 56 -4.14 7.74 14.55
C ALA A 56 -3.51 7.00 15.72
N ALA A 57 -2.19 7.18 15.88
CA ALA A 57 -1.40 6.50 16.91
C ALA A 57 -1.26 5.01 16.60
N GLU A 58 -2.39 4.35 16.41
CA GLU A 58 -2.42 2.93 16.09
C GLU A 58 -2.26 2.73 14.58
N TRP A 59 -1.71 1.59 14.20
CA TRP A 59 -1.54 1.26 12.80
C TRP A 59 -2.75 0.51 12.25
N GLU A 60 -3.19 0.91 11.08
CA GLU A 60 -4.28 0.23 10.39
C GLU A 60 -3.74 -0.71 9.33
N ILE A 61 -4.10 -1.97 9.42
CA ILE A 61 -3.67 -2.96 8.46
C ILE A 61 -4.82 -3.30 7.51
N HIS A 62 -4.59 -3.06 6.23
CA HIS A 62 -5.61 -3.31 5.22
C HIS A 62 -5.06 -4.25 4.16
N PHE A 63 -5.76 -5.37 3.97
CA PHE A 63 -5.30 -6.41 3.05
C PHE A 63 -5.77 -6.11 1.63
N ALA A 64 -4.85 -6.19 0.68
CA ALA A 64 -5.18 -5.91 -0.72
C ALA A 64 -5.47 -7.19 -1.49
N GLY A 65 -4.68 -8.21 -1.23
CA GLY A 65 -4.82 -9.45 -1.97
C GLY A 65 -3.78 -9.58 -3.05
N GLN A 66 -4.17 -10.10 -4.20
CA GLN A 66 -3.25 -10.32 -5.30
C GLN A 66 -3.32 -9.18 -6.31
N GLN A 67 -3.37 -7.96 -5.81
CA GLN A 67 -3.38 -6.77 -6.64
C GLN A 67 -2.30 -5.80 -6.18
N THR A 68 -1.75 -5.03 -7.10
CA THR A 68 -0.63 -4.16 -6.80
C THR A 68 -1.07 -2.71 -6.61
N GLU A 69 -2.31 -2.52 -6.23
CA GLU A 69 -2.83 -1.19 -5.93
C GLU A 69 -3.95 -1.29 -4.90
N PHE A 70 -3.98 -0.34 -3.98
CA PHE A 70 -5.02 -0.33 -2.95
C PHE A 70 -5.64 1.05 -2.85
N LYS A 71 -6.93 1.12 -2.52
CA LYS A 71 -7.63 2.39 -2.40
C LYS A 71 -8.02 2.66 -0.96
N ILE A 72 -7.74 3.87 -0.49
CA ILE A 72 -8.20 4.31 0.82
C ILE A 72 -9.23 5.42 0.63
N LEU A 73 -10.32 5.37 1.38
CA LEU A 73 -11.36 6.40 1.31
C LEU A 73 -11.28 7.32 2.52
N SER A 74 -10.74 6.79 3.61
CA SER A 74 -10.69 7.51 4.88
C SER A 74 -9.44 8.39 4.96
N LEU A 75 -9.42 9.46 4.17
CA LEU A 75 -8.33 10.42 4.22
C LEU A 75 -8.81 11.74 4.81
N HIS A 76 -7.97 12.34 5.63
CA HIS A 76 -8.26 13.65 6.18
C HIS A 76 -7.48 14.72 5.43
N PRO A 77 -8.19 15.71 4.86
CA PRO A 77 -7.55 16.81 4.12
C PRO A 77 -6.55 17.58 4.98
N GLY A 78 -5.29 17.55 4.58
CA GLY A 78 -4.26 18.29 5.29
C GLY A 78 -3.60 17.47 6.37
N GLN A 79 -3.49 16.16 6.15
CA GLN A 79 -2.87 15.28 7.14
C GLN A 79 -1.87 14.34 6.48
N LYS A 80 -0.96 13.81 7.28
CA LYS A 80 0.12 12.99 6.79
C LYS A 80 -0.11 11.53 7.13
N TYR A 81 -0.05 10.67 6.13
CA TYR A 81 -0.27 9.25 6.32
C TYR A 81 1.01 8.47 6.07
N LEU A 82 1.28 7.50 6.92
CA LEU A 82 2.42 6.61 6.75
C LEU A 82 1.93 5.31 6.14
N VAL A 83 2.50 4.91 5.02
CA VAL A 83 2.06 3.71 4.33
C VAL A 83 3.17 2.68 4.16
N GLN A 84 2.83 1.41 4.34
CA GLN A 84 3.75 0.31 4.13
C GLN A 84 3.06 -0.81 3.36
N VAL A 85 3.83 -1.53 2.56
CA VAL A 85 3.30 -2.67 1.83
C VAL A 85 4.37 -3.75 1.71
N ARG A 86 3.95 -5.00 1.81
CA ARG A 86 4.86 -6.12 1.60
C ARG A 86 4.07 -7.26 0.98
N CYS A 87 4.75 -8.06 0.17
CA CYS A 87 4.13 -9.20 -0.47
C CYS A 87 4.53 -10.48 0.22
N LYS A 88 3.68 -11.49 0.11
CA LYS A 88 3.97 -12.79 0.65
C LYS A 88 4.14 -13.80 -0.49
N PRO A 89 5.39 -14.03 -0.91
CA PRO A 89 5.69 -14.95 -2.02
C PRO A 89 5.32 -16.39 -1.71
N ASP A 90 4.89 -17.08 -2.74
CA ASP A 90 4.51 -18.49 -2.63
C ASP A 90 5.72 -19.36 -2.26
N HIS A 91 6.90 -18.85 -2.55
CA HIS A 91 8.13 -19.57 -2.24
C HIS A 91 8.73 -19.08 -0.93
N GLY A 92 7.93 -18.39 -0.12
CA GLY A 92 8.42 -17.86 1.12
C GLY A 92 7.32 -17.37 2.04
N TYR A 93 7.65 -16.36 2.83
CA TYR A 93 6.71 -15.80 3.79
C TYR A 93 7.19 -14.41 4.22
N TRP A 94 6.48 -13.78 5.13
CA TRP A 94 6.85 -12.45 5.61
C TRP A 94 7.12 -12.49 7.10
N SER A 95 8.20 -11.84 7.50
CA SER A 95 8.55 -11.73 8.90
C SER A 95 7.82 -10.56 9.53
N ALA A 96 7.73 -9.50 8.75
CA ALA A 96 7.10 -8.26 9.20
C ALA A 96 7.08 -7.24 8.08
N TRP A 97 7.04 -5.96 8.45
CA TRP A 97 7.00 -4.87 7.47
C TRP A 97 8.40 -4.36 7.18
N SER A 98 8.60 -3.74 6.03
CA SER A 98 9.92 -3.28 5.63
C SER A 98 9.91 -1.83 5.10
N PRO A 99 9.18 -1.52 4.01
CA PRO A 99 9.25 -0.21 3.35
C PRO A 99 8.17 0.76 3.82
N ALA A 100 8.58 1.81 4.52
CA ALA A 100 7.65 2.83 4.98
C ALA A 100 7.75 4.09 4.13
N THR A 101 6.63 4.47 3.55
CA THR A 101 6.56 5.67 2.73
C THR A 101 5.59 6.67 3.37
N PHE A 102 5.88 7.95 3.21
CA PHE A 102 5.04 8.99 3.79
C PHE A 102 4.30 9.73 2.69
N ILE A 103 3.04 10.07 2.96
CA ILE A 103 2.22 10.77 1.98
C ILE A 103 1.43 11.89 2.65
N GLN A 104 1.37 13.04 1.98
CA GLN A 104 0.62 14.17 2.48
C GLN A 104 -0.68 14.32 1.69
N ILE A 105 -1.78 14.33 2.42
CA ILE A 105 -3.09 14.51 1.81
C ILE A 105 -3.41 16.00 1.74
N PRO A 106 -3.72 16.51 0.53
CA PRO A 106 -4.02 17.94 0.33
C PRO A 106 -5.24 18.38 1.12
N SER A 107 -5.22 19.63 1.58
CA SER A 107 -6.32 20.18 2.36
C SER A 107 -7.53 20.41 1.47
N ASP A 108 -7.32 20.30 0.16
CA ASP A 108 -8.40 20.41 -0.81
C ASP A 108 -8.91 19.04 -1.21
N PHE A 109 -8.56 18.04 -0.41
CA PHE A 109 -9.00 16.66 -0.62
C PHE A 109 -10.51 16.60 -0.75
N THR A 110 -11.19 17.33 0.14
CA THR A 110 -12.64 17.41 0.10
C THR A 110 -13.11 17.95 -1.25
N MET A 111 -13.90 17.16 -1.95
CA MET A 111 -14.33 17.50 -3.30
C MET A 111 -15.51 18.48 -3.25
N ASN A 112 -15.18 19.76 -3.11
CA ASN A 112 -16.19 20.81 -2.98
C ASN A 112 -17.05 20.54 -1.75
N ASP A 113 -18.25 21.08 -1.72
CA ASP A 113 -19.14 20.83 -0.59
C ASP A 113 -20.20 19.80 -0.96
N MET A 1 14.93 -19.09 -0.58
CA MET A 1 16.19 -18.69 0.10
C MET A 1 16.19 -19.18 1.54
N TYR A 2 15.20 -18.75 2.32
CA TYR A 2 15.06 -19.19 3.71
C TYR A 2 13.66 -18.93 4.19
N ILE A 3 13.40 -19.31 5.43
CA ILE A 3 12.08 -19.20 6.07
C ILE A 3 11.36 -17.91 5.73
N VAL A 4 12.09 -16.82 5.79
CA VAL A 4 11.52 -15.52 5.49
C VAL A 4 11.98 -15.06 4.11
N GLN A 5 11.15 -15.33 3.12
CA GLN A 5 11.47 -15.00 1.74
C GLN A 5 11.65 -13.50 1.56
N PRO A 6 12.77 -13.12 0.93
CA PRO A 6 13.15 -11.72 0.73
C PRO A 6 12.47 -11.09 -0.48
N ASP A 7 13.03 -9.99 -0.95
CA ASP A 7 12.53 -9.25 -2.11
C ASP A 7 11.18 -8.60 -1.82
N PRO A 8 11.21 -7.40 -1.23
CA PRO A 8 10.00 -6.63 -0.98
C PRO A 8 9.62 -5.77 -2.18
N PRO A 9 8.32 -5.55 -2.40
CA PRO A 9 7.84 -4.62 -3.42
C PRO A 9 8.38 -3.21 -3.16
N LEU A 10 8.74 -2.52 -4.23
CA LEU A 10 9.43 -1.25 -4.10
C LEU A 10 8.73 -0.14 -4.88
N GLU A 11 9.26 1.07 -4.72
CA GLU A 11 8.75 2.24 -5.42
C GLU A 11 7.26 2.46 -5.15
N LEU A 12 6.95 2.66 -3.88
CA LEU A 12 5.59 2.98 -3.48
C LEU A 12 5.22 4.38 -3.93
N ALA A 13 4.51 4.47 -5.05
CA ALA A 13 4.05 5.74 -5.56
C ALA A 13 2.61 5.97 -5.14
N VAL A 14 2.39 7.05 -4.43
CA VAL A 14 1.07 7.37 -3.92
C VAL A 14 0.56 8.64 -4.57
N GLU A 15 -0.56 8.51 -5.26
CA GLU A 15 -1.13 9.62 -6.00
C GLU A 15 -2.52 9.95 -5.46
N VAL A 16 -2.78 11.23 -5.23
CA VAL A 16 -4.09 11.64 -4.75
C VAL A 16 -5.02 11.87 -5.93
N LYS A 17 -6.18 11.25 -5.89
CA LYS A 17 -7.12 11.30 -6.98
C LYS A 17 -8.41 11.99 -6.55
N GLN A 18 -8.61 13.22 -7.03
CA GLN A 18 -9.81 13.98 -6.69
C GLN A 18 -10.70 14.13 -7.92
N PRO A 19 -11.73 13.28 -8.05
CA PRO A 19 -12.68 13.34 -9.16
C PRO A 19 -13.62 14.54 -9.04
N GLU A 20 -14.52 14.68 -10.01
CA GLU A 20 -15.44 15.82 -10.04
C GLU A 20 -16.49 15.68 -8.94
N ASP A 21 -17.38 14.71 -9.08
CA ASP A 21 -18.48 14.53 -8.14
C ASP A 21 -18.24 13.30 -7.27
N ARG A 22 -17.36 12.43 -7.70
CA ARG A 22 -17.01 11.24 -6.94
C ARG A 22 -16.02 11.59 -5.84
N LYS A 23 -16.19 10.98 -4.68
CA LYS A 23 -15.37 11.27 -3.51
C LYS A 23 -13.89 11.02 -3.79
N PRO A 24 -13.03 11.96 -3.37
CA PRO A 24 -11.58 11.85 -3.57
C PRO A 24 -10.97 10.68 -2.78
N TYR A 25 -9.91 10.12 -3.32
CA TYR A 25 -9.28 8.94 -2.71
C TYR A 25 -7.80 8.90 -3.02
N LEU A 26 -7.08 8.03 -2.33
CA LEU A 26 -5.66 7.83 -2.59
C LEU A 26 -5.43 6.60 -3.43
N TRP A 27 -4.47 6.69 -4.32
CA TRP A 27 -4.06 5.57 -5.15
C TRP A 27 -2.65 5.15 -4.80
N ILE A 28 -2.53 4.04 -4.09
CA ILE A 28 -1.24 3.51 -3.70
C ILE A 28 -0.80 2.47 -4.72
N LYS A 29 0.31 2.73 -5.38
CA LYS A 29 0.78 1.87 -6.44
C LYS A 29 2.26 1.55 -6.26
N TRP A 30 2.55 0.27 -6.12
CA TRP A 30 3.92 -0.20 -5.93
C TRP A 30 4.33 -1.06 -7.10
N SER A 31 5.63 -1.25 -7.26
CA SER A 31 6.15 -2.10 -8.30
C SER A 31 6.57 -3.44 -7.70
N PRO A 32 6.21 -4.55 -8.37
CA PRO A 32 6.48 -5.91 -7.87
C PRO A 32 7.96 -6.11 -7.53
N PRO A 33 8.26 -6.97 -6.54
CA PRO A 33 9.61 -7.18 -6.02
C PRO A 33 10.65 -7.41 -7.13
N THR A 34 10.75 -8.64 -7.61
CA THR A 34 11.70 -8.98 -8.66
C THR A 34 11.17 -10.10 -9.54
N LEU A 35 11.21 -11.32 -9.00
CA LEU A 35 10.82 -12.51 -9.76
C LEU A 35 9.63 -13.20 -9.14
N ILE A 36 8.48 -12.99 -9.73
CA ILE A 36 7.27 -13.64 -9.27
C ILE A 36 6.97 -14.85 -10.14
N ASP A 37 7.57 -15.92 -9.76
CA ASP A 37 7.39 -17.22 -10.41
C ASP A 37 6.05 -17.86 -10.01
N LEU A 38 5.33 -17.19 -9.12
CA LEU A 38 4.11 -17.75 -8.54
C LEU A 38 2.92 -17.63 -9.48
N LYS A 39 3.03 -18.20 -10.68
CA LYS A 39 1.92 -18.23 -11.61
C LYS A 39 1.05 -19.44 -11.31
N THR A 40 -0.06 -19.18 -10.63
CA THR A 40 -0.94 -20.22 -10.13
C THR A 40 -1.96 -19.61 -9.17
N GLY A 41 -3.16 -20.18 -9.13
CA GLY A 41 -4.17 -19.68 -8.22
C GLY A 41 -3.79 -19.94 -6.78
N TRP A 42 -3.50 -21.19 -6.48
CA TRP A 42 -3.02 -21.57 -5.16
C TRP A 42 -1.53 -21.32 -5.08
N PHE A 43 -1.07 -20.75 -3.98
CA PHE A 43 0.32 -20.32 -3.82
C PHE A 43 0.60 -19.16 -4.77
N THR A 44 -0.15 -18.09 -4.58
CA THR A 44 0.09 -16.86 -5.32
C THR A 44 0.70 -15.83 -4.39
N LEU A 45 1.16 -14.72 -4.93
CA LEU A 45 1.86 -13.72 -4.15
C LEU A 45 0.88 -12.62 -3.72
N LEU A 46 0.59 -12.57 -2.42
CA LEU A 46 -0.37 -11.61 -1.90
C LEU A 46 0.34 -10.37 -1.37
N TYR A 47 -0.18 -9.20 -1.74
CA TYR A 47 0.40 -7.94 -1.30
C TYR A 47 -0.45 -7.35 -0.18
N GLU A 48 0.22 -6.71 0.76
CA GLU A 48 -0.42 -6.21 1.97
C GLU A 48 0.07 -4.81 2.29
N ILE A 49 -0.85 -3.92 2.67
CA ILE A 49 -0.50 -2.53 2.92
C ILE A 49 -0.83 -2.14 4.35
N ARG A 50 0.15 -1.61 5.06
CA ARG A 50 -0.05 -1.11 6.42
C ARG A 50 0.03 0.40 6.40
N LEU A 51 -1.03 1.06 6.84
CA LEU A 51 -1.08 2.50 6.81
C LEU A 51 -1.84 3.06 8.00
N LYS A 52 -1.59 4.33 8.30
CA LYS A 52 -2.32 5.04 9.34
C LYS A 52 -2.01 6.52 9.25
N PRO A 53 -2.96 7.39 9.62
CA PRO A 53 -2.71 8.83 9.69
C PRO A 53 -1.79 9.20 10.85
N GLU A 54 -1.20 10.38 10.78
CA GLU A 54 -0.26 10.85 11.80
C GLU A 54 -0.81 10.72 13.21
N LYS A 55 -2.04 11.16 13.42
CA LYS A 55 -2.63 11.21 14.75
C LYS A 55 -3.24 9.86 15.14
N ALA A 56 -2.93 8.83 14.38
CA ALA A 56 -3.44 7.48 14.64
C ALA A 56 -2.54 6.74 15.61
N ALA A 57 -3.16 6.09 16.59
CA ALA A 57 -2.43 5.36 17.61
C ALA A 57 -2.20 3.91 17.20
N GLU A 58 -3.02 3.43 16.28
CA GLU A 58 -2.94 2.05 15.83
C GLU A 58 -2.67 1.98 14.33
N TRP A 59 -1.91 0.98 13.92
CA TRP A 59 -1.64 0.75 12.51
C TRP A 59 -2.77 -0.03 11.86
N GLU A 60 -3.15 0.39 10.67
CA GLU A 60 -4.24 -0.25 9.97
C GLU A 60 -3.74 -1.03 8.76
N ILE A 61 -3.94 -2.33 8.81
CA ILE A 61 -3.55 -3.20 7.73
C ILE A 61 -4.68 -3.35 6.73
N HIS A 62 -4.37 -3.16 5.46
CA HIS A 62 -5.32 -3.35 4.39
C HIS A 62 -4.76 -4.36 3.40
N PHE A 63 -5.52 -5.39 3.11
CA PHE A 63 -5.03 -6.48 2.27
C PHE A 63 -5.40 -6.24 0.82
N ALA A 64 -4.38 -6.14 -0.03
CA ALA A 64 -4.58 -5.98 -1.47
C ALA A 64 -5.02 -7.29 -2.08
N GLY A 65 -4.26 -8.34 -1.80
CA GLY A 65 -4.61 -9.64 -2.34
C GLY A 65 -4.21 -9.79 -3.81
N GLN A 66 -2.93 -10.09 -4.03
CA GLN A 66 -2.37 -10.36 -5.36
C GLN A 66 -2.21 -9.09 -6.20
N GLN A 67 -3.19 -8.19 -6.12
CA GLN A 67 -3.16 -6.95 -6.90
C GLN A 67 -2.04 -6.04 -6.40
N THR A 68 -1.43 -5.31 -7.31
CA THR A 68 -0.31 -4.46 -6.96
C THR A 68 -0.71 -2.99 -6.91
N GLU A 69 -1.97 -2.75 -6.56
CA GLU A 69 -2.46 -1.40 -6.38
C GLU A 69 -3.64 -1.41 -5.42
N PHE A 70 -3.75 -0.37 -4.61
CA PHE A 70 -4.80 -0.29 -3.62
C PHE A 70 -5.31 1.14 -3.50
N LYS A 71 -6.60 1.30 -3.22
CA LYS A 71 -7.19 2.62 -3.08
C LYS A 71 -7.70 2.83 -1.66
N ILE A 72 -7.57 4.05 -1.16
CA ILE A 72 -8.07 4.39 0.16
C ILE A 72 -9.12 5.49 0.05
N LEU A 73 -10.22 5.32 0.76
CA LEU A 73 -11.29 6.32 0.77
C LEU A 73 -11.25 7.14 2.05
N SER A 74 -10.76 6.52 3.12
CA SER A 74 -10.76 7.16 4.42
C SER A 74 -9.51 8.02 4.64
N LEU A 75 -9.49 9.18 3.99
CA LEU A 75 -8.41 10.14 4.20
C LEU A 75 -8.94 11.39 4.89
N HIS A 76 -8.13 11.97 5.76
CA HIS A 76 -8.49 13.23 6.41
C HIS A 76 -7.59 14.34 5.88
N PRO A 77 -8.19 15.40 5.32
CA PRO A 77 -7.45 16.53 4.75
C PRO A 77 -6.52 17.20 5.77
N GLY A 78 -5.25 17.30 5.43
CA GLY A 78 -4.30 17.97 6.30
C GLY A 78 -3.52 17.02 7.18
N GLN A 79 -3.60 15.73 6.89
CA GLN A 79 -2.90 14.75 7.70
C GLN A 79 -1.88 13.96 6.88
N LYS A 80 -0.82 13.56 7.57
CA LYS A 80 0.23 12.76 6.98
C LYS A 80 -0.09 11.29 7.14
N TYR A 81 -0.01 10.53 6.06
CA TYR A 81 -0.27 9.09 6.13
C TYR A 81 0.98 8.32 5.79
N LEU A 82 1.26 7.29 6.58
CA LEU A 82 2.39 6.40 6.32
C LEU A 82 1.88 5.12 5.68
N VAL A 83 2.39 4.81 4.50
CA VAL A 83 1.95 3.62 3.79
C VAL A 83 3.11 2.67 3.55
N GLN A 84 2.85 1.38 3.76
CA GLN A 84 3.86 0.35 3.58
C GLN A 84 3.26 -0.85 2.87
N VAL A 85 4.03 -1.43 1.95
CA VAL A 85 3.59 -2.66 1.29
C VAL A 85 4.63 -3.75 1.48
N ARG A 86 4.16 -4.94 1.76
CA ARG A 86 5.03 -6.10 1.86
C ARG A 86 4.35 -7.30 1.20
N CYS A 87 5.13 -8.07 0.47
CA CYS A 87 4.64 -9.25 -0.18
C CYS A 87 5.50 -10.44 0.24
N LYS A 88 4.96 -11.64 0.16
CA LYS A 88 5.68 -12.80 0.69
C LYS A 88 5.07 -14.10 0.16
N PRO A 89 5.92 -14.96 -0.44
CA PRO A 89 5.56 -16.33 -0.78
C PRO A 89 5.04 -17.12 0.43
N ASP A 90 4.39 -18.25 0.16
CA ASP A 90 3.69 -19.03 1.18
C ASP A 90 4.53 -19.30 2.43
N HIS A 91 5.75 -19.78 2.24
CA HIS A 91 6.60 -20.18 3.36
C HIS A 91 7.18 -18.98 4.09
N GLY A 92 7.20 -17.84 3.42
CA GLY A 92 7.83 -16.67 3.98
C GLY A 92 7.00 -16.03 5.06
N TYR A 93 7.32 -16.31 6.31
CA TYR A 93 6.62 -15.72 7.42
C TYR A 93 7.20 -14.35 7.76
N TRP A 94 6.39 -13.36 7.55
CA TRP A 94 6.76 -11.97 7.80
C TRP A 94 6.36 -11.58 9.22
N SER A 95 7.01 -10.53 9.73
CA SER A 95 6.69 -10.01 11.04
C SER A 95 7.17 -8.56 11.16
N ALA A 96 7.33 -7.91 10.02
CA ALA A 96 7.91 -6.58 9.98
C ALA A 96 7.58 -5.84 8.69
N TRP A 97 7.83 -4.53 8.69
CA TRP A 97 7.58 -3.69 7.54
C TRP A 97 8.80 -2.80 7.28
N SER A 98 9.20 -2.68 6.01
CA SER A 98 10.40 -1.92 5.68
C SER A 98 10.11 -0.62 4.89
N PRO A 99 9.32 -0.63 3.80
CA PRO A 99 9.16 0.53 2.95
C PRO A 99 8.05 1.48 3.43
N ALA A 100 8.38 2.35 4.38
CA ALA A 100 7.41 3.32 4.89
C ALA A 100 7.44 4.58 4.03
N THR A 101 6.39 4.75 3.25
CA THR A 101 6.27 5.91 2.38
C THR A 101 5.34 6.93 3.01
N PHE A 102 5.70 8.20 2.89
CA PHE A 102 4.96 9.27 3.54
C PHE A 102 4.18 10.08 2.52
N ILE A 103 2.87 10.12 2.68
CA ILE A 103 2.00 10.87 1.77
C ILE A 103 1.23 11.95 2.55
N GLN A 104 1.22 13.15 2.00
CA GLN A 104 0.47 14.25 2.58
C GLN A 104 -0.89 14.38 1.94
N ILE A 105 -1.91 14.58 2.74
CA ILE A 105 -3.25 14.82 2.22
C ILE A 105 -3.50 16.32 2.16
N PRO A 106 -3.81 16.86 0.97
CA PRO A 106 -4.08 18.29 0.77
C PRO A 106 -5.26 18.77 1.61
N SER A 107 -5.21 20.04 2.02
CA SER A 107 -6.29 20.62 2.80
C SER A 107 -7.52 20.86 1.92
N ASP A 108 -7.30 20.89 0.62
CA ASP A 108 -8.38 21.03 -0.35
C ASP A 108 -8.90 19.67 -0.78
N PHE A 109 -8.56 18.64 0.00
CA PHE A 109 -9.07 17.30 -0.22
C PHE A 109 -10.57 17.28 0.04
N THR A 110 -11.00 18.12 0.98
CA THR A 110 -12.42 18.28 1.27
C THR A 110 -13.14 18.85 0.06
N MET A 111 -14.29 18.28 -0.28
CA MET A 111 -15.09 18.80 -1.37
C MET A 111 -15.84 20.03 -0.89
N ASN A 112 -16.32 20.83 -1.82
CA ASN A 112 -17.00 22.09 -1.49
C ASN A 112 -18.45 21.84 -1.07
N ASP A 113 -18.61 21.04 -0.02
CA ASP A 113 -19.91 20.78 0.60
C ASP A 113 -20.84 20.04 -0.35
N MET A 1 14.68 -22.49 -4.33
CA MET A 1 15.44 -23.62 -3.74
C MET A 1 15.73 -23.37 -2.26
N TYR A 2 14.87 -22.58 -1.62
CA TYR A 2 14.98 -22.27 -0.20
C TYR A 2 13.69 -21.62 0.28
N ILE A 3 13.39 -21.80 1.57
CA ILE A 3 12.21 -21.23 2.19
C ILE A 3 12.02 -19.75 1.88
N VAL A 4 12.89 -18.95 2.45
CA VAL A 4 12.74 -17.50 2.37
C VAL A 4 13.12 -16.98 0.99
N GLN A 5 12.26 -16.12 0.45
CA GLN A 5 12.50 -15.51 -0.85
C GLN A 5 12.22 -14.02 -0.78
N PRO A 6 13.11 -13.26 -0.13
CA PRO A 6 12.89 -11.84 0.14
C PRO A 6 13.25 -10.95 -1.04
N ASP A 7 12.27 -10.27 -1.59
CA ASP A 7 12.49 -9.25 -2.59
C ASP A 7 11.35 -8.24 -2.52
N PRO A 8 11.48 -7.23 -1.66
CA PRO A 8 10.42 -6.24 -1.41
C PRO A 8 10.06 -5.44 -2.66
N PRO A 9 8.75 -5.20 -2.86
CA PRO A 9 8.26 -4.38 -3.97
C PRO A 9 8.71 -2.93 -3.81
N LEU A 10 9.38 -2.42 -4.82
CA LEU A 10 9.97 -1.09 -4.75
C LEU A 10 9.12 -0.08 -5.50
N GLU A 11 9.57 1.19 -5.48
CA GLU A 11 8.85 2.30 -6.10
C GLU A 11 7.42 2.36 -5.61
N LEU A 12 7.28 2.50 -4.29
CA LEU A 12 5.97 2.64 -3.67
C LEU A 12 5.44 4.04 -3.92
N ALA A 13 4.61 4.17 -4.95
CA ALA A 13 4.09 5.47 -5.35
C ALA A 13 2.74 5.74 -4.72
N VAL A 14 2.62 6.90 -4.11
CA VAL A 14 1.38 7.29 -3.46
C VAL A 14 0.83 8.56 -4.10
N GLU A 15 -0.36 8.49 -4.65
CA GLU A 15 -0.95 9.62 -5.35
C GLU A 15 -2.38 9.85 -4.90
N VAL A 16 -2.77 11.11 -4.78
CA VAL A 16 -4.12 11.46 -4.37
C VAL A 16 -4.98 11.74 -5.61
N LYS A 17 -6.04 10.97 -5.77
CA LYS A 17 -6.88 11.07 -6.96
C LYS A 17 -8.24 11.65 -6.62
N GLN A 18 -8.62 12.70 -7.32
CA GLN A 18 -9.94 13.30 -7.16
C GLN A 18 -10.76 13.11 -8.43
N PRO A 19 -11.74 12.22 -8.40
CA PRO A 19 -12.64 11.96 -9.54
C PRO A 19 -13.44 13.20 -9.94
N GLU A 20 -14.11 13.09 -11.08
CA GLU A 20 -14.88 14.19 -11.64
C GLU A 20 -16.21 14.36 -10.93
N ASP A 21 -16.56 13.40 -10.08
CA ASP A 21 -17.82 13.44 -9.34
C ASP A 21 -17.76 12.56 -8.11
N ARG A 22 -17.13 11.39 -8.24
CA ARG A 22 -17.04 10.43 -7.14
C ARG A 22 -16.13 10.95 -6.03
N LYS A 23 -16.17 10.28 -4.88
CA LYS A 23 -15.35 10.64 -3.74
C LYS A 23 -13.86 10.48 -4.06
N PRO A 24 -13.04 11.41 -3.54
CA PRO A 24 -11.59 11.38 -3.74
C PRO A 24 -10.94 10.28 -2.91
N TYR A 25 -9.87 9.70 -3.44
CA TYR A 25 -9.22 8.57 -2.79
C TYR A 25 -7.72 8.57 -3.04
N LEU A 26 -6.99 7.95 -2.12
CA LEU A 26 -5.55 7.84 -2.25
C LEU A 26 -5.20 6.56 -2.99
N TRP A 27 -4.46 6.70 -4.07
CA TRP A 27 -4.06 5.58 -4.88
C TRP A 27 -2.64 5.15 -4.54
N ILE A 28 -2.52 4.06 -3.80
CA ILE A 28 -1.23 3.51 -3.45
C ILE A 28 -0.89 2.38 -4.40
N LYS A 29 0.21 2.51 -5.13
CA LYS A 29 0.63 1.44 -6.02
C LYS A 29 2.11 1.15 -5.82
N TRP A 30 2.43 -0.12 -5.85
CA TRP A 30 3.79 -0.58 -5.63
C TRP A 30 4.24 -1.39 -6.83
N SER A 31 5.51 -1.30 -7.17
CA SER A 31 6.02 -2.03 -8.30
C SER A 31 6.47 -3.41 -7.85
N PRO A 32 5.89 -4.47 -8.44
CA PRO A 32 6.19 -5.88 -8.11
C PRO A 32 7.69 -6.16 -8.07
N PRO A 33 8.10 -7.14 -7.24
CA PRO A 33 9.50 -7.54 -7.06
C PRO A 33 10.27 -7.68 -8.38
N THR A 34 11.58 -7.45 -8.30
CA THR A 34 12.46 -7.55 -9.44
C THR A 34 12.69 -9.01 -9.78
N LEU A 35 12.66 -9.85 -8.77
CA LEU A 35 12.75 -11.28 -8.96
C LEU A 35 11.37 -11.83 -9.27
N ILE A 36 11.32 -12.98 -9.95
CA ILE A 36 10.07 -13.60 -10.37
C ILE A 36 9.39 -12.79 -11.49
N ASP A 37 9.07 -11.54 -11.20
CA ASP A 37 8.37 -10.66 -12.15
C ASP A 37 7.06 -11.32 -12.60
N LEU A 38 6.24 -11.67 -11.62
CA LEU A 38 4.97 -12.33 -11.88
C LEU A 38 3.99 -11.38 -12.54
N LYS A 39 3.07 -11.93 -13.33
CA LYS A 39 2.09 -11.14 -14.06
C LYS A 39 0.71 -11.77 -13.96
N THR A 40 0.64 -13.07 -14.14
CA THR A 40 -0.63 -13.79 -14.11
C THR A 40 -0.38 -15.30 -14.04
N GLY A 41 -1.42 -16.05 -13.76
CA GLY A 41 -1.30 -17.49 -13.65
C GLY A 41 -1.63 -17.99 -12.27
N TRP A 42 -1.18 -19.19 -11.94
CA TRP A 42 -1.41 -19.75 -10.62
C TRP A 42 -0.52 -19.06 -9.60
N PHE A 43 0.70 -18.74 -10.02
CA PHE A 43 1.66 -18.06 -9.17
C PHE A 43 1.11 -16.70 -8.77
N THR A 44 0.89 -16.51 -7.48
CA THR A 44 0.34 -15.28 -6.98
C THR A 44 1.13 -14.76 -5.78
N LEU A 45 1.31 -13.45 -5.74
CA LEU A 45 1.97 -12.80 -4.62
C LEU A 45 0.98 -11.88 -3.95
N LEU A 46 0.67 -12.16 -2.70
CA LEU A 46 -0.34 -11.39 -1.99
C LEU A 46 0.28 -10.22 -1.25
N TYR A 47 -0.42 -9.09 -1.25
CA TYR A 47 0.09 -7.87 -0.66
C TYR A 47 -0.80 -7.39 0.48
N GLU A 48 -0.16 -6.88 1.51
CA GLU A 48 -0.87 -6.30 2.65
C GLU A 48 -0.45 -4.84 2.78
N ILE A 49 -1.42 -3.94 2.89
CA ILE A 49 -1.14 -2.53 3.00
C ILE A 49 -1.39 -2.05 4.42
N ARG A 50 -0.39 -1.43 5.02
CA ARG A 50 -0.50 -0.94 6.38
C ARG A 50 -0.35 0.58 6.39
N LEU A 51 -1.36 1.27 6.86
CA LEU A 51 -1.34 2.74 6.84
C LEU A 51 -1.95 3.31 8.11
N LYS A 52 -1.61 4.57 8.41
CA LYS A 52 -2.17 5.28 9.54
C LYS A 52 -1.86 6.77 9.46
N PRO A 53 -2.75 7.62 10.01
CA PRO A 53 -2.48 9.05 10.16
C PRO A 53 -1.45 9.30 11.26
N GLU A 54 -0.85 10.48 11.23
CA GLU A 54 0.27 10.81 12.12
C GLU A 54 -0.13 10.88 13.58
N LYS A 55 -1.41 10.99 13.86
CA LYS A 55 -1.89 11.07 15.24
C LYS A 55 -2.27 9.68 15.74
N ALA A 56 -2.14 8.69 14.88
CA ALA A 56 -2.53 7.34 15.20
C ALA A 56 -1.37 6.55 15.79
N ALA A 57 -1.60 5.98 16.97
CA ALA A 57 -0.63 5.08 17.58
C ALA A 57 -0.78 3.69 17.00
N GLU A 58 -2.02 3.34 16.71
CA GLU A 58 -2.36 2.06 16.12
C GLU A 58 -2.30 2.15 14.59
N TRP A 59 -1.98 1.04 13.96
CA TRP A 59 -1.89 0.97 12.50
C TRP A 59 -3.14 0.32 11.92
N GLU A 60 -3.46 0.67 10.68
CA GLU A 60 -4.55 0.05 9.96
C GLU A 60 -4.02 -0.91 8.90
N ILE A 61 -4.34 -2.18 9.04
CA ILE A 61 -3.96 -3.18 8.06
C ILE A 61 -5.11 -3.39 7.07
N HIS A 62 -4.83 -3.11 5.81
CA HIS A 62 -5.80 -3.31 4.74
C HIS A 62 -5.21 -4.23 3.70
N PHE A 63 -5.81 -5.40 3.54
CA PHE A 63 -5.30 -6.42 2.63
C PHE A 63 -5.76 -6.13 1.20
N ALA A 64 -4.88 -6.38 0.23
CA ALA A 64 -5.20 -6.13 -1.17
C ALA A 64 -5.99 -7.28 -1.78
N GLY A 65 -5.54 -8.50 -1.53
CA GLY A 65 -6.26 -9.66 -2.02
C GLY A 65 -5.54 -10.36 -3.16
N GLN A 66 -4.93 -9.58 -4.06
CA GLN A 66 -4.18 -10.11 -5.21
C GLN A 66 -3.74 -8.96 -6.11
N GLN A 67 -4.51 -7.88 -6.09
CA GLN A 67 -4.22 -6.70 -6.89
C GLN A 67 -3.00 -5.97 -6.37
N THR A 68 -2.40 -5.14 -7.21
CA THR A 68 -1.16 -4.47 -6.86
C THR A 68 -1.37 -2.97 -6.69
N GLU A 69 -2.58 -2.61 -6.28
CA GLU A 69 -2.93 -1.23 -6.00
C GLU A 69 -4.05 -1.18 -4.98
N PHE A 70 -4.01 -0.21 -4.10
CA PHE A 70 -5.04 -0.06 -3.09
C PHE A 70 -5.54 1.39 -3.05
N LYS A 71 -6.81 1.56 -2.74
CA LYS A 71 -7.40 2.90 -2.66
C LYS A 71 -7.89 3.17 -1.25
N ILE A 72 -7.53 4.33 -0.70
CA ILE A 72 -8.00 4.72 0.62
C ILE A 72 -9.06 5.81 0.50
N LEU A 73 -10.23 5.57 1.09
CA LEU A 73 -11.32 6.54 1.06
C LEU A 73 -11.28 7.41 2.31
N SER A 74 -10.95 6.80 3.44
CA SER A 74 -10.92 7.51 4.71
C SER A 74 -9.67 8.39 4.81
N LEU A 75 -9.77 9.60 4.31
CA LEU A 75 -8.67 10.54 4.34
C LEU A 75 -9.12 11.90 4.86
N HIS A 76 -8.23 12.59 5.54
CA HIS A 76 -8.52 13.92 6.07
C HIS A 76 -7.72 14.98 5.29
N PRO A 77 -8.38 16.08 4.90
CA PRO A 77 -7.73 17.17 4.18
C PRO A 77 -6.71 17.90 5.05
N GLY A 78 -5.44 17.74 4.73
CA GLY A 78 -4.38 18.33 5.52
C GLY A 78 -3.92 17.40 6.61
N GLN A 79 -3.70 16.15 6.25
CA GLN A 79 -3.27 15.14 7.20
C GLN A 79 -2.14 14.31 6.62
N LYS A 80 -1.23 13.87 7.49
CA LYS A 80 -0.10 13.06 7.08
C LYS A 80 -0.40 11.58 7.34
N TYR A 81 -0.20 10.76 6.33
CA TYR A 81 -0.43 9.33 6.46
C TYR A 81 0.84 8.55 6.13
N LEU A 82 1.09 7.53 6.91
CA LEU A 82 2.17 6.60 6.62
C LEU A 82 1.60 5.39 5.91
N VAL A 83 2.23 4.97 4.83
CA VAL A 83 1.74 3.83 4.08
C VAL A 83 2.82 2.75 3.97
N GLN A 84 2.37 1.51 3.82
CA GLN A 84 3.29 0.39 3.75
C GLN A 84 2.68 -0.75 2.94
N VAL A 85 3.57 -1.54 2.35
CA VAL A 85 3.16 -2.71 1.58
C VAL A 85 4.03 -3.90 1.93
N ARG A 86 3.43 -5.07 2.03
CA ARG A 86 4.19 -6.28 2.29
C ARG A 86 3.70 -7.41 1.41
N CYS A 87 4.63 -8.12 0.79
CA CYS A 87 4.29 -9.23 -0.09
C CYS A 87 4.57 -10.56 0.59
N LYS A 88 3.74 -11.55 0.31
CA LYS A 88 3.90 -12.87 0.92
C LYS A 88 3.81 -13.95 -0.16
N PRO A 89 4.95 -14.55 -0.52
CA PRO A 89 5.00 -15.65 -1.49
C PRO A 89 4.53 -16.98 -0.90
N ASP A 90 4.84 -18.08 -1.58
CA ASP A 90 4.41 -19.41 -1.14
C ASP A 90 5.37 -19.98 -0.12
N HIS A 91 6.65 -20.04 -0.48
CA HIS A 91 7.65 -20.62 0.40
C HIS A 91 8.03 -19.64 1.50
N GLY A 92 8.15 -18.38 1.12
CA GLY A 92 8.53 -17.36 2.05
C GLY A 92 7.32 -16.63 2.62
N TYR A 93 7.50 -16.00 3.76
CA TYR A 93 6.43 -15.31 4.43
C TYR A 93 6.93 -13.99 5.01
N TRP A 94 6.24 -13.47 6.02
CA TRP A 94 6.57 -12.22 6.68
C TRP A 94 8.07 -12.05 6.96
N SER A 95 8.57 -10.88 6.66
CA SER A 95 9.92 -10.50 7.01
C SER A 95 9.86 -9.12 7.67
N ALA A 96 8.72 -8.85 8.33
CA ALA A 96 8.47 -7.60 9.05
C ALA A 96 8.33 -6.40 8.11
N TRP A 97 7.76 -5.31 8.64
CA TRP A 97 7.64 -4.07 7.88
C TRP A 97 8.92 -3.26 8.06
N SER A 98 9.66 -3.05 6.97
CA SER A 98 10.93 -2.35 7.05
C SER A 98 10.82 -0.89 6.58
N PRO A 99 10.31 -0.62 5.36
CA PRO A 99 10.17 0.75 4.87
C PRO A 99 8.94 1.46 5.46
N ALA A 100 8.85 2.76 5.24
CA ALA A 100 7.67 3.52 5.61
C ALA A 100 7.57 4.77 4.74
N THR A 101 6.50 4.87 3.95
CA THR A 101 6.33 6.01 3.07
C THR A 101 5.38 7.03 3.70
N PHE A 102 5.77 8.29 3.64
CA PHE A 102 4.96 9.36 4.20
C PHE A 102 4.26 10.12 3.08
N ILE A 103 2.96 10.32 3.20
CA ILE A 103 2.22 11.06 2.19
C ILE A 103 1.37 12.17 2.84
N GLN A 104 1.35 13.32 2.19
CA GLN A 104 0.54 14.43 2.62
C GLN A 104 -0.74 14.53 1.80
N ILE A 105 -1.87 14.49 2.49
CA ILE A 105 -3.15 14.71 1.85
C ILE A 105 -3.45 16.21 1.83
N PRO A 106 -3.62 16.79 0.64
CA PRO A 106 -3.85 18.23 0.49
C PRO A 106 -5.12 18.70 1.20
N SER A 107 -5.09 19.95 1.64
CA SER A 107 -6.24 20.55 2.33
C SER A 107 -7.40 20.76 1.35
N ASP A 108 -7.09 20.63 0.06
CA ASP A 108 -8.10 20.75 -0.99
C ASP A 108 -8.70 19.39 -1.31
N PHE A 109 -8.51 18.44 -0.41
CA PHE A 109 -8.99 17.08 -0.62
C PHE A 109 -10.51 17.02 -0.59
N THR A 110 -11.11 17.88 0.22
CA THR A 110 -12.56 17.89 0.38
C THR A 110 -13.25 18.36 -0.90
N MET A 111 -14.22 17.58 -1.34
CA MET A 111 -15.04 17.98 -2.49
C MET A 111 -16.33 18.60 -1.98
N ASN A 112 -17.06 19.25 -2.88
CA ASN A 112 -18.23 20.05 -2.50
C ASN A 112 -17.78 21.12 -1.51
N ASP A 113 -16.59 21.65 -1.77
CA ASP A 113 -15.95 22.61 -0.88
C ASP A 113 -15.25 23.68 -1.70
N MET A 1 19.47 -21.36 1.48
CA MET A 1 20.23 -21.49 2.74
C MET A 1 19.81 -20.42 3.74
N TYR A 2 19.15 -19.38 3.26
CA TYR A 2 18.69 -18.30 4.10
C TYR A 2 17.39 -17.71 3.57
N ILE A 3 16.47 -17.45 4.48
CA ILE A 3 15.21 -16.82 4.16
C ILE A 3 15.42 -15.37 3.72
N VAL A 4 15.27 -15.12 2.43
CA VAL A 4 15.56 -13.82 1.87
C VAL A 4 14.68 -13.52 0.66
N GLN A 5 14.37 -12.25 0.47
CA GLN A 5 13.64 -11.81 -0.71
C GLN A 5 14.65 -11.44 -1.80
N PRO A 6 14.72 -12.25 -2.88
CA PRO A 6 15.66 -12.00 -3.97
C PRO A 6 15.35 -10.71 -4.70
N ASP A 7 14.06 -10.44 -4.90
CA ASP A 7 13.61 -9.20 -5.51
C ASP A 7 12.43 -8.65 -4.73
N PRO A 8 12.70 -7.82 -3.71
CA PRO A 8 11.65 -7.21 -2.90
C PRO A 8 10.79 -6.25 -3.71
N PRO A 9 9.47 -6.23 -3.45
CA PRO A 9 8.54 -5.33 -4.14
C PRO A 9 8.94 -3.87 -3.94
N LEU A 10 8.78 -3.07 -4.99
CA LEU A 10 9.24 -1.70 -4.98
C LEU A 10 8.29 -0.78 -5.73
N GLU A 11 8.71 0.47 -5.92
CA GLU A 11 7.91 1.48 -6.60
C GLU A 11 6.57 1.69 -5.91
N LEU A 12 6.62 1.93 -4.60
CA LEU A 12 5.43 2.24 -3.85
C LEU A 12 5.08 3.70 -4.05
N ALA A 13 4.22 3.97 -5.02
CA ALA A 13 3.85 5.33 -5.35
C ALA A 13 2.51 5.66 -4.74
N VAL A 14 2.46 6.77 -4.01
CA VAL A 14 1.25 7.20 -3.34
C VAL A 14 0.72 8.47 -3.97
N GLU A 15 -0.51 8.43 -4.42
CA GLU A 15 -1.10 9.56 -5.10
C GLU A 15 -2.49 9.85 -4.55
N VAL A 16 -2.80 11.12 -4.40
CA VAL A 16 -4.13 11.53 -3.95
C VAL A 16 -4.99 11.90 -5.15
N LYS A 17 -6.01 11.12 -5.41
CA LYS A 17 -6.86 11.31 -6.57
C LYS A 17 -8.09 12.12 -6.19
N GLN A 18 -8.27 13.26 -6.83
CA GLN A 18 -9.43 14.09 -6.59
C GLN A 18 -10.23 14.28 -7.88
N PRO A 19 -10.99 13.26 -8.29
CA PRO A 19 -11.77 13.29 -9.52
C PRO A 19 -13.01 14.17 -9.39
N GLU A 20 -13.55 14.59 -10.52
CA GLU A 20 -14.79 15.36 -10.54
C GLU A 20 -15.99 14.45 -10.46
N ASP A 21 -15.80 13.21 -10.91
CA ASP A 21 -16.88 12.25 -10.98
C ASP A 21 -16.97 11.39 -9.73
N ARG A 22 -15.82 10.93 -9.26
CA ARG A 22 -15.75 10.15 -8.03
C ARG A 22 -15.19 11.01 -6.91
N LYS A 23 -15.55 10.69 -5.68
CA LYS A 23 -15.06 11.40 -4.51
C LYS A 23 -13.55 11.22 -4.38
N PRO A 24 -12.86 12.19 -3.75
CA PRO A 24 -11.41 12.14 -3.58
C PRO A 24 -10.97 10.98 -2.68
N TYR A 25 -9.95 10.27 -3.11
CA TYR A 25 -9.45 9.10 -2.40
C TYR A 25 -7.94 8.98 -2.56
N LEU A 26 -7.32 8.17 -1.70
CA LEU A 26 -5.88 7.96 -1.77
C LEU A 26 -5.59 6.68 -2.55
N TRP A 27 -4.76 6.80 -3.57
CA TRP A 27 -4.44 5.67 -4.44
C TRP A 27 -3.02 5.19 -4.18
N ILE A 28 -2.91 3.98 -3.67
CA ILE A 28 -1.61 3.38 -3.41
C ILE A 28 -1.29 2.37 -4.51
N LYS A 29 -0.17 2.57 -5.17
CA LYS A 29 0.21 1.72 -6.28
C LYS A 29 1.66 1.27 -6.15
N TRP A 30 1.86 -0.04 -6.10
CA TRP A 30 3.19 -0.61 -5.97
C TRP A 30 3.49 -1.50 -7.17
N SER A 31 4.75 -1.87 -7.33
CA SER A 31 5.15 -2.76 -8.40
C SER A 31 5.54 -4.12 -7.83
N PRO A 32 4.92 -5.19 -8.36
CA PRO A 32 5.20 -6.56 -7.91
C PRO A 32 6.63 -6.99 -8.28
N PRO A 33 7.21 -7.92 -7.52
CA PRO A 33 8.55 -8.45 -7.79
C PRO A 33 8.66 -9.05 -9.18
N THR A 34 9.82 -8.91 -9.79
CA THR A 34 10.01 -9.30 -11.18
C THR A 34 10.56 -10.72 -11.28
N LEU A 35 10.21 -11.41 -12.37
CA LEU A 35 10.65 -12.78 -12.65
C LEU A 35 10.14 -13.77 -11.60
N ILE A 36 8.92 -14.19 -11.78
CA ILE A 36 8.30 -15.20 -10.94
C ILE A 36 7.57 -16.22 -11.80
N ASP A 37 6.60 -15.74 -12.57
CA ASP A 37 5.72 -16.59 -13.37
C ASP A 37 5.10 -17.69 -12.52
N LEU A 38 4.08 -17.30 -11.77
CA LEU A 38 3.44 -18.21 -10.84
C LEU A 38 2.37 -19.06 -11.54
N LYS A 39 2.81 -20.18 -12.10
CA LYS A 39 1.91 -21.09 -12.79
C LYS A 39 2.15 -22.53 -12.36
N THR A 40 3.35 -23.03 -12.62
CA THR A 40 3.68 -24.42 -12.35
C THR A 40 3.83 -24.67 -10.85
N GLY A 41 4.02 -23.60 -10.08
CA GLY A 41 4.16 -23.74 -8.65
C GLY A 41 2.83 -23.83 -7.93
N TRP A 42 1.75 -23.52 -8.66
CA TRP A 42 0.40 -23.54 -8.11
C TRP A 42 0.30 -22.71 -6.83
N PHE A 43 0.51 -21.41 -6.96
CA PHE A 43 0.44 -20.50 -5.82
C PHE A 43 0.01 -19.12 -6.28
N THR A 44 -0.22 -18.24 -5.32
CA THR A 44 -0.56 -16.86 -5.61
C THR A 44 0.19 -15.91 -4.69
N LEU A 45 0.62 -14.78 -5.24
CA LEU A 45 1.32 -13.78 -4.47
C LEU A 45 0.34 -12.69 -4.04
N LEU A 46 0.06 -12.62 -2.76
CA LEU A 46 -0.92 -11.68 -2.23
C LEU A 46 -0.23 -10.47 -1.64
N TYR A 47 -0.96 -9.36 -1.56
CA TYR A 47 -0.42 -8.12 -1.08
C TYR A 47 -1.18 -7.61 0.14
N GLU A 48 -0.43 -7.13 1.13
CA GLU A 48 -0.99 -6.71 2.40
C GLU A 48 -0.50 -5.31 2.69
N ILE A 49 -1.38 -4.48 3.24
CA ILE A 49 -1.14 -3.05 3.29
C ILE A 49 -1.43 -2.48 4.68
N ARG A 50 -0.71 -1.42 5.03
CA ARG A 50 -0.94 -0.69 6.27
C ARG A 50 -1.14 0.78 5.96
N LEU A 51 -1.84 1.49 6.83
CA LEU A 51 -1.93 2.93 6.73
C LEU A 51 -2.42 3.52 8.05
N LYS A 52 -2.09 4.77 8.30
CA LYS A 52 -2.56 5.48 9.48
C LYS A 52 -2.13 6.95 9.41
N PRO A 53 -3.01 7.86 9.86
CA PRO A 53 -2.69 9.26 9.98
C PRO A 53 -1.75 9.54 11.16
N GLU A 54 -1.30 10.78 11.26
CA GLU A 54 -0.41 11.19 12.34
C GLU A 54 -1.11 11.14 13.69
N LYS A 55 -2.43 11.24 13.66
CA LYS A 55 -3.22 11.22 14.89
C LYS A 55 -3.62 9.80 15.24
N ALA A 56 -3.01 8.84 14.56
CA ALA A 56 -3.25 7.44 14.81
C ALA A 56 -2.03 6.77 15.42
N ALA A 57 -2.24 6.05 16.50
CA ALA A 57 -1.17 5.33 17.16
C ALA A 57 -1.07 3.91 16.64
N GLU A 58 -2.23 3.35 16.33
CA GLU A 58 -2.33 1.96 15.92
C GLU A 58 -2.26 1.84 14.40
N TRP A 59 -1.72 0.72 13.94
CA TRP A 59 -1.63 0.44 12.52
C TRP A 59 -2.83 -0.36 12.03
N GLU A 60 -3.46 0.12 10.97
CA GLU A 60 -4.53 -0.64 10.35
C GLU A 60 -3.96 -1.48 9.21
N ILE A 61 -3.97 -2.79 9.39
CA ILE A 61 -3.57 -3.71 8.35
C ILE A 61 -4.78 -4.05 7.49
N HIS A 62 -4.64 -3.85 6.19
CA HIS A 62 -5.71 -4.19 5.26
C HIS A 62 -5.18 -5.02 4.11
N PHE A 63 -5.89 -6.09 3.80
CA PHE A 63 -5.47 -7.03 2.78
C PHE A 63 -6.18 -6.72 1.46
N ALA A 64 -5.40 -6.36 0.44
CA ALA A 64 -5.98 -6.04 -0.86
C ALA A 64 -6.34 -7.31 -1.60
N GLY A 65 -5.41 -8.23 -1.64
CA GLY A 65 -5.61 -9.46 -2.37
C GLY A 65 -4.53 -9.67 -3.40
N GLN A 66 -4.93 -9.87 -4.64
CA GLN A 66 -3.96 -10.13 -5.70
C GLN A 66 -3.74 -8.88 -6.54
N GLN A 67 -4.53 -7.85 -6.27
CA GLN A 67 -4.42 -6.59 -6.99
C GLN A 67 -3.26 -5.76 -6.45
N THR A 68 -2.57 -5.06 -7.34
CA THR A 68 -1.38 -4.33 -6.96
C THR A 68 -1.66 -2.84 -6.80
N GLU A 69 -2.86 -2.53 -6.33
CA GLU A 69 -3.25 -1.16 -6.05
C GLU A 69 -4.42 -1.16 -5.08
N PHE A 70 -4.56 -0.10 -4.31
CA PHE A 70 -5.64 -0.01 -3.35
C PHE A 70 -6.03 1.45 -3.13
N LYS A 71 -7.28 1.68 -2.76
CA LYS A 71 -7.80 3.02 -2.55
C LYS A 71 -8.25 3.20 -1.11
N ILE A 72 -7.78 4.25 -0.46
CA ILE A 72 -8.20 4.59 0.89
C ILE A 72 -9.24 5.69 0.84
N LEU A 73 -10.26 5.60 1.69
CA LEU A 73 -11.32 6.59 1.72
C LEU A 73 -11.22 7.47 2.96
N SER A 74 -10.51 6.99 3.97
CA SER A 74 -10.37 7.71 5.21
C SER A 74 -9.18 8.68 5.16
N LEU A 75 -9.35 9.77 4.43
CA LEU A 75 -8.32 10.82 4.37
C LEU A 75 -8.87 12.12 4.94
N HIS A 76 -8.01 12.86 5.62
CA HIS A 76 -8.35 14.17 6.13
C HIS A 76 -7.41 15.22 5.53
N PRO A 77 -7.97 16.33 5.01
CA PRO A 77 -7.17 17.38 4.36
C PRO A 77 -6.17 18.03 5.30
N GLY A 78 -4.90 18.02 4.90
CA GLY A 78 -3.86 18.65 5.69
C GLY A 78 -3.31 17.75 6.78
N GLN A 79 -3.36 16.45 6.54
CA GLN A 79 -2.85 15.49 7.52
C GLN A 79 -1.79 14.59 6.92
N LYS A 80 -0.86 14.15 7.76
CA LYS A 80 0.18 13.22 7.36
C LYS A 80 -0.31 11.78 7.51
N TYR A 81 -0.16 11.00 6.45
CA TYR A 81 -0.50 9.59 6.50
C TYR A 81 0.73 8.74 6.15
N LEU A 82 0.87 7.62 6.83
CA LEU A 82 1.89 6.65 6.48
C LEU A 82 1.25 5.48 5.77
N VAL A 83 1.98 4.89 4.84
CA VAL A 83 1.48 3.76 4.09
C VAL A 83 2.53 2.67 4.00
N GLN A 84 2.07 1.44 3.87
CA GLN A 84 2.98 0.31 3.77
C GLN A 84 2.34 -0.82 2.97
N VAL A 85 3.18 -1.54 2.24
CA VAL A 85 2.73 -2.68 1.48
C VAL A 85 3.76 -3.81 1.61
N ARG A 86 3.30 -5.05 1.55
CA ARG A 86 4.20 -6.18 1.61
C ARG A 86 3.52 -7.41 0.99
N CYS A 87 4.29 -8.17 0.23
CA CYS A 87 3.79 -9.42 -0.33
C CYS A 87 4.37 -10.59 0.45
N LYS A 88 3.98 -11.82 0.09
CA LYS A 88 4.48 -12.99 0.82
C LYS A 88 5.11 -13.98 -0.13
N PRO A 89 6.40 -13.79 -0.45
CA PRO A 89 7.15 -14.68 -1.34
C PRO A 89 7.39 -16.04 -0.70
N ASP A 90 7.64 -17.03 -1.53
CA ASP A 90 7.82 -18.39 -1.06
C ASP A 90 9.22 -18.60 -0.51
N HIS A 91 10.07 -17.61 -0.71
CA HIS A 91 11.41 -17.61 -0.15
C HIS A 91 11.42 -17.00 1.24
N GLY A 92 10.28 -16.43 1.64
CA GLY A 92 10.18 -15.81 2.94
C GLY A 92 8.80 -15.23 3.20
N TYR A 93 7.96 -16.01 3.86
CA TYR A 93 6.63 -15.55 4.23
C TYR A 93 6.73 -14.59 5.41
N TRP A 94 6.17 -13.39 5.25
CA TRP A 94 6.30 -12.32 6.23
C TRP A 94 7.75 -11.90 6.41
N SER A 95 8.11 -10.82 5.75
CA SER A 95 9.45 -10.28 5.84
C SER A 95 9.43 -9.00 6.66
N ALA A 96 8.31 -8.79 7.35
CA ALA A 96 8.10 -7.63 8.22
C ALA A 96 8.02 -6.33 7.45
N TRP A 97 7.51 -5.30 8.10
CA TRP A 97 7.31 -4.01 7.47
C TRP A 97 8.56 -3.16 7.63
N SER A 98 9.55 -3.42 6.80
CA SER A 98 10.81 -2.69 6.84
C SER A 98 10.68 -1.26 6.28
N PRO A 99 10.13 -1.08 5.05
CA PRO A 99 9.95 0.26 4.48
C PRO A 99 8.80 1.03 5.11
N ALA A 100 8.75 2.33 4.88
CA ALA A 100 7.64 3.18 5.28
C ALA A 100 7.55 4.39 4.37
N THR A 101 6.36 4.67 3.85
CA THR A 101 6.19 5.82 2.98
C THR A 101 5.25 6.84 3.61
N PHE A 102 5.62 8.10 3.53
CA PHE A 102 4.83 9.18 4.10
C PHE A 102 4.14 9.96 3.00
N ILE A 103 2.85 10.20 3.16
CA ILE A 103 2.11 10.99 2.20
C ILE A 103 1.33 12.10 2.90
N GLN A 104 1.47 13.31 2.39
CA GLN A 104 0.78 14.47 2.94
C GLN A 104 -0.48 14.76 2.13
N ILE A 105 -1.64 14.57 2.76
CA ILE A 105 -2.90 14.85 2.10
C ILE A 105 -3.12 16.35 2.02
N PRO A 106 -3.29 16.88 0.80
CA PRO A 106 -3.43 18.32 0.57
C PRO A 106 -4.72 18.89 1.18
N SER A 107 -4.71 20.17 1.48
CA SER A 107 -5.88 20.85 2.01
C SER A 107 -6.88 21.10 0.90
N ASP A 108 -6.47 20.78 -0.33
CA ASP A 108 -7.33 20.89 -1.51
C ASP A 108 -8.24 19.67 -1.62
N PHE A 109 -8.00 18.69 -0.75
CA PHE A 109 -8.77 17.44 -0.73
C PHE A 109 -10.27 17.74 -0.65
N THR A 110 -10.61 18.76 0.10
CA THR A 110 -11.98 19.24 0.17
C THR A 110 -12.23 20.28 -0.91
N MET A 111 -12.71 19.82 -2.04
CA MET A 111 -12.87 20.65 -3.22
C MET A 111 -14.16 21.46 -3.17
N ASN A 112 -15.15 20.94 -2.44
CA ASN A 112 -16.41 21.63 -2.20
C ASN A 112 -17.01 22.24 -3.47
N ASP A 113 -17.38 21.38 -4.41
CA ASP A 113 -17.97 21.80 -5.68
C ASP A 113 -16.97 22.60 -6.50
N MET A 1 17.01 -15.74 12.77
CA MET A 1 15.86 -16.48 12.21
C MET A 1 14.72 -15.52 11.86
N TYR A 2 15.01 -14.54 11.02
CA TYR A 2 14.01 -13.58 10.57
C TYR A 2 13.52 -13.93 9.18
N ILE A 3 12.21 -13.92 9.02
CA ILE A 3 11.58 -14.13 7.73
C ILE A 3 11.76 -12.91 6.84
N VAL A 4 12.85 -12.93 6.12
CA VAL A 4 13.18 -11.85 5.20
C VAL A 4 12.49 -12.08 3.87
N GLN A 5 12.06 -11.00 3.23
CA GLN A 5 11.43 -11.08 1.92
C GLN A 5 12.51 -11.09 0.84
N PRO A 6 12.83 -12.26 0.27
CA PRO A 6 13.86 -12.38 -0.75
C PRO A 6 13.43 -11.71 -2.05
N ASP A 7 12.16 -11.89 -2.37
CA ASP A 7 11.53 -11.20 -3.48
C ASP A 7 10.48 -10.24 -2.94
N PRO A 8 10.91 -9.01 -2.58
CA PRO A 8 10.06 -8.00 -1.97
C PRO A 8 9.52 -6.99 -2.99
N PRO A 9 8.38 -6.34 -2.65
CA PRO A 9 7.82 -5.28 -3.48
C PRO A 9 8.57 -3.97 -3.30
N LEU A 10 8.67 -3.21 -4.37
CA LEU A 10 9.42 -1.95 -4.34
C LEU A 10 8.67 -0.88 -5.12
N GLU A 11 9.31 0.28 -5.26
CA GLU A 11 8.73 1.40 -6.02
C GLU A 11 7.35 1.76 -5.49
N LEU A 12 7.27 2.06 -4.20
CA LEU A 12 6.00 2.39 -3.58
C LEU A 12 5.58 3.81 -3.97
N ALA A 13 4.74 3.90 -4.98
CA ALA A 13 4.23 5.18 -5.43
C ALA A 13 2.89 5.48 -4.78
N VAL A 14 2.82 6.60 -4.09
CA VAL A 14 1.60 7.00 -3.42
C VAL A 14 1.11 8.32 -3.99
N GLU A 15 -0.07 8.29 -4.56
CA GLU A 15 -0.60 9.46 -5.24
C GLU A 15 -2.07 9.68 -4.89
N VAL A 16 -2.37 10.84 -4.34
CA VAL A 16 -3.75 11.19 -4.00
C VAL A 16 -4.52 11.53 -5.27
N LYS A 17 -5.69 10.91 -5.43
CA LYS A 17 -6.52 11.14 -6.61
C LYS A 17 -7.87 11.72 -6.22
N GLN A 18 -8.20 12.86 -6.83
CA GLN A 18 -9.50 13.48 -6.65
C GLN A 18 -10.25 13.53 -7.97
N PRO A 19 -11.14 12.56 -8.21
CA PRO A 19 -11.95 12.53 -9.43
C PRO A 19 -12.98 13.66 -9.45
N GLU A 20 -13.65 13.84 -10.58
CA GLU A 20 -14.61 14.91 -10.72
C GLU A 20 -15.91 14.58 -9.99
N ASP A 21 -16.60 13.56 -10.47
CA ASP A 21 -17.88 13.16 -9.91
C ASP A 21 -17.68 12.08 -8.85
N ARG A 22 -16.69 11.22 -9.07
CA ARG A 22 -16.35 10.19 -8.11
C ARG A 22 -15.66 10.84 -6.89
N LYS A 23 -15.75 10.16 -5.75
CA LYS A 23 -15.17 10.68 -4.52
C LYS A 23 -13.66 10.52 -4.52
N PRO A 24 -12.95 11.44 -3.84
CA PRO A 24 -11.49 11.43 -3.78
C PRO A 24 -10.96 10.29 -2.91
N TYR A 25 -9.80 9.77 -3.31
CA TYR A 25 -9.21 8.61 -2.63
C TYR A 25 -7.69 8.65 -2.77
N LEU A 26 -7.01 7.91 -1.91
CA LEU A 26 -5.56 7.78 -2.01
C LEU A 26 -5.22 6.58 -2.86
N TRP A 27 -4.42 6.79 -3.89
CA TRP A 27 -4.05 5.72 -4.80
C TRP A 27 -2.64 5.24 -4.49
N ILE A 28 -2.55 4.03 -3.93
CA ILE A 28 -1.27 3.43 -3.64
C ILE A 28 -0.93 2.40 -4.72
N LYS A 29 0.20 2.59 -5.38
CA LYS A 29 0.63 1.70 -6.44
C LYS A 29 2.08 1.28 -6.23
N TRP A 30 2.29 -0.02 -6.11
CA TRP A 30 3.62 -0.56 -5.87
C TRP A 30 4.06 -1.42 -7.06
N SER A 31 5.34 -1.73 -7.10
CA SER A 31 5.90 -2.55 -8.16
C SER A 31 6.17 -3.95 -7.65
N PRO A 32 5.55 -4.97 -8.28
CA PRO A 32 5.74 -6.39 -7.93
C PRO A 32 7.22 -6.77 -7.86
N PRO A 33 7.56 -7.64 -6.89
CA PRO A 33 8.94 -8.10 -6.66
C PRO A 33 9.67 -8.47 -7.94
N THR A 34 10.62 -7.61 -8.34
CA THR A 34 11.36 -7.73 -9.58
C THR A 34 10.46 -7.98 -10.78
N LEU A 35 10.34 -9.24 -11.19
CA LEU A 35 9.45 -9.63 -12.26
C LEU A 35 8.82 -10.98 -11.95
N ILE A 36 7.51 -11.04 -11.94
CA ILE A 36 6.80 -12.28 -11.63
C ILE A 36 5.90 -12.68 -12.78
N ASP A 37 4.87 -11.88 -13.02
CA ASP A 37 3.87 -12.15 -14.04
C ASP A 37 3.28 -13.55 -13.87
N LEU A 38 2.72 -13.79 -12.70
CA LEU A 38 2.17 -15.10 -12.36
C LEU A 38 0.87 -15.36 -13.13
N LYS A 39 0.73 -16.59 -13.62
CA LYS A 39 -0.43 -16.97 -14.41
C LYS A 39 -0.83 -18.41 -14.13
N THR A 40 -1.89 -18.86 -14.81
CA THR A 40 -2.40 -20.24 -14.75
C THR A 40 -2.77 -20.69 -13.33
N GLY A 41 -2.96 -19.73 -12.43
CA GLY A 41 -3.38 -20.05 -11.08
C GLY A 41 -2.24 -20.54 -10.19
N TRP A 42 -1.25 -21.18 -10.79
CA TRP A 42 -0.09 -21.67 -10.07
C TRP A 42 0.68 -20.52 -9.43
N PHE A 43 0.65 -20.47 -8.10
CA PHE A 43 1.29 -19.41 -7.32
C PHE A 43 0.53 -18.09 -7.47
N THR A 44 0.29 -17.44 -6.34
CA THR A 44 -0.31 -16.12 -6.35
C THR A 44 0.20 -15.32 -5.16
N LEU A 45 0.55 -14.08 -5.41
CA LEU A 45 1.13 -13.23 -4.39
C LEU A 45 0.12 -12.18 -3.95
N LEU A 46 -0.24 -12.23 -2.69
CA LEU A 46 -1.19 -11.29 -2.13
C LEU A 46 -0.46 -10.15 -1.44
N TYR A 47 -0.92 -8.94 -1.71
CA TYR A 47 -0.23 -7.74 -1.25
C TYR A 47 -0.90 -7.12 -0.04
N GLU A 48 -0.10 -6.43 0.75
CA GLU A 48 -0.53 -5.92 2.05
C GLU A 48 -0.14 -4.45 2.19
N ILE A 49 -1.07 -3.62 2.67
CA ILE A 49 -0.82 -2.19 2.84
C ILE A 49 -1.12 -1.79 4.28
N ARG A 50 -0.15 -1.18 4.93
CA ARG A 50 -0.35 -0.73 6.31
C ARG A 50 -0.20 0.78 6.38
N LEU A 51 -1.24 1.46 6.82
CA LEU A 51 -1.23 2.91 6.86
C LEU A 51 -1.94 3.43 8.10
N LYS A 52 -1.68 4.69 8.43
CA LYS A 52 -2.34 5.33 9.57
C LYS A 52 -2.12 6.83 9.52
N PRO A 53 -3.07 7.61 10.06
CA PRO A 53 -2.90 9.06 10.22
C PRO A 53 -1.84 9.37 11.28
N GLU A 54 -1.31 10.57 11.22
CA GLU A 54 -0.16 10.97 12.03
C GLU A 54 -0.44 10.94 13.53
N LYS A 55 -1.70 10.99 13.91
CA LYS A 55 -2.07 10.99 15.31
C LYS A 55 -2.51 9.60 15.76
N ALA A 56 -2.35 8.62 14.88
CA ALA A 56 -2.74 7.26 15.18
C ALA A 56 -1.63 6.53 15.93
N ALA A 57 -1.99 5.99 17.08
CA ALA A 57 -1.03 5.24 17.90
C ALA A 57 -0.90 3.82 17.39
N GLU A 58 -1.92 3.36 16.69
CA GLU A 58 -1.94 2.01 16.14
C GLU A 58 -1.93 2.03 14.62
N TRP A 59 -1.45 0.97 14.02
CA TRP A 59 -1.38 0.88 12.57
C TRP A 59 -2.59 0.16 12.01
N GLU A 60 -3.07 0.65 10.87
CA GLU A 60 -4.22 0.06 10.20
C GLU A 60 -3.76 -0.76 9.00
N ILE A 61 -3.86 -2.07 9.11
CA ILE A 61 -3.46 -2.97 8.03
C ILE A 61 -4.63 -3.19 7.09
N HIS A 62 -4.36 -3.09 5.80
CA HIS A 62 -5.38 -3.30 4.78
C HIS A 62 -4.88 -4.33 3.78
N PHE A 63 -5.78 -5.18 3.32
CA PHE A 63 -5.42 -6.23 2.41
C PHE A 63 -5.92 -5.89 1.01
N ALA A 64 -5.02 -5.89 0.05
CA ALA A 64 -5.38 -5.61 -1.33
C ALA A 64 -5.79 -6.89 -2.04
N GLY A 65 -5.02 -7.94 -1.82
CA GLY A 65 -5.32 -9.21 -2.44
C GLY A 65 -4.42 -9.51 -3.61
N GLN A 66 -5.01 -9.82 -4.75
CA GLN A 66 -4.26 -10.21 -5.95
C GLN A 66 -4.01 -8.99 -6.83
N GLN A 67 -4.33 -7.81 -6.31
CA GLN A 67 -4.19 -6.58 -7.06
C GLN A 67 -2.98 -5.79 -6.58
N THR A 68 -2.42 -4.98 -7.47
CA THR A 68 -1.20 -4.24 -7.17
C THR A 68 -1.47 -2.76 -6.96
N GLU A 69 -2.72 -2.41 -6.69
CA GLU A 69 -3.08 -1.04 -6.38
C GLU A 69 -4.22 -1.04 -5.37
N PHE A 70 -4.18 -0.12 -4.42
CA PHE A 70 -5.19 -0.05 -3.38
C PHE A 70 -5.64 1.39 -3.20
N LYS A 71 -6.88 1.58 -2.76
CA LYS A 71 -7.43 2.92 -2.56
C LYS A 71 -7.86 3.12 -1.11
N ILE A 72 -7.51 4.26 -0.54
CA ILE A 72 -7.94 4.61 0.81
C ILE A 72 -8.96 5.75 0.74
N LEU A 73 -10.10 5.56 1.40
CA LEU A 73 -11.17 6.56 1.38
C LEU A 73 -11.25 7.29 2.72
N SER A 74 -10.78 6.64 3.77
CA SER A 74 -10.84 7.21 5.11
C SER A 74 -9.69 8.20 5.32
N LEU A 75 -9.72 9.29 4.58
CA LEU A 75 -8.67 10.29 4.63
C LEU A 75 -9.19 11.61 5.19
N HIS A 76 -8.29 12.42 5.71
CA HIS A 76 -8.65 13.73 6.22
C HIS A 76 -7.77 14.80 5.56
N PRO A 77 -8.37 15.87 5.03
CA PRO A 77 -7.64 16.96 4.40
C PRO A 77 -6.73 17.69 5.39
N GLY A 78 -5.44 17.72 5.08
CA GLY A 78 -4.50 18.38 5.97
C GLY A 78 -3.92 17.43 7.00
N GLN A 79 -4.01 16.14 6.72
CA GLN A 79 -3.51 15.12 7.62
C GLN A 79 -2.40 14.33 6.95
N LYS A 80 -1.40 13.96 7.74
CA LYS A 80 -0.29 13.16 7.24
C LYS A 80 -0.59 11.68 7.43
N TYR A 81 -0.32 10.89 6.40
CA TYR A 81 -0.50 9.45 6.48
C TYR A 81 0.80 8.73 6.19
N LEU A 82 1.12 7.77 7.03
CA LEU A 82 2.29 6.93 6.83
C LEU A 82 1.84 5.61 6.25
N VAL A 83 2.42 5.24 5.11
CA VAL A 83 2.01 4.02 4.43
C VAL A 83 3.13 2.99 4.40
N GLN A 84 2.74 1.75 4.15
CA GLN A 84 3.65 0.61 4.11
C GLN A 84 3.15 -0.37 3.07
N VAL A 85 4.05 -1.08 2.42
CA VAL A 85 3.66 -2.11 1.47
C VAL A 85 4.50 -3.36 1.68
N ARG A 86 3.89 -4.51 1.46
CA ARG A 86 4.60 -5.77 1.53
C ARG A 86 3.81 -6.87 0.85
N CYS A 87 4.39 -8.05 0.81
CA CYS A 87 3.73 -9.21 0.23
C CYS A 87 4.33 -10.46 0.87
N LYS A 88 3.75 -11.61 0.62
CA LYS A 88 4.24 -12.82 1.28
C LYS A 88 4.07 -14.05 0.38
N PRO A 89 5.10 -14.33 -0.43
CA PRO A 89 5.08 -15.47 -1.36
C PRO A 89 5.33 -16.80 -0.65
N ASP A 90 5.54 -17.85 -1.43
CA ASP A 90 5.78 -19.18 -0.86
C ASP A 90 7.12 -19.22 -0.14
N HIS A 91 8.02 -18.31 -0.55
CA HIS A 91 9.36 -18.24 0.02
C HIS A 91 9.33 -17.93 1.53
N GLY A 92 8.26 -17.30 1.99
CA GLY A 92 8.20 -16.91 3.40
C GLY A 92 6.79 -16.67 3.89
N TYR A 93 6.67 -15.74 4.83
CA TYR A 93 5.40 -15.42 5.47
C TYR A 93 5.41 -13.95 5.89
N TRP A 94 4.86 -13.64 7.05
CA TRP A 94 4.88 -12.28 7.57
C TRP A 94 6.30 -11.82 7.91
N SER A 95 6.61 -10.59 7.54
CA SER A 95 7.94 -10.03 7.77
C SER A 95 7.84 -8.76 8.63
N ALA A 96 6.65 -8.53 9.19
CA ALA A 96 6.42 -7.41 10.12
C ALA A 96 6.64 -6.05 9.48
N TRP A 97 6.52 -6.00 8.16
CA TRP A 97 6.56 -4.74 7.39
C TRP A 97 7.98 -4.16 7.36
N SER A 98 8.21 -3.22 6.43
CA SER A 98 9.54 -2.61 6.28
C SER A 98 9.49 -1.24 5.57
N PRO A 99 9.06 -1.16 4.28
CA PRO A 99 9.13 0.11 3.52
C PRO A 99 8.03 1.11 3.91
N ALA A 100 8.44 2.18 4.58
CA ALA A 100 7.51 3.21 5.01
C ALA A 100 7.59 4.43 4.10
N THR A 101 6.44 4.98 3.75
CA THR A 101 6.39 6.17 2.91
C THR A 101 5.43 7.20 3.50
N PHE A 102 5.82 8.46 3.45
CA PHE A 102 5.00 9.53 3.99
C PHE A 102 4.24 10.23 2.88
N ILE A 103 2.93 10.34 3.05
CA ILE A 103 2.10 11.00 2.07
C ILE A 103 1.20 12.04 2.73
N GLN A 104 1.08 13.19 2.09
CA GLN A 104 0.25 14.27 2.61
C GLN A 104 -1.07 14.35 1.86
N ILE A 105 -2.14 14.54 2.60
CA ILE A 105 -3.45 14.71 2.00
C ILE A 105 -3.76 16.20 1.88
N PRO A 106 -3.84 16.73 0.64
CA PRO A 106 -4.05 18.15 0.40
C PRO A 106 -5.33 18.66 1.06
N SER A 107 -5.31 19.92 1.48
CA SER A 107 -6.44 20.52 2.15
C SER A 107 -7.60 20.77 1.18
N ASP A 108 -7.32 20.57 -0.11
CA ASP A 108 -8.35 20.67 -1.15
C ASP A 108 -8.95 19.30 -1.46
N PHE A 109 -8.58 18.32 -0.65
CA PHE A 109 -9.12 16.96 -0.78
C PHE A 109 -10.64 16.98 -0.62
N THR A 110 -11.10 17.83 0.26
CA THR A 110 -12.51 18.00 0.51
C THR A 110 -12.83 19.49 0.65
N MET A 111 -13.98 19.90 0.13
CA MET A 111 -14.43 21.27 0.28
C MET A 111 -14.54 21.65 1.74
N ASN A 112 -13.75 22.63 2.16
CA ASN A 112 -13.72 23.05 3.55
C ASN A 112 -14.88 23.97 3.87
N ASP A 113 -15.86 23.42 4.58
CA ASP A 113 -17.07 24.13 4.98
C ASP A 113 -17.76 24.77 3.77
N MET A 1 13.94 -22.76 -2.58
CA MET A 1 15.33 -23.09 -2.19
C MET A 1 15.68 -22.47 -0.84
N TYR A 2 15.50 -21.16 -0.73
CA TYR A 2 15.79 -20.46 0.52
C TYR A 2 14.74 -19.38 0.78
N ILE A 3 14.53 -19.10 2.06
CA ILE A 3 13.60 -18.07 2.48
C ILE A 3 14.19 -16.68 2.25
N VAL A 4 13.97 -16.15 1.06
CA VAL A 4 14.43 -14.82 0.72
C VAL A 4 13.54 -14.21 -0.37
N GLN A 5 13.31 -12.91 -0.29
CA GLN A 5 12.61 -12.21 -1.34
C GLN A 5 13.58 -11.30 -2.10
N PRO A 6 14.08 -11.76 -3.26
CA PRO A 6 15.05 -11.01 -4.05
C PRO A 6 14.44 -9.80 -4.74
N ASP A 7 13.12 -9.80 -4.86
CA ASP A 7 12.40 -8.68 -5.48
C ASP A 7 11.23 -8.24 -4.60
N PRO A 8 11.53 -7.51 -3.52
CA PRO A 8 10.49 -6.93 -2.65
C PRO A 8 9.75 -5.80 -3.36
N PRO A 9 8.53 -5.46 -2.89
CA PRO A 9 7.70 -4.42 -3.49
C PRO A 9 8.39 -3.06 -3.49
N LEU A 10 8.86 -2.64 -4.66
CA LEU A 10 9.55 -1.36 -4.78
C LEU A 10 8.70 -0.37 -5.55
N GLU A 11 9.17 0.87 -5.62
CA GLU A 11 8.46 1.94 -6.31
C GLU A 11 7.03 2.08 -5.76
N LEU A 12 6.92 2.10 -4.44
CA LEU A 12 5.63 2.29 -3.78
C LEU A 12 5.14 3.72 -3.98
N ALA A 13 4.33 3.91 -5.00
CA ALA A 13 3.83 5.23 -5.33
C ALA A 13 2.45 5.44 -4.72
N VAL A 14 2.29 6.57 -4.06
CA VAL A 14 1.01 6.90 -3.45
C VAL A 14 0.46 8.17 -4.09
N GLU A 15 -0.64 8.03 -4.78
CA GLU A 15 -1.25 9.15 -5.48
C GLU A 15 -2.57 9.52 -4.85
N VAL A 16 -2.90 10.79 -4.90
CA VAL A 16 -4.17 11.26 -4.41
C VAL A 16 -5.06 11.66 -5.58
N LYS A 17 -5.91 10.73 -5.99
CA LYS A 17 -6.74 10.91 -7.16
C LYS A 17 -8.03 11.61 -6.76
N GLN A 18 -8.29 12.76 -7.37
CA GLN A 18 -9.41 13.59 -6.99
C GLN A 18 -10.40 13.75 -8.14
N PRO A 19 -11.48 12.97 -8.12
CA PRO A 19 -12.57 13.09 -9.08
C PRO A 19 -13.42 14.33 -8.80
N GLU A 20 -14.08 14.84 -9.83
CA GLU A 20 -14.87 16.07 -9.70
C GLU A 20 -16.33 15.76 -9.37
N ASP A 21 -16.66 14.48 -9.35
CA ASP A 21 -18.02 14.06 -9.06
C ASP A 21 -18.03 12.93 -8.04
N ARG A 22 -17.02 12.07 -8.11
CA ARG A 22 -16.86 11.00 -7.14
C ARG A 22 -16.04 11.51 -5.95
N LYS A 23 -15.93 10.67 -4.92
CA LYS A 23 -15.14 11.00 -3.74
C LYS A 23 -13.66 10.75 -4.02
N PRO A 24 -12.79 11.68 -3.56
CA PRO A 24 -11.34 11.55 -3.73
C PRO A 24 -10.78 10.37 -2.94
N TYR A 25 -9.73 9.75 -3.46
CA TYR A 25 -9.18 8.55 -2.86
C TYR A 25 -7.68 8.45 -3.10
N LEU A 26 -7.01 7.70 -2.23
CA LEU A 26 -5.58 7.43 -2.42
C LEU A 26 -5.38 6.21 -3.30
N TRP A 27 -4.37 6.30 -4.12
CA TRP A 27 -4.00 5.21 -4.99
C TRP A 27 -2.61 4.72 -4.64
N ILE A 28 -2.54 3.61 -3.93
CA ILE A 28 -1.27 3.03 -3.52
C ILE A 28 -0.89 1.92 -4.49
N LYS A 29 0.22 2.08 -5.19
CA LYS A 29 0.66 1.08 -6.15
C LYS A 29 2.13 0.74 -5.95
N TRP A 30 2.41 -0.55 -5.91
CA TRP A 30 3.76 -1.05 -5.68
C TRP A 30 4.17 -1.97 -6.82
N SER A 31 5.47 -2.04 -7.09
CA SER A 31 5.97 -2.84 -8.20
C SER A 31 7.06 -3.81 -7.73
N PRO A 32 6.70 -4.93 -7.09
CA PRO A 32 7.67 -5.93 -6.65
C PRO A 32 8.46 -6.57 -7.81
N PRO A 33 7.80 -7.18 -8.83
CA PRO A 33 8.50 -7.84 -9.91
C PRO A 33 8.59 -6.95 -11.15
N THR A 34 9.45 -5.95 -11.08
CA THR A 34 9.57 -4.95 -12.14
C THR A 34 9.88 -5.58 -13.50
N LEU A 35 10.91 -6.40 -13.56
CA LEU A 35 11.33 -6.98 -14.83
C LEU A 35 11.14 -8.49 -14.84
N ILE A 36 10.16 -8.92 -14.08
CA ILE A 36 9.80 -10.31 -14.01
C ILE A 36 8.53 -10.57 -14.83
N ASP A 37 7.48 -9.79 -14.56
CA ASP A 37 6.20 -9.93 -15.27
C ASP A 37 5.67 -11.36 -15.18
N LEU A 38 6.00 -12.03 -14.08
CA LEU A 38 5.62 -13.42 -13.83
C LEU A 38 5.76 -14.30 -15.08
N LYS A 39 6.88 -14.18 -15.77
CA LYS A 39 7.12 -14.95 -16.99
C LYS A 39 7.40 -16.41 -16.68
N THR A 40 8.56 -16.67 -16.08
CA THR A 40 8.93 -18.03 -15.73
C THR A 40 8.32 -18.44 -14.38
N GLY A 41 7.02 -18.71 -14.41
CA GLY A 41 6.33 -19.09 -13.19
C GLY A 41 5.41 -17.98 -12.72
N TRP A 42 4.16 -18.05 -13.13
CA TRP A 42 3.19 -17.04 -12.74
C TRP A 42 2.43 -17.48 -11.49
N PHE A 43 2.10 -16.51 -10.65
CA PHE A 43 1.38 -16.77 -9.43
C PHE A 43 0.78 -15.47 -8.90
N THR A 44 -0.35 -15.57 -8.24
CA THR A 44 -0.99 -14.41 -7.66
C THR A 44 -0.52 -14.18 -6.23
N LEU A 45 0.32 -13.18 -6.08
CA LEU A 45 0.90 -12.86 -4.79
C LEU A 45 -0.04 -12.00 -3.97
N LEU A 46 -0.17 -12.31 -2.70
CA LEU A 46 -1.06 -11.57 -1.81
C LEU A 46 -0.29 -10.45 -1.10
N TYR A 47 -0.90 -9.28 -1.05
CA TYR A 47 -0.27 -8.10 -0.48
C TYR A 47 -1.09 -7.52 0.66
N GLU A 48 -0.42 -7.01 1.67
CA GLU A 48 -1.07 -6.37 2.80
C GLU A 48 -0.49 -4.96 2.97
N ILE A 49 -1.36 -3.99 3.25
CA ILE A 49 -0.95 -2.61 3.38
C ILE A 49 -1.27 -2.10 4.79
N ARG A 50 -0.25 -1.64 5.48
CA ARG A 50 -0.41 -1.10 6.81
C ARG A 50 -0.26 0.41 6.77
N LEU A 51 -1.27 1.12 7.24
CA LEU A 51 -1.26 2.57 7.17
C LEU A 51 -1.90 3.18 8.41
N LYS A 52 -1.62 4.45 8.65
CA LYS A 52 -2.24 5.18 9.74
C LYS A 52 -1.97 6.67 9.60
N PRO A 53 -2.91 7.51 10.05
CA PRO A 53 -2.68 8.95 10.15
C PRO A 53 -1.70 9.28 11.27
N GLU A 54 -1.13 10.47 11.19
CA GLU A 54 -0.09 10.90 12.14
C GLU A 54 -0.62 10.98 13.57
N LYS A 55 -1.93 11.07 13.71
CA LYS A 55 -2.55 11.18 15.03
C LYS A 55 -3.02 9.81 15.52
N ALA A 56 -2.63 8.77 14.81
CA ALA A 56 -2.98 7.41 15.18
C ALA A 56 -1.83 6.74 15.93
N ALA A 57 -2.14 6.14 17.06
CA ALA A 57 -1.15 5.43 17.86
C ALA A 57 -0.99 4.01 17.37
N GLU A 58 -2.10 3.41 16.97
CA GLU A 58 -2.11 2.07 16.45
C GLU A 58 -2.13 2.10 14.92
N TRP A 59 -1.72 1.01 14.30
CA TRP A 59 -1.65 0.94 12.86
C TRP A 59 -2.90 0.26 12.30
N GLU A 60 -3.31 0.71 11.13
CA GLU A 60 -4.50 0.20 10.48
C GLU A 60 -4.10 -0.71 9.32
N ILE A 61 -4.39 -1.99 9.47
CA ILE A 61 -4.02 -2.98 8.46
C ILE A 61 -5.14 -3.14 7.44
N HIS A 62 -4.77 -3.06 6.17
CA HIS A 62 -5.70 -3.29 5.07
C HIS A 62 -5.14 -4.35 4.13
N PHE A 63 -5.97 -5.30 3.75
CA PHE A 63 -5.53 -6.36 2.86
C PHE A 63 -6.05 -6.09 1.45
N ALA A 64 -5.17 -6.15 0.46
CA ALA A 64 -5.54 -5.86 -0.92
C ALA A 64 -5.92 -7.12 -1.67
N GLY A 65 -5.32 -8.23 -1.29
CA GLY A 65 -5.54 -9.47 -1.99
C GLY A 65 -4.42 -9.77 -2.95
N GLN A 66 -4.76 -10.15 -4.17
CA GLN A 66 -3.76 -10.51 -5.16
C GLN A 66 -3.63 -9.42 -6.23
N GLN A 67 -3.85 -8.19 -5.81
CA GLN A 67 -3.71 -7.04 -6.69
C GLN A 67 -2.58 -6.15 -6.17
N THR A 68 -1.93 -5.42 -7.08
CA THR A 68 -0.77 -4.63 -6.70
C THR A 68 -1.11 -3.14 -6.55
N GLU A 69 -2.38 -2.85 -6.33
CA GLU A 69 -2.80 -1.49 -6.06
C GLU A 69 -4.00 -1.49 -5.12
N PHE A 70 -3.99 -0.56 -4.18
CA PHE A 70 -5.06 -0.48 -3.20
C PHE A 70 -5.59 0.94 -3.13
N LYS A 71 -6.86 1.09 -2.79
CA LYS A 71 -7.48 2.40 -2.69
C LYS A 71 -7.84 2.71 -1.23
N ILE A 72 -7.74 3.98 -0.86
CA ILE A 72 -8.20 4.42 0.45
C ILE A 72 -9.18 5.56 0.28
N LEU A 73 -10.31 5.48 0.98
CA LEU A 73 -11.34 6.49 0.88
C LEU A 73 -11.36 7.39 2.13
N SER A 74 -10.73 6.92 3.19
CA SER A 74 -10.79 7.60 4.48
C SER A 74 -9.57 8.51 4.69
N LEU A 75 -9.50 9.59 3.92
CA LEU A 75 -8.41 10.56 4.09
C LEU A 75 -8.97 11.90 4.53
N HIS A 76 -8.10 12.72 5.11
CA HIS A 76 -8.48 14.05 5.55
C HIS A 76 -7.56 15.11 4.97
N PRO A 77 -8.12 16.24 4.48
CA PRO A 77 -7.32 17.33 3.90
C PRO A 77 -6.37 17.95 4.92
N GLY A 78 -5.08 17.93 4.61
CA GLY A 78 -4.10 18.47 5.52
C GLY A 78 -3.68 17.47 6.57
N GLN A 79 -3.57 16.21 6.16
CA GLN A 79 -3.22 15.14 7.07
C GLN A 79 -2.13 14.27 6.47
N LYS A 80 -1.24 13.78 7.31
CA LYS A 80 -0.19 12.88 6.87
C LYS A 80 -0.53 11.45 7.22
N TYR A 81 -0.37 10.56 6.26
CA TYR A 81 -0.58 9.14 6.47
C TYR A 81 0.71 8.39 6.17
N LEU A 82 0.99 7.37 6.95
CA LEU A 82 2.13 6.50 6.68
C LEU A 82 1.64 5.20 6.09
N VAL A 83 2.19 4.81 4.95
CA VAL A 83 1.74 3.61 4.26
C VAL A 83 2.89 2.61 4.07
N GLN A 84 2.57 1.34 4.22
CA GLN A 84 3.53 0.26 4.06
C GLN A 84 2.89 -0.92 3.36
N VAL A 85 3.65 -1.59 2.49
CA VAL A 85 3.17 -2.80 1.84
C VAL A 85 4.27 -3.84 1.80
N ARG A 86 3.91 -5.10 2.04
CA ARG A 86 4.87 -6.18 1.99
C ARG A 86 4.20 -7.44 1.47
N CYS A 87 4.92 -8.20 0.67
CA CYS A 87 4.38 -9.39 0.03
C CYS A 87 4.94 -10.66 0.66
N LYS A 88 4.28 -11.79 0.41
CA LYS A 88 4.71 -13.05 1.00
C LYS A 88 4.43 -14.23 0.07
N PRO A 89 5.38 -14.54 -0.81
CA PRO A 89 5.29 -15.68 -1.72
C PRO A 89 5.79 -16.96 -1.06
N ASP A 90 6.09 -17.97 -1.86
CA ASP A 90 6.65 -19.21 -1.34
C ASP A 90 8.13 -19.03 -1.05
N HIS A 91 8.73 -18.02 -1.68
CA HIS A 91 10.16 -17.77 -1.54
C HIS A 91 10.49 -17.14 -0.19
N GLY A 92 9.55 -16.37 0.37
CA GLY A 92 9.82 -15.70 1.63
C GLY A 92 8.56 -15.21 2.32
N TYR A 93 8.69 -14.89 3.60
CA TYR A 93 7.57 -14.42 4.40
C TYR A 93 8.02 -13.23 5.26
N TRP A 94 7.13 -12.71 6.10
CA TRP A 94 7.45 -11.57 6.92
C TRP A 94 6.66 -11.57 8.22
N SER A 95 7.27 -11.04 9.27
CA SER A 95 6.63 -10.97 10.57
C SER A 95 6.56 -9.51 11.04
N ALA A 96 7.14 -8.63 10.24
CA ALA A 96 7.23 -7.22 10.58
C ALA A 96 7.21 -6.35 9.33
N TRP A 97 7.13 -5.04 9.53
CA TRP A 97 7.11 -4.09 8.43
C TRP A 97 8.42 -3.29 8.44
N SER A 98 8.72 -2.61 7.33
CA SER A 98 9.97 -1.89 7.22
C SER A 98 9.80 -0.53 6.49
N PRO A 99 9.26 -0.51 5.25
CA PRO A 99 9.24 0.70 4.44
C PRO A 99 8.03 1.59 4.69
N ALA A 100 8.14 2.49 5.64
CA ALA A 100 7.06 3.42 5.97
C ALA A 100 7.11 4.64 5.06
N THR A 101 6.19 4.70 4.12
CA THR A 101 6.16 5.78 3.14
C THR A 101 5.27 6.92 3.63
N PHE A 102 5.74 8.15 3.46
CA PHE A 102 5.03 9.33 3.93
C PHE A 102 4.21 9.94 2.80
N ILE A 103 2.91 10.08 3.02
CA ILE A 103 2.04 10.72 2.05
C ILE A 103 1.25 11.85 2.70
N GLN A 104 1.29 13.01 2.06
CA GLN A 104 0.56 14.17 2.54
C GLN A 104 -0.72 14.35 1.74
N ILE A 105 -1.82 14.57 2.42
CA ILE A 105 -3.10 14.80 1.77
C ILE A 105 -3.34 16.29 1.60
N PRO A 106 -3.41 16.76 0.35
CA PRO A 106 -3.59 18.18 0.03
C PRO A 106 -4.90 18.73 0.58
N SER A 107 -4.93 20.04 0.80
CA SER A 107 -6.11 20.73 1.31
C SER A 107 -7.21 20.75 0.25
N ASP A 108 -6.82 20.51 -1.00
CA ASP A 108 -7.77 20.47 -2.10
C ASP A 108 -8.46 19.11 -2.18
N PHE A 109 -8.12 18.22 -1.25
CA PHE A 109 -8.72 16.89 -1.19
C PHE A 109 -10.23 17.00 -1.07
N THR A 110 -10.68 17.79 -0.11
CA THR A 110 -12.09 18.04 0.08
C THR A 110 -12.29 19.39 0.76
N MET A 111 -13.23 20.16 0.24
CA MET A 111 -13.57 21.45 0.81
C MET A 111 -15.00 21.44 1.33
N ASN A 112 -15.78 20.47 0.85
CA ASN A 112 -17.15 20.29 1.34
C ASN A 112 -17.15 19.63 2.70
N ASP A 113 -18.08 20.04 3.54
CA ASP A 113 -18.22 19.51 4.91
C ASP A 113 -16.96 19.81 5.73
N MET A 1 16.47 -22.82 4.53
CA MET A 1 15.06 -22.37 4.70
C MET A 1 15.03 -21.08 5.50
N TYR A 2 14.73 -19.97 4.84
CA TYR A 2 14.70 -18.67 5.48
C TYR A 2 13.60 -17.82 4.88
N ILE A 3 12.98 -17.00 5.72
CA ILE A 3 11.96 -16.05 5.28
C ILE A 3 12.57 -15.01 4.35
N VAL A 4 12.53 -15.31 3.06
CA VAL A 4 13.09 -14.41 2.06
C VAL A 4 12.37 -14.57 0.73
N GLN A 5 12.21 -13.48 0.00
CA GLN A 5 11.56 -13.50 -1.29
C GLN A 5 12.60 -13.54 -2.41
N PRO A 6 12.22 -14.05 -3.59
CA PRO A 6 13.07 -13.99 -4.78
C PRO A 6 13.38 -12.55 -5.14
N ASP A 7 12.36 -11.69 -5.06
CA ASP A 7 12.52 -10.28 -5.33
C ASP A 7 11.52 -9.47 -4.50
N PRO A 8 12.00 -8.46 -3.76
CA PRO A 8 11.13 -7.55 -3.02
C PRO A 8 10.49 -6.50 -3.93
N PRO A 9 9.24 -6.09 -3.62
CA PRO A 9 8.53 -5.07 -4.40
C PRO A 9 9.11 -3.67 -4.17
N LEU A 10 9.13 -2.85 -5.21
CA LEU A 10 9.73 -1.53 -5.13
C LEU A 10 8.84 -0.46 -5.76
N GLU A 11 9.34 0.78 -5.75
CA GLU A 11 8.64 1.92 -6.35
C GLU A 11 7.24 2.09 -5.77
N LEU A 12 7.17 2.28 -4.46
CA LEU A 12 5.91 2.54 -3.81
C LEU A 12 5.48 3.98 -4.07
N ALA A 13 4.64 4.16 -5.09
CA ALA A 13 4.16 5.47 -5.45
C ALA A 13 2.83 5.74 -4.77
N VAL A 14 2.73 6.88 -4.11
CA VAL A 14 1.53 7.22 -3.39
C VAL A 14 1.02 8.59 -3.85
N GLU A 15 -0.20 8.61 -4.33
CA GLU A 15 -0.81 9.85 -4.79
C GLU A 15 -2.25 9.91 -4.35
N VAL A 16 -2.77 11.10 -4.24
CA VAL A 16 -4.13 11.30 -3.77
C VAL A 16 -5.05 11.55 -4.97
N LYS A 17 -5.65 10.47 -5.45
CA LYS A 17 -6.50 10.51 -6.63
C LYS A 17 -7.88 11.06 -6.27
N GLN A 18 -8.14 12.28 -6.72
CA GLN A 18 -9.42 12.94 -6.47
C GLN A 18 -10.25 12.96 -7.73
N PRO A 19 -11.20 12.02 -7.89
CA PRO A 19 -12.02 11.91 -9.09
C PRO A 19 -13.02 13.05 -9.24
N GLU A 20 -13.55 13.18 -10.44
CA GLU A 20 -14.56 14.19 -10.74
C GLU A 20 -15.94 13.55 -10.78
N ASP A 21 -16.03 12.38 -10.16
CA ASP A 21 -17.26 11.60 -10.17
C ASP A 21 -17.40 10.83 -8.86
N ARG A 22 -16.39 10.03 -8.54
CA ARG A 22 -16.40 9.26 -7.30
C ARG A 22 -15.71 10.02 -6.18
N LYS A 23 -15.85 9.53 -4.96
CA LYS A 23 -15.23 10.14 -3.79
C LYS A 23 -13.71 10.11 -3.89
N PRO A 24 -13.05 11.18 -3.40
CA PRO A 24 -11.58 11.27 -3.40
C PRO A 24 -10.93 10.20 -2.53
N TYR A 25 -9.90 9.57 -3.05
CA TYR A 25 -9.25 8.48 -2.36
C TYR A 25 -7.73 8.56 -2.50
N LEU A 26 -7.03 7.89 -1.62
CA LEU A 26 -5.58 7.82 -1.69
C LEU A 26 -5.18 6.60 -2.50
N TRP A 27 -4.41 6.83 -3.55
CA TRP A 27 -4.06 5.77 -4.48
C TRP A 27 -2.63 5.29 -4.21
N ILE A 28 -2.52 4.14 -3.57
CA ILE A 28 -1.22 3.55 -3.28
C ILE A 28 -0.89 2.53 -4.37
N LYS A 29 0.13 2.80 -5.16
CA LYS A 29 0.47 1.93 -6.26
C LYS A 29 1.95 1.58 -6.24
N TRP A 30 2.24 0.31 -6.12
CA TRP A 30 3.60 -0.18 -6.04
C TRP A 30 3.95 -0.92 -7.32
N SER A 31 5.24 -1.13 -7.55
CA SER A 31 5.69 -1.80 -8.75
C SER A 31 6.08 -3.24 -8.44
N PRO A 32 5.44 -4.21 -9.12
CA PRO A 32 5.73 -5.64 -8.97
C PRO A 32 7.22 -5.94 -9.05
N PRO A 33 7.73 -6.81 -8.17
CA PRO A 33 9.15 -7.16 -8.11
C PRO A 33 9.67 -7.72 -9.43
N THR A 34 10.96 -7.55 -9.69
CA THR A 34 11.56 -7.96 -10.95
C THR A 34 11.29 -9.44 -11.23
N LEU A 35 11.86 -10.33 -10.42
CA LEU A 35 11.67 -11.76 -10.62
C LEU A 35 10.86 -12.36 -9.47
N ILE A 36 9.59 -12.59 -9.73
CA ILE A 36 8.75 -13.26 -8.76
C ILE A 36 8.68 -14.73 -9.09
N ASP A 37 9.63 -15.43 -8.57
CA ASP A 37 9.67 -16.88 -8.69
C ASP A 37 8.55 -17.51 -7.87
N LEU A 38 7.37 -17.59 -8.46
CA LEU A 38 6.23 -18.21 -7.81
C LEU A 38 5.60 -19.24 -8.75
N LYS A 39 4.95 -20.23 -8.17
CA LYS A 39 4.30 -21.27 -8.96
C LYS A 39 3.05 -20.73 -9.62
N THR A 40 3.11 -20.65 -10.93
CA THR A 40 2.03 -20.05 -11.71
C THR A 40 0.83 -21.00 -11.78
N GLY A 41 -0.35 -20.46 -11.54
CA GLY A 41 -1.55 -21.27 -11.57
C GLY A 41 -1.86 -21.88 -10.23
N TRP A 42 -0.87 -21.91 -9.34
CA TRP A 42 -1.06 -22.50 -8.02
C TRP A 42 -1.38 -21.41 -7.01
N PHE A 43 -0.61 -20.34 -7.02
CA PHE A 43 -0.86 -19.22 -6.12
C PHE A 43 -0.38 -17.92 -6.72
N THR A 44 -0.85 -16.81 -6.18
CA THR A 44 -0.46 -15.49 -6.66
C THR A 44 0.14 -14.68 -5.51
N LEU A 45 1.04 -13.76 -5.83
CA LEU A 45 1.65 -12.91 -4.84
C LEU A 45 0.71 -11.78 -4.46
N LEU A 46 0.20 -11.84 -3.24
CA LEU A 46 -0.76 -10.86 -2.76
C LEU A 46 -0.08 -9.83 -1.86
N TYR A 47 -0.60 -8.62 -1.86
CA TYR A 47 0.00 -7.53 -1.10
C TYR A 47 -0.93 -7.04 0.00
N GLU A 48 -0.34 -6.65 1.13
CA GLU A 48 -1.07 -6.08 2.24
C GLU A 48 -0.52 -4.69 2.55
N ILE A 49 -1.39 -3.76 2.88
CA ILE A 49 -0.99 -2.37 3.10
C ILE A 49 -1.26 -1.95 4.54
N ARG A 50 -0.23 -1.47 5.20
CA ARG A 50 -0.35 -0.97 6.56
C ARG A 50 -0.19 0.55 6.54
N LEU A 51 -1.21 1.26 6.99
CA LEU A 51 -1.19 2.72 6.93
C LEU A 51 -1.90 3.33 8.13
N LYS A 52 -1.62 4.61 8.37
CA LYS A 52 -2.29 5.36 9.42
C LYS A 52 -1.89 6.84 9.33
N PRO A 53 -2.80 7.75 9.68
CA PRO A 53 -2.46 9.17 9.82
C PRO A 53 -1.59 9.40 11.05
N GLU A 54 -0.97 10.57 11.11
CA GLU A 54 -0.10 10.91 12.23
C GLU A 54 -0.87 11.00 13.54
N LYS A 55 -2.17 11.24 13.46
CA LYS A 55 -3.00 11.36 14.65
C LYS A 55 -3.41 9.97 15.15
N ALA A 56 -3.20 8.98 14.31
CA ALA A 56 -3.57 7.61 14.63
C ALA A 56 -2.48 6.94 15.46
N ALA A 57 -2.88 6.34 16.56
CA ALA A 57 -1.96 5.63 17.43
C ALA A 57 -1.83 4.18 16.98
N GLU A 58 -2.87 3.69 16.34
CA GLU A 58 -2.93 2.30 15.90
C GLU A 58 -2.76 2.22 14.39
N TRP A 59 -2.11 1.17 13.94
CA TRP A 59 -1.87 0.96 12.52
C TRP A 59 -3.05 0.25 11.87
N GLU A 60 -3.46 0.75 10.72
CA GLU A 60 -4.53 0.15 9.95
C GLU A 60 -3.97 -0.82 8.92
N ILE A 61 -4.54 -2.01 8.89
CA ILE A 61 -4.11 -3.03 7.96
C ILE A 61 -5.20 -3.27 6.92
N HIS A 62 -4.85 -3.10 5.66
CA HIS A 62 -5.80 -3.30 4.57
C HIS A 62 -5.18 -4.20 3.50
N PHE A 63 -5.73 -5.38 3.34
CA PHE A 63 -5.25 -6.32 2.34
C PHE A 63 -5.78 -5.94 0.96
N ALA A 64 -4.90 -5.93 -0.03
CA ALA A 64 -5.28 -5.52 -1.38
C ALA A 64 -5.53 -6.71 -2.28
N GLY A 65 -4.60 -7.63 -2.29
CA GLY A 65 -4.66 -8.76 -3.20
C GLY A 65 -3.57 -8.68 -4.23
N GLN A 66 -3.90 -8.97 -5.48
CA GLN A 66 -2.90 -8.97 -6.55
C GLN A 66 -3.14 -7.82 -7.53
N GLN A 67 -3.97 -6.87 -7.11
CA GLN A 67 -4.31 -5.70 -7.93
C GLN A 67 -3.13 -4.76 -8.08
N THR A 68 -2.23 -4.85 -7.14
CA THR A 68 -1.00 -4.07 -7.09
C THR A 68 -1.25 -2.56 -6.95
N GLU A 69 -2.48 -2.21 -6.58
CA GLU A 69 -2.81 -0.83 -6.24
C GLU A 69 -3.97 -0.82 -5.27
N PHE A 70 -3.88 0.02 -4.24
CA PHE A 70 -4.91 0.06 -3.23
C PHE A 70 -5.45 1.48 -3.06
N LYS A 71 -6.71 1.59 -2.65
CA LYS A 71 -7.37 2.87 -2.56
C LYS A 71 -7.93 3.08 -1.15
N ILE A 72 -7.41 4.06 -0.45
CA ILE A 72 -7.93 4.42 0.88
C ILE A 72 -8.96 5.51 0.74
N LEU A 73 -10.05 5.41 1.49
CA LEU A 73 -11.14 6.38 1.40
C LEU A 73 -11.06 7.38 2.55
N SER A 74 -10.60 6.92 3.71
CA SER A 74 -10.60 7.74 4.91
C SER A 74 -9.32 8.58 5.01
N LEU A 75 -9.29 9.71 4.31
CA LEU A 75 -8.16 10.63 4.40
C LEU A 75 -8.59 11.95 5.03
N HIS A 76 -7.76 12.47 5.92
CA HIS A 76 -8.00 13.76 6.54
C HIS A 76 -7.17 14.83 5.85
N PRO A 77 -7.80 15.92 5.38
CA PRO A 77 -7.11 17.00 4.68
C PRO A 77 -6.11 17.73 5.59
N GLY A 78 -4.86 17.79 5.14
CA GLY A 78 -3.84 18.48 5.90
C GLY A 78 -3.18 17.58 6.93
N GLN A 79 -3.18 16.29 6.66
CA GLN A 79 -2.59 15.33 7.58
C GLN A 79 -1.54 14.46 6.90
N LYS A 80 -0.59 13.99 7.70
CA LYS A 80 0.45 13.09 7.24
C LYS A 80 0.01 11.64 7.43
N TYR A 81 0.13 10.85 6.38
CA TYR A 81 -0.19 9.44 6.44
C TYR A 81 1.05 8.60 6.17
N LEU A 82 1.21 7.55 6.94
CA LEU A 82 2.30 6.60 6.71
C LEU A 82 1.74 5.37 6.03
N VAL A 83 2.35 4.96 4.94
CA VAL A 83 1.87 3.80 4.19
C VAL A 83 3.00 2.81 3.93
N GLN A 84 2.66 1.53 4.05
CA GLN A 84 3.61 0.45 3.79
C GLN A 84 2.93 -0.68 3.05
N VAL A 85 3.58 -1.23 2.04
CA VAL A 85 3.07 -2.38 1.33
C VAL A 85 4.03 -3.55 1.44
N ARG A 86 3.50 -4.74 1.69
CA ARG A 86 4.31 -5.95 1.77
C ARG A 86 3.61 -7.10 1.06
N CYS A 87 4.39 -8.08 0.65
CA CYS A 87 3.86 -9.26 -0.03
C CYS A 87 4.53 -10.50 0.54
N LYS A 88 4.09 -11.67 0.11
CA LYS A 88 4.66 -12.91 0.62
C LYS A 88 4.33 -14.10 -0.26
N PRO A 89 5.35 -14.91 -0.58
CA PRO A 89 5.18 -16.21 -1.20
C PRO A 89 4.92 -17.28 -0.15
N ASP A 90 5.07 -18.55 -0.51
CA ASP A 90 4.84 -19.62 0.45
C ASP A 90 6.13 -19.98 1.18
N HIS A 91 7.26 -19.84 0.47
CA HIS A 91 8.56 -20.16 1.04
C HIS A 91 8.88 -19.27 2.23
N GLY A 92 8.53 -18.00 2.13
CA GLY A 92 8.83 -17.06 3.19
C GLY A 92 7.58 -16.47 3.81
N TYR A 93 7.22 -16.96 5.00
CA TYR A 93 6.08 -16.44 5.73
C TYR A 93 6.47 -15.16 6.45
N TRP A 94 6.00 -14.04 5.96
CA TRP A 94 6.40 -12.74 6.46
C TRP A 94 5.89 -12.49 7.88
N SER A 95 6.53 -11.57 8.58
CA SER A 95 6.12 -11.18 9.92
C SER A 95 6.58 -9.75 10.22
N ALA A 96 6.91 -8.99 9.18
CA ALA A 96 7.50 -7.67 9.37
C ALA A 96 7.20 -6.73 8.21
N TRP A 97 7.36 -5.44 8.48
CA TRP A 97 7.17 -4.39 7.48
C TRP A 97 8.49 -3.62 7.32
N SER A 98 8.55 -2.72 6.35
CA SER A 98 9.77 -1.95 6.13
C SER A 98 9.51 -0.55 5.51
N PRO A 99 8.97 -0.47 4.27
CA PRO A 99 8.92 0.81 3.52
C PRO A 99 7.86 1.79 4.03
N ALA A 100 8.17 2.49 5.11
CA ALA A 100 7.25 3.48 5.65
C ALA A 100 7.31 4.77 4.84
N THR A 101 6.33 4.93 3.97
CA THR A 101 6.29 6.07 3.08
C THR A 101 5.45 7.19 3.67
N PHE A 102 5.93 8.42 3.51
CA PHE A 102 5.25 9.59 4.05
C PHE A 102 4.47 10.30 2.96
N ILE A 103 3.16 10.34 3.11
CA ILE A 103 2.30 11.01 2.14
C ILE A 103 1.45 12.06 2.84
N GLN A 104 1.33 13.23 2.21
CA GLN A 104 0.56 14.32 2.76
C GLN A 104 -0.76 14.46 2.02
N ILE A 105 -1.85 14.50 2.76
CA ILE A 105 -3.16 14.69 2.17
C ILE A 105 -3.45 16.18 2.03
N PRO A 106 -3.76 16.65 0.81
CA PRO A 106 -4.00 18.07 0.53
C PRO A 106 -5.19 18.62 1.30
N SER A 107 -5.14 19.92 1.60
CA SER A 107 -6.19 20.58 2.34
C SER A 107 -7.47 20.67 1.53
N ASP A 108 -7.32 20.73 0.21
CA ASP A 108 -8.46 20.80 -0.69
C ASP A 108 -8.86 19.39 -1.13
N PHE A 109 -8.79 18.46 -0.18
CA PHE A 109 -9.16 17.07 -0.43
C PHE A 109 -10.68 16.91 -0.50
N THR A 110 -11.39 17.70 0.30
CA THR A 110 -12.83 17.61 0.37
C THR A 110 -13.47 18.22 -0.89
N MET A 111 -14.66 17.72 -1.22
CA MET A 111 -15.36 18.16 -2.42
C MET A 111 -15.86 19.59 -2.25
N ASN A 112 -15.58 20.43 -3.22
CA ASN A 112 -15.97 21.83 -3.15
C ASN A 112 -17.28 22.06 -3.88
N ASP A 113 -17.77 21.02 -4.50
CA ASP A 113 -19.02 21.06 -5.24
C ASP A 113 -19.79 19.76 -5.04
#